data_6Q76
# 
_entry.id   6Q76 
# 
_audit_conform.dict_name       mmcif_pdbx.dic 
_audit_conform.dict_version    5.399 
_audit_conform.dict_location   http://mmcif.pdb.org/dictionaries/ascii/mmcif_pdbx.dic 
# 
loop_
_database_2.database_id 
_database_2.database_code 
_database_2.pdbx_database_accession 
_database_2.pdbx_DOI 
PDB   6Q76         pdb_00006q76 10.2210/pdb6q76/pdb 
WWPDB D_1200013396 ?            ?                   
# 
loop_
_pdbx_audit_revision_history.ordinal 
_pdbx_audit_revision_history.data_content_type 
_pdbx_audit_revision_history.major_revision 
_pdbx_audit_revision_history.minor_revision 
_pdbx_audit_revision_history.revision_date 
1 'Structure model' 1 0 2019-07-10 
2 'Structure model' 1 1 2019-08-28 
3 'Structure model' 1 2 2019-09-11 
4 'Structure model' 1 3 2024-01-24 
5 'Structure model' 1 4 2024-11-20 
# 
_pdbx_audit_revision_details.ordinal             1 
_pdbx_audit_revision_details.revision_ordinal    1 
_pdbx_audit_revision_details.data_content_type   'Structure model' 
_pdbx_audit_revision_details.provider            repository 
_pdbx_audit_revision_details.type                'Initial release' 
_pdbx_audit_revision_details.description         ? 
_pdbx_audit_revision_details.details             ? 
# 
loop_
_pdbx_audit_revision_group.ordinal 
_pdbx_audit_revision_group.revision_ordinal 
_pdbx_audit_revision_group.data_content_type 
_pdbx_audit_revision_group.group 
1 2 'Structure model' 'Data collection'        
2 2 'Structure model' 'Database references'    
3 3 'Structure model' 'Data collection'        
4 3 'Structure model' 'Database references'    
5 4 'Structure model' 'Data collection'        
6 4 'Structure model' 'Database references'    
7 4 'Structure model' 'Refinement description' 
8 5 'Structure model' 'Structure summary'      
# 
loop_
_pdbx_audit_revision_category.ordinal 
_pdbx_audit_revision_category.revision_ordinal 
_pdbx_audit_revision_category.data_content_type 
_pdbx_audit_revision_category.category 
1  2 'Structure model' citation                      
2  2 'Structure model' citation_author               
3  3 'Structure model' citation                      
4  3 'Structure model' citation_author               
5  4 'Structure model' chem_comp_atom                
6  4 'Structure model' chem_comp_bond                
7  4 'Structure model' database_2                    
8  4 'Structure model' pdbx_initial_refinement_model 
9  5 'Structure model' pdbx_entry_details            
10 5 'Structure model' pdbx_modification_feature     
# 
loop_
_pdbx_audit_revision_item.ordinal 
_pdbx_audit_revision_item.revision_ordinal 
_pdbx_audit_revision_item.data_content_type 
_pdbx_audit_revision_item.item 
1  2 'Structure model' '_citation.country'                   
2  2 'Structure model' '_citation.journal_abbrev'            
3  2 'Structure model' '_citation.journal_id_ASTM'           
4  2 'Structure model' '_citation.journal_id_CSD'            
5  2 'Structure model' '_citation.journal_id_ISSN'           
6  2 'Structure model' '_citation.pdbx_database_id_DOI'      
7  2 'Structure model' '_citation.pdbx_database_id_PubMed'   
8  2 'Structure model' '_citation.title'                     
9  2 'Structure model' '_citation.year'                      
10 3 'Structure model' '_citation.journal_volume'            
11 3 'Structure model' '_citation.page_first'                
12 3 'Structure model' '_citation.page_last'                 
13 3 'Structure model' '_citation.title'                     
14 3 'Structure model' '_citation_author.identifier_ORCID'   
15 4 'Structure model' '_database_2.pdbx_DOI'                
16 4 'Structure model' '_database_2.pdbx_database_accession' 
# 
_pdbx_database_status.status_code                     REL 
_pdbx_database_status.status_code_sf                  REL 
_pdbx_database_status.status_code_mr                  ? 
_pdbx_database_status.entry_id                        6Q76 
_pdbx_database_status.recvd_initial_deposition_date   2018-12-12 
_pdbx_database_status.SG_entry                        N 
_pdbx_database_status.deposit_site                    PDBE 
_pdbx_database_status.process_site                    PDBE 
_pdbx_database_status.status_code_cs                  ? 
_pdbx_database_status.methods_development_category    ? 
_pdbx_database_status.pdb_format_compatible           Y 
_pdbx_database_status.status_code_nmr_data            ? 
# 
loop_
_audit_author.name 
_audit_author.pdbx_ordinal 
_audit_author.identifier_ORCID 
'Varden, F.A.'   1 ? 
'Banfield, M.J.' 2 ? 
# 
_citation.abstract                  ? 
_citation.abstract_id_CAS           ? 
_citation.book_id_ISBN              ? 
_citation.book_publisher            ? 
_citation.book_publisher_city       ? 
_citation.book_title                ? 
_citation.coordinate_linkage        ? 
_citation.country                   US 
_citation.database_id_Medline       ? 
_citation.details                   ? 
_citation.id                        primary 
_citation.journal_abbrev            J.Biol.Chem. 
_citation.journal_id_ASTM           JBCHA3 
_citation.journal_id_CSD            0071 
_citation.journal_id_ISSN           1083-351X 
_citation.journal_full              ? 
_citation.journal_issue             ? 
_citation.journal_volume            294 
_citation.language                  ? 
_citation.page_first                13006 
_citation.page_last                 13016 
_citation.title                     
;Cross-reactivity of a rice NLR immune receptor to distinct effectors from the rice blast pathogenMagnaporthe oryzaeprovides partial disease resistance.
;
_citation.year                      2019 
_citation.database_id_CSD           ? 
_citation.pdbx_database_id_DOI      10.1074/jbc.RA119.007730 
_citation.pdbx_database_id_PubMed   31296569 
_citation.unpublished_flag          ? 
# 
loop_
_citation_author.citation_id 
_citation_author.name 
_citation_author.ordinal 
_citation_author.identifier_ORCID 
primary 'Varden, F.A.'      1 ? 
primary 'Saitoh, H.'        2 ? 
primary 'Yoshino, K.'       3 ? 
primary 'Franceschetti, M.' 4 ? 
primary 'Kamoun, S.'        5 ? 
primary 'Terauchi, R.'      6 ? 
primary 'Banfield, M.J.'    7 ? 
# 
loop_
_entity.id 
_entity.type 
_entity.src_method 
_entity.pdbx_description 
_entity.formula_weight 
_entity.pdbx_number_of_molecules 
_entity.pdbx_ec 
_entity.pdbx_mutation 
_entity.pdbx_fragment 
_entity.details 
1 polymer man 'Resistance protein Pikp-1' 7861.272 1  ? ? ? ? 
2 polymer man 'AVR-Pia protein'           7545.610 1  ? ? ? ? 
3 water   nat water                       18.015   89 ? ? ? ? 
# 
loop_
_entity_poly.entity_id 
_entity_poly.type 
_entity_poly.nstd_linkage 
_entity_poly.nstd_monomer 
_entity_poly.pdbx_seq_one_letter_code 
_entity_poly.pdbx_seq_one_letter_code_can 
_entity_poly.pdbx_strand_id 
_entity_poly.pdbx_target_identifier 
1 'polypeptide(L)' no no GLKQKIVIKVAMEGNNCRSKAMALVASTGGVDSVALVGDLRDKIEVVGYGIDPIKLISALRKKVGDAELLQVSQA 
GLKQKIVIKVAMEGNNCRSKAMALVASTGGVDSVALVGDLRDKIEVVGYGIDPIKLISALRKKVGDAELLQVSQA A ? 
2 'polypeptide(L)' no no GPAPARFCVYYDGHLPATRVLLMYVRIGTTATITARGHEFEVEAKDQNCKVILTNGKQAPDWLAAEPY        
GPAPARFCVYYDGHLPATRVLLMYVRIGTTATITARGHEFEVEAKDQNCKVILTNGKQAPDWLAAEPY        B ? 
# 
_pdbx_entity_nonpoly.entity_id   3 
_pdbx_entity_nonpoly.name        water 
_pdbx_entity_nonpoly.comp_id     HOH 
# 
loop_
_entity_poly_seq.entity_id 
_entity_poly_seq.num 
_entity_poly_seq.mon_id 
_entity_poly_seq.hetero 
1 1  GLY n 
1 2  LEU n 
1 3  LYS n 
1 4  GLN n 
1 5  LYS n 
1 6  ILE n 
1 7  VAL n 
1 8  ILE n 
1 9  LYS n 
1 10 VAL n 
1 11 ALA n 
1 12 MET n 
1 13 GLU n 
1 14 GLY n 
1 15 ASN n 
1 16 ASN n 
1 17 CYS n 
1 18 ARG n 
1 19 SER n 
1 20 LYS n 
1 21 ALA n 
1 22 MET n 
1 23 ALA n 
1 24 LEU n 
1 25 VAL n 
1 26 ALA n 
1 27 SER n 
1 28 THR n 
1 29 GLY n 
1 30 GLY n 
1 31 VAL n 
1 32 ASP n 
1 33 SER n 
1 34 VAL n 
1 35 ALA n 
1 36 LEU n 
1 37 VAL n 
1 38 GLY n 
1 39 ASP n 
1 40 LEU n 
1 41 ARG n 
1 42 ASP n 
1 43 LYS n 
1 44 ILE n 
1 45 GLU n 
1 46 VAL n 
1 47 VAL n 
1 48 GLY n 
1 49 TYR n 
1 50 GLY n 
1 51 ILE n 
1 52 ASP n 
1 53 PRO n 
1 54 ILE n 
1 55 LYS n 
1 56 LEU n 
1 57 ILE n 
1 58 SER n 
1 59 ALA n 
1 60 LEU n 
1 61 ARG n 
1 62 LYS n 
1 63 LYS n 
1 64 VAL n 
1 65 GLY n 
1 66 ASP n 
1 67 ALA n 
1 68 GLU n 
1 69 LEU n 
1 70 LEU n 
1 71 GLN n 
1 72 VAL n 
1 73 SER n 
1 74 GLN n 
1 75 ALA n 
2 1  GLY n 
2 2  PRO n 
2 3  ALA n 
2 4  PRO n 
2 5  ALA n 
2 6  ARG n 
2 7  PHE n 
2 8  CYS n 
2 9  VAL n 
2 10 TYR n 
2 11 TYR n 
2 12 ASP n 
2 13 GLY n 
2 14 HIS n 
2 15 LEU n 
2 16 PRO n 
2 17 ALA n 
2 18 THR n 
2 19 ARG n 
2 20 VAL n 
2 21 LEU n 
2 22 LEU n 
2 23 MET n 
2 24 TYR n 
2 25 VAL n 
2 26 ARG n 
2 27 ILE n 
2 28 GLY n 
2 29 THR n 
2 30 THR n 
2 31 ALA n 
2 32 THR n 
2 33 ILE n 
2 34 THR n 
2 35 ALA n 
2 36 ARG n 
2 37 GLY n 
2 38 HIS n 
2 39 GLU n 
2 40 PHE n 
2 41 GLU n 
2 42 VAL n 
2 43 GLU n 
2 44 ALA n 
2 45 LYS n 
2 46 ASP n 
2 47 GLN n 
2 48 ASN n 
2 49 CYS n 
2 50 LYS n 
2 51 VAL n 
2 52 ILE n 
2 53 LEU n 
2 54 THR n 
2 55 ASN n 
2 56 GLY n 
2 57 LYS n 
2 58 GLN n 
2 59 ALA n 
2 60 PRO n 
2 61 ASP n 
2 62 TRP n 
2 63 LEU n 
2 64 ALA n 
2 65 ALA n 
2 66 GLU n 
2 67 PRO n 
2 68 TYR n 
# 
loop_
_entity_src_gen.entity_id 
_entity_src_gen.pdbx_src_id 
_entity_src_gen.pdbx_alt_source_flag 
_entity_src_gen.pdbx_seq_type 
_entity_src_gen.pdbx_beg_seq_num 
_entity_src_gen.pdbx_end_seq_num 
_entity_src_gen.gene_src_common_name 
_entity_src_gen.gene_src_genus 
_entity_src_gen.pdbx_gene_src_gene 
_entity_src_gen.gene_src_species 
_entity_src_gen.gene_src_strain 
_entity_src_gen.gene_src_tissue 
_entity_src_gen.gene_src_tissue_fraction 
_entity_src_gen.gene_src_details 
_entity_src_gen.pdbx_gene_src_fragment 
_entity_src_gen.pdbx_gene_src_scientific_name 
_entity_src_gen.pdbx_gene_src_ncbi_taxonomy_id 
_entity_src_gen.pdbx_gene_src_variant 
_entity_src_gen.pdbx_gene_src_cell_line 
_entity_src_gen.pdbx_gene_src_atcc 
_entity_src_gen.pdbx_gene_src_organ 
_entity_src_gen.pdbx_gene_src_organelle 
_entity_src_gen.pdbx_gene_src_cell 
_entity_src_gen.pdbx_gene_src_cellular_location 
_entity_src_gen.host_org_common_name 
_entity_src_gen.pdbx_host_org_scientific_name 
_entity_src_gen.pdbx_host_org_ncbi_taxonomy_id 
_entity_src_gen.host_org_genus 
_entity_src_gen.pdbx_host_org_gene 
_entity_src_gen.pdbx_host_org_organ 
_entity_src_gen.host_org_species 
_entity_src_gen.pdbx_host_org_tissue 
_entity_src_gen.pdbx_host_org_tissue_fraction 
_entity_src_gen.pdbx_host_org_strain 
_entity_src_gen.pdbx_host_org_variant 
_entity_src_gen.pdbx_host_org_cell_line 
_entity_src_gen.pdbx_host_org_atcc 
_entity_src_gen.pdbx_host_org_culture_collection 
_entity_src_gen.pdbx_host_org_cell 
_entity_src_gen.pdbx_host_org_organelle 
_entity_src_gen.pdbx_host_org_cellular_location 
_entity_src_gen.pdbx_host_org_vector_type 
_entity_src_gen.pdbx_host_org_vector 
_entity_src_gen.host_org_details 
_entity_src_gen.expression_system_id 
_entity_src_gen.plasmid_name 
_entity_src_gen.plasmid_details 
_entity_src_gen.pdbx_description 
1 1 sample 'Biological sequence' 1 75 Rice                ? Pikp-1  ? ? ? ? ? ? 'Oryza sativa subsp. japonica' 39947  ? ? ? ? ? ? 
? ? 'Escherichia coli' 562 ? ? ? ? ? ? ? ? ? ? ? ? ? ? ? ? ? ? ? ? ? 
2 1 sample 'Biological sequence' 1 68 'Rice blast fungus' ? AVR-Pia ? ? ? ? ? ? 'Magnaporthe oryzae'           318829 ? ? ? ? ? ? 
? ? 'Escherichia coli' 562 ? ? ? ? ? ? ? ? ? ? ? ? ? ? ? ? ? ? ? ? ? 
# 
loop_
_chem_comp.id 
_chem_comp.type 
_chem_comp.mon_nstd_flag 
_chem_comp.name 
_chem_comp.pdbx_synonyms 
_chem_comp.formula 
_chem_comp.formula_weight 
ALA 'L-peptide linking' y ALANINE         ? 'C3 H7 N O2'     89.093  
ARG 'L-peptide linking' y ARGININE        ? 'C6 H15 N4 O2 1' 175.209 
ASN 'L-peptide linking' y ASPARAGINE      ? 'C4 H8 N2 O3'    132.118 
ASP 'L-peptide linking' y 'ASPARTIC ACID' ? 'C4 H7 N O4'     133.103 
CYS 'L-peptide linking' y CYSTEINE        ? 'C3 H7 N O2 S'   121.158 
GLN 'L-peptide linking' y GLUTAMINE       ? 'C5 H10 N2 O3'   146.144 
GLU 'L-peptide linking' y 'GLUTAMIC ACID' ? 'C5 H9 N O4'     147.129 
GLY 'peptide linking'   y GLYCINE         ? 'C2 H5 N O2'     75.067  
HIS 'L-peptide linking' y HISTIDINE       ? 'C6 H10 N3 O2 1' 156.162 
HOH non-polymer         . WATER           ? 'H2 O'           18.015  
ILE 'L-peptide linking' y ISOLEUCINE      ? 'C6 H13 N O2'    131.173 
LEU 'L-peptide linking' y LEUCINE         ? 'C6 H13 N O2'    131.173 
LYS 'L-peptide linking' y LYSINE          ? 'C6 H15 N2 O2 1' 147.195 
MET 'L-peptide linking' y METHIONINE      ? 'C5 H11 N O2 S'  149.211 
PHE 'L-peptide linking' y PHENYLALANINE   ? 'C9 H11 N O2'    165.189 
PRO 'L-peptide linking' y PROLINE         ? 'C5 H9 N O2'     115.130 
SER 'L-peptide linking' y SERINE          ? 'C3 H7 N O3'     105.093 
THR 'L-peptide linking' y THREONINE       ? 'C4 H9 N O3'     119.119 
TRP 'L-peptide linking' y TRYPTOPHAN      ? 'C11 H12 N2 O2'  204.225 
TYR 'L-peptide linking' y TYROSINE        ? 'C9 H11 N O3'    181.189 
VAL 'L-peptide linking' y VALINE          ? 'C5 H11 N O2'    117.146 
# 
loop_
_pdbx_poly_seq_scheme.asym_id 
_pdbx_poly_seq_scheme.entity_id 
_pdbx_poly_seq_scheme.seq_id 
_pdbx_poly_seq_scheme.mon_id 
_pdbx_poly_seq_scheme.ndb_seq_num 
_pdbx_poly_seq_scheme.pdb_seq_num 
_pdbx_poly_seq_scheme.auth_seq_num 
_pdbx_poly_seq_scheme.pdb_mon_id 
_pdbx_poly_seq_scheme.auth_mon_id 
_pdbx_poly_seq_scheme.pdb_strand_id 
_pdbx_poly_seq_scheme.pdb_ins_code 
_pdbx_poly_seq_scheme.hetero 
A 1 1  GLY 1  186 186 GLY GLY A . n 
A 1 2  LEU 2  187 187 LEU LEU A . n 
A 1 3  LYS 3  188 188 LYS LYS A . n 
A 1 4  GLN 4  189 189 GLN GLN A . n 
A 1 5  LYS 5  190 190 LYS LYS A . n 
A 1 6  ILE 6  191 191 ILE ILE A . n 
A 1 7  VAL 7  192 192 VAL VAL A . n 
A 1 8  ILE 8  193 193 ILE ILE A . n 
A 1 9  LYS 9  194 194 LYS LYS A . n 
A 1 10 VAL 10 195 195 VAL VAL A . n 
A 1 11 ALA 11 196 196 ALA ALA A . n 
A 1 12 MET 12 197 197 MET MET A . n 
A 1 13 GLU 13 198 198 GLU GLU A . n 
A 1 14 GLY 14 199 ?   ?   ?   A . n 
A 1 15 ASN 15 200 ?   ?   ?   A . n 
A 1 16 ASN 16 201 201 ASN ASN A . n 
A 1 17 CYS 17 202 202 CYS CYS A . n 
A 1 18 ARG 18 203 203 ARG ARG A . n 
A 1 19 SER 19 204 204 SER SER A . n 
A 1 20 LYS 20 205 205 LYS LYS A . n 
A 1 21 ALA 21 206 206 ALA ALA A . n 
A 1 22 MET 22 207 207 MET MET A . n 
A 1 23 ALA 23 208 208 ALA ALA A . n 
A 1 24 LEU 24 209 209 LEU LEU A . n 
A 1 25 VAL 25 210 210 VAL VAL A . n 
A 1 26 ALA 26 211 211 ALA ALA A . n 
A 1 27 SER 27 212 212 SER SER A . n 
A 1 28 THR 28 213 213 THR THR A . n 
A 1 29 GLY 29 214 214 GLY GLY A . n 
A 1 30 GLY 30 215 215 GLY GLY A . n 
A 1 31 VAL 31 216 216 VAL VAL A . n 
A 1 32 ASP 32 217 217 ASP ASP A . n 
A 1 33 SER 33 218 218 SER SER A . n 
A 1 34 VAL 34 219 219 VAL VAL A . n 
A 1 35 ALA 35 220 220 ALA ALA A . n 
A 1 36 LEU 36 221 221 LEU LEU A . n 
A 1 37 VAL 37 222 222 VAL VAL A . n 
A 1 38 GLY 38 223 223 GLY GLY A . n 
A 1 39 ASP 39 224 224 ASP ASP A . n 
A 1 40 LEU 40 225 225 LEU LEU A . n 
A 1 41 ARG 41 226 226 ARG ARG A . n 
A 1 42 ASP 42 227 227 ASP ASP A . n 
A 1 43 LYS 43 228 228 LYS LYS A . n 
A 1 44 ILE 44 229 229 ILE ILE A . n 
A 1 45 GLU 45 230 230 GLU GLU A . n 
A 1 46 VAL 46 231 231 VAL VAL A . n 
A 1 47 VAL 47 232 232 VAL VAL A . n 
A 1 48 GLY 48 233 233 GLY GLY A . n 
A 1 49 TYR 49 234 234 TYR TYR A . n 
A 1 50 GLY 50 235 235 GLY GLY A . n 
A 1 51 ILE 51 236 236 ILE ILE A . n 
A 1 52 ASP 52 237 237 ASP ASP A . n 
A 1 53 PRO 53 238 238 PRO PRO A . n 
A 1 54 ILE 54 239 239 ILE ILE A . n 
A 1 55 LYS 55 240 240 LYS LYS A . n 
A 1 56 LEU 56 241 241 LEU LEU A . n 
A 1 57 ILE 57 242 242 ILE ILE A . n 
A 1 58 SER 58 243 243 SER SER A . n 
A 1 59 ALA 59 244 244 ALA ALA A . n 
A 1 60 LEU 60 245 245 LEU LEU A . n 
A 1 61 ARG 61 246 246 ARG ARG A . n 
A 1 62 LYS 62 247 247 LYS LYS A . n 
A 1 63 LYS 63 248 248 LYS LYS A . n 
A 1 64 VAL 64 249 249 VAL VAL A . n 
A 1 65 GLY 65 250 250 GLY GLY A . n 
A 1 66 ASP 66 251 251 ASP ASP A . n 
A 1 67 ALA 67 252 252 ALA ALA A . n 
A 1 68 GLU 68 253 253 GLU GLU A . n 
A 1 69 LEU 69 254 254 LEU LEU A . n 
A 1 70 LEU 70 255 255 LEU LEU A . n 
A 1 71 GLN 71 256 256 GLN GLN A . n 
A 1 72 VAL 72 257 257 VAL VAL A . n 
A 1 73 SER 73 258 258 SER SER A . n 
A 1 74 GLN 74 259 259 GLN GLN A . n 
A 1 75 ALA 75 260 260 ALA ALA A . n 
B 2 1  GLY 1  18  18  GLY GLY B . n 
B 2 2  PRO 2  19  19  PRO PRO B . n 
B 2 3  ALA 3  20  20  ALA ALA B . n 
B 2 4  PRO 4  21  21  PRO PRO B . n 
B 2 5  ALA 5  22  22  ALA ALA B . n 
B 2 6  ARG 6  23  23  ARG ARG B . n 
B 2 7  PHE 7  24  24  PHE PHE B . n 
B 2 8  CYS 8  25  25  CYS CYS B . n 
B 2 9  VAL 9  26  26  VAL VAL B . n 
B 2 10 TYR 10 27  27  TYR TYR B . n 
B 2 11 TYR 11 28  28  TYR TYR B . n 
B 2 12 ASP 12 29  29  ASP ASP B . n 
B 2 13 GLY 13 30  30  GLY GLY B . n 
B 2 14 HIS 14 31  31  HIS HIS B . n 
B 2 15 LEU 15 32  32  LEU LEU B . n 
B 2 16 PRO 16 33  33  PRO PRO B . n 
B 2 17 ALA 17 34  34  ALA ALA B . n 
B 2 18 THR 18 35  35  THR THR B . n 
B 2 19 ARG 19 36  36  ARG ARG B . n 
B 2 20 VAL 20 37  37  VAL VAL B . n 
B 2 21 LEU 21 38  38  LEU LEU B . n 
B 2 22 LEU 22 39  39  LEU LEU B . n 
B 2 23 MET 23 40  40  MET MET B . n 
B 2 24 TYR 24 41  41  TYR TYR B . n 
B 2 25 VAL 25 42  42  VAL VAL B . n 
B 2 26 ARG 26 43  43  ARG ARG B . n 
B 2 27 ILE 27 44  44  ILE ILE B . n 
B 2 28 GLY 28 45  45  GLY GLY B . n 
B 2 29 THR 29 46  46  THR THR B . n 
B 2 30 THR 30 47  47  THR THR B . n 
B 2 31 ALA 31 48  48  ALA ALA B . n 
B 2 32 THR 32 49  49  THR THR B . n 
B 2 33 ILE 33 50  50  ILE ILE B . n 
B 2 34 THR 34 51  51  THR THR B . n 
B 2 35 ALA 35 52  52  ALA ALA B . n 
B 2 36 ARG 36 53  53  ARG ARG B . n 
B 2 37 GLY 37 54  54  GLY GLY B . n 
B 2 38 HIS 38 55  55  HIS HIS B . n 
B 2 39 GLU 39 56  56  GLU GLU B . n 
B 2 40 PHE 40 57  57  PHE PHE B . n 
B 2 41 GLU 41 58  58  GLU GLU B . n 
B 2 42 VAL 42 59  59  VAL VAL B . n 
B 2 43 GLU 43 60  60  GLU GLU B . n 
B 2 44 ALA 44 61  61  ALA ALA B . n 
B 2 45 LYS 45 62  62  LYS LYS B . n 
B 2 46 ASP 46 63  63  ASP ASP B . n 
B 2 47 GLN 47 64  64  GLN GLN B . n 
B 2 48 ASN 48 65  65  ASN ASN B . n 
B 2 49 CYS 49 66  66  CYS CYS B . n 
B 2 50 LYS 50 67  67  LYS LYS B . n 
B 2 51 VAL 51 68  68  VAL VAL B . n 
B 2 52 ILE 52 69  69  ILE ILE B . n 
B 2 53 LEU 53 70  70  LEU LEU B . n 
B 2 54 THR 54 71  71  THR THR B . n 
B 2 55 ASN 55 72  72  ASN ASN B . n 
B 2 56 GLY 56 73  73  GLY GLY B . n 
B 2 57 LYS 57 74  74  LYS LYS B . n 
B 2 58 GLN 58 75  75  GLN GLN B . n 
B 2 59 ALA 59 76  76  ALA ALA B . n 
B 2 60 PRO 60 77  77  PRO PRO B . n 
B 2 61 ASP 61 78  78  ASP ASP B . n 
B 2 62 TRP 62 79  79  TRP TRP B . n 
B 2 63 LEU 63 80  80  LEU LEU B . n 
B 2 64 ALA 64 81  81  ALA ALA B . n 
B 2 65 ALA 65 82  82  ALA ALA B . n 
B 2 66 GLU 66 83  83  GLU GLU B . n 
B 2 67 PRO 67 84  84  PRO PRO B . n 
B 2 68 TYR 68 85  85  TYR TYR B . n 
# 
loop_
_pdbx_nonpoly_scheme.asym_id 
_pdbx_nonpoly_scheme.entity_id 
_pdbx_nonpoly_scheme.mon_id 
_pdbx_nonpoly_scheme.ndb_seq_num 
_pdbx_nonpoly_scheme.pdb_seq_num 
_pdbx_nonpoly_scheme.auth_seq_num 
_pdbx_nonpoly_scheme.pdb_mon_id 
_pdbx_nonpoly_scheme.auth_mon_id 
_pdbx_nonpoly_scheme.pdb_strand_id 
_pdbx_nonpoly_scheme.pdb_ins_code 
C 3 HOH 1  301 69  HOH HOH A . 
C 3 HOH 2  302 118 HOH HOH A . 
C 3 HOH 3  303 140 HOH HOH A . 
C 3 HOH 4  304 58  HOH HOH A . 
C 3 HOH 5  305 59  HOH HOH A . 
C 3 HOH 6  306 14  HOH HOH A . 
C 3 HOH 7  307 60  HOH HOH A . 
C 3 HOH 8  308 107 HOH HOH A . 
C 3 HOH 9  309 17  HOH HOH A . 
C 3 HOH 10 310 4   HOH HOH A . 
C 3 HOH 11 311 62  HOH HOH A . 
C 3 HOH 12 312 15  HOH HOH A . 
C 3 HOH 13 313 88  HOH HOH A . 
C 3 HOH 14 314 22  HOH HOH A . 
C 3 HOH 15 315 86  HOH HOH A . 
C 3 HOH 16 316 13  HOH HOH A . 
C 3 HOH 17 317 27  HOH HOH A . 
C 3 HOH 18 318 9   HOH HOH A . 
C 3 HOH 19 319 110 HOH HOH A . 
C 3 HOH 20 320 24  HOH HOH A . 
C 3 HOH 21 321 18  HOH HOH A . 
C 3 HOH 22 322 116 HOH HOH A . 
C 3 HOH 23 323 113 HOH HOH A . 
C 3 HOH 24 324 104 HOH HOH A . 
C 3 HOH 25 325 81  HOH HOH A . 
C 3 HOH 26 326 147 HOH HOH A . 
C 3 HOH 27 327 31  HOH HOH A . 
C 3 HOH 28 328 111 HOH HOH A . 
C 3 HOH 29 329 61  HOH HOH A . 
D 3 HOH 1  101 10  HOH HOH B . 
D 3 HOH 2  102 148 HOH HOH B . 
D 3 HOH 3  103 50  HOH HOH B . 
D 3 HOH 4  104 106 HOH HOH B . 
D 3 HOH 5  105 105 HOH HOH B . 
D 3 HOH 6  106 72  HOH HOH B . 
D 3 HOH 7  107 30  HOH HOH B . 
D 3 HOH 8  108 51  HOH HOH B . 
D 3 HOH 9  109 56  HOH HOH B . 
D 3 HOH 10 110 6   HOH HOH B . 
D 3 HOH 11 111 71  HOH HOH B . 
D 3 HOH 12 112 53  HOH HOH B . 
D 3 HOH 13 113 79  HOH HOH B . 
D 3 HOH 14 114 39  HOH HOH B . 
D 3 HOH 15 115 28  HOH HOH B . 
D 3 HOH 16 116 91  HOH HOH B . 
D 3 HOH 17 117 5   HOH HOH B . 
D 3 HOH 18 118 19  HOH HOH B . 
D 3 HOH 19 119 20  HOH HOH B . 
D 3 HOH 20 120 38  HOH HOH B . 
D 3 HOH 21 121 21  HOH HOH B . 
D 3 HOH 22 122 52  HOH HOH B . 
D 3 HOH 23 123 70  HOH HOH B . 
D 3 HOH 24 124 108 HOH HOH B . 
D 3 HOH 25 125 2   HOH HOH B . 
D 3 HOH 26 126 11  HOH HOH B . 
D 3 HOH 27 127 12  HOH HOH B . 
D 3 HOH 28 128 25  HOH HOH B . 
D 3 HOH 29 129 36  HOH HOH B . 
D 3 HOH 30 130 55  HOH HOH B . 
D 3 HOH 31 131 1   HOH HOH B . 
D 3 HOH 32 132 100 HOH HOH B . 
D 3 HOH 33 133 3   HOH HOH B . 
D 3 HOH 34 134 94  HOH HOH B . 
D 3 HOH 35 135 67  HOH HOH B . 
D 3 HOH 36 136 8   HOH HOH B . 
D 3 HOH 37 137 54  HOH HOH B . 
D 3 HOH 38 138 29  HOH HOH B . 
D 3 HOH 39 139 7   HOH HOH B . 
D 3 HOH 40 140 141 HOH HOH B . 
D 3 HOH 41 141 41  HOH HOH B . 
D 3 HOH 42 142 26  HOH HOH B . 
D 3 HOH 43 143 65  HOH HOH B . 
D 3 HOH 44 144 78  HOH HOH B . 
D 3 HOH 45 145 150 HOH HOH B . 
D 3 HOH 46 146 142 HOH HOH B . 
D 3 HOH 47 147 77  HOH HOH B . 
D 3 HOH 48 148 57  HOH HOH B . 
D 3 HOH 49 149 145 HOH HOH B . 
D 3 HOH 50 150 87  HOH HOH B . 
D 3 HOH 51 151 146 HOH HOH B . 
D 3 HOH 52 152 149 HOH HOH B . 
D 3 HOH 53 153 89  HOH HOH B . 
D 3 HOH 54 154 144 HOH HOH B . 
D 3 HOH 55 155 122 HOH HOH B . 
D 3 HOH 56 156 63  HOH HOH B . 
D 3 HOH 57 157 137 HOH HOH B . 
D 3 HOH 58 158 112 HOH HOH B . 
D 3 HOH 59 159 143 HOH HOH B . 
D 3 HOH 60 160 66  HOH HOH B . 
# 
loop_
_software.citation_id 
_software.classification 
_software.compiler_name 
_software.compiler_version 
_software.contact_author 
_software.contact_author_email 
_software.date 
_software.description 
_software.dependencies 
_software.hardware 
_software.language 
_software.location 
_software.mods 
_software.name 
_software.os 
_software.os_version 
_software.type 
_software.version 
_software.pdbx_ordinal 
? refinement        ? ? ? ? ? ? ? ? ? ? ? REFMAC      ? ? ? 5.8.0230 1 
? 'data extraction' ? ? ? ? ? ? ? ? ? ? ? PDB_EXTRACT ? ? ? 3.24     2 
? 'data reduction'  ? ? ? ? ? ? ? ? ? ? ? xia2        ? ? ? 0.5.328  3 
? 'data scaling'    ? ? ? ? ? ? ? ? ? ? ? Aimless     ? ? ? 0.7.3    4 
? phasing           ? ? ? ? ? ? ? ? ? ? ? PHASER      ? ? ? 2.7.17   5 
# 
_cell.angle_alpha                  90.000 
_cell.angle_alpha_esd              ? 
_cell.angle_beta                   90.000 
_cell.angle_beta_esd               ? 
_cell.angle_gamma                  90.000 
_cell.angle_gamma_esd              ? 
_cell.entry_id                     6Q76 
_cell.details                      ? 
_cell.formula_units_Z              ? 
_cell.length_a                     34.844 
_cell.length_a_esd                 ? 
_cell.length_b                     53.444 
_cell.length_b_esd                 ? 
_cell.length_c                     117.810 
_cell.length_c_esd                 ? 
_cell.volume                       ? 
_cell.volume_esd                   ? 
_cell.Z_PDB                        4 
_cell.reciprocal_angle_alpha       ? 
_cell.reciprocal_angle_beta        ? 
_cell.reciprocal_angle_gamma       ? 
_cell.reciprocal_angle_alpha_esd   ? 
_cell.reciprocal_angle_beta_esd    ? 
_cell.reciprocal_angle_gamma_esd   ? 
_cell.reciprocal_length_a          ? 
_cell.reciprocal_length_b          ? 
_cell.reciprocal_length_c          ? 
_cell.reciprocal_length_a_esd      ? 
_cell.reciprocal_length_b_esd      ? 
_cell.reciprocal_length_c_esd      ? 
_cell.pdbx_unique_axis             ? 
# 
_symmetry.entry_id                         6Q76 
_symmetry.cell_setting                     ? 
_symmetry.Int_Tables_number                18 
_symmetry.space_group_name_Hall            ? 
_symmetry.space_group_name_H-M             'P 2 21 21' 
_symmetry.pdbx_full_space_group_name_H-M   ? 
# 
_exptl.absorpt_coefficient_mu     ? 
_exptl.absorpt_correction_T_max   ? 
_exptl.absorpt_correction_T_min   ? 
_exptl.absorpt_correction_type    ? 
_exptl.absorpt_process_details    ? 
_exptl.entry_id                   6Q76 
_exptl.crystals_number            1 
_exptl.details                    ? 
_exptl.method                     'X-RAY DIFFRACTION' 
_exptl.method_details             ? 
# 
_exptl_crystal.colour                      ? 
_exptl_crystal.density_diffrn              ? 
_exptl_crystal.density_Matthews            3.56 
_exptl_crystal.density_method              ? 
_exptl_crystal.density_percent_sol         65.45 
_exptl_crystal.description                 ? 
_exptl_crystal.F_000                       ? 
_exptl_crystal.id                          1 
_exptl_crystal.preparation                 ? 
_exptl_crystal.size_max                    ? 
_exptl_crystal.size_mid                    ? 
_exptl_crystal.size_min                    ? 
_exptl_crystal.size_rad                    ? 
_exptl_crystal.colour_lustre               ? 
_exptl_crystal.colour_modifier             ? 
_exptl_crystal.colour_primary              ? 
_exptl_crystal.density_meas                ? 
_exptl_crystal.density_meas_esd            ? 
_exptl_crystal.density_meas_gt             ? 
_exptl_crystal.density_meas_lt             ? 
_exptl_crystal.density_meas_temp           ? 
_exptl_crystal.density_meas_temp_esd       ? 
_exptl_crystal.density_meas_temp_gt        ? 
_exptl_crystal.density_meas_temp_lt        ? 
_exptl_crystal.pdbx_crystal_image_url      ? 
_exptl_crystal.pdbx_crystal_image_format   ? 
_exptl_crystal.pdbx_mosaicity              ? 
_exptl_crystal.pdbx_mosaicity_esd          ? 
# 
_exptl_crystal_grow.apparatus       ? 
_exptl_crystal_grow.atmosphere      ? 
_exptl_crystal_grow.crystal_id      1 
_exptl_crystal_grow.details         ? 
_exptl_crystal_grow.method          'VAPOR DIFFUSION, SITTING DROP' 
_exptl_crystal_grow.method_ref      ? 
_exptl_crystal_grow.pH              6.5 
_exptl_crystal_grow.pressure        ? 
_exptl_crystal_grow.pressure_esd    ? 
_exptl_crystal_grow.seeding         ? 
_exptl_crystal_grow.seeding_ref     ? 
_exptl_crystal_grow.temp            293.0 
_exptl_crystal_grow.temp_details    ? 
_exptl_crystal_grow.temp_esd        ? 
_exptl_crystal_grow.time            ? 
_exptl_crystal_grow.pdbx_details    
;0.12 M Alcohols (0.2 M 1,6-Hexanediol; 0.2 M 1-Butanol; 0.2 M 1,2-Propanediol; 0.2 M 2-Propanol; 0.2 M 1,4-Butanediol; 0.2 M 1,3-Propanediol), 0.1 M Buffer System 1 (1.0 M imidazole; MES monohydrate (acid), pH 6.5) and 50 % v/v Precipitant Mix 2 (40 % v/v Ethylene glycol; 20 % w/v PEG 8000)
;
_exptl_crystal_grow.pdbx_pH_range   ? 
# 
_diffrn.ambient_environment              ? 
_diffrn.ambient_temp                     100 
_diffrn.ambient_temp_details             ? 
_diffrn.ambient_temp_esd                 ? 
_diffrn.crystal_id                       1 
_diffrn.crystal_support                  ? 
_diffrn.crystal_treatment                ? 
_diffrn.details                          ? 
_diffrn.id                               1 
_diffrn.ambient_pressure                 ? 
_diffrn.ambient_pressure_esd             ? 
_diffrn.ambient_pressure_gt              ? 
_diffrn.ambient_pressure_lt              ? 
_diffrn.ambient_temp_gt                  ? 
_diffrn.ambient_temp_lt                  ? 
_diffrn.pdbx_serial_crystal_experiment   N 
# 
_diffrn_detector.details                      ? 
_diffrn_detector.detector                     PIXEL 
_diffrn_detector.diffrn_id                    1 
_diffrn_detector.type                         'DECTRIS PILATUS 6M' 
_diffrn_detector.area_resol_mean              ? 
_diffrn_detector.dtime                        ? 
_diffrn_detector.pdbx_frames_total            ? 
_diffrn_detector.pdbx_collection_time_total   ? 
_diffrn_detector.pdbx_collection_date         2017-09-11 
_diffrn_detector.pdbx_frequency               ? 
# 
_diffrn_radiation.collimation                      ? 
_diffrn_radiation.diffrn_id                        1 
_diffrn_radiation.filter_edge                      ? 
_diffrn_radiation.inhomogeneity                    ? 
_diffrn_radiation.monochromator                    ? 
_diffrn_radiation.polarisn_norm                    ? 
_diffrn_radiation.polarisn_ratio                   ? 
_diffrn_radiation.probe                            ? 
_diffrn_radiation.type                             ? 
_diffrn_radiation.xray_symbol                      ? 
_diffrn_radiation.wavelength_id                    1 
_diffrn_radiation.pdbx_monochromatic_or_laue_m_l   M 
_diffrn_radiation.pdbx_wavelength_list             ? 
_diffrn_radiation.pdbx_wavelength                  ? 
_diffrn_radiation.pdbx_diffrn_protocol             'SINGLE WAVELENGTH' 
_diffrn_radiation.pdbx_analyzer                    ? 
_diffrn_radiation.pdbx_scattering_type             x-ray 
# 
_diffrn_radiation_wavelength.id           1 
_diffrn_radiation_wavelength.wavelength   0.9763 
_diffrn_radiation_wavelength.wt           1.0 
# 
_diffrn_source.current                     ? 
_diffrn_source.details                     ? 
_diffrn_source.diffrn_id                   1 
_diffrn_source.power                       ? 
_diffrn_source.size                        ? 
_diffrn_source.source                      SYNCHROTRON 
_diffrn_source.target                      ? 
_diffrn_source.type                        'DIAMOND BEAMLINE I03' 
_diffrn_source.voltage                     ? 
_diffrn_source.take-off_angle              ? 
_diffrn_source.pdbx_wavelength_list        0.9763 
_diffrn_source.pdbx_wavelength             ? 
_diffrn_source.pdbx_synchrotron_beamline   I03 
_diffrn_source.pdbx_synchrotron_site       Diamond 
# 
_reflns.B_iso_Wilson_estimate            ? 
_reflns.entry_id                         6Q76 
_reflns.data_reduction_details           ? 
_reflns.data_reduction_method            ? 
_reflns.d_resolution_high                1.90 
_reflns.d_resolution_low                 48.72 
_reflns.details                          ? 
_reflns.limit_h_max                      ? 
_reflns.limit_h_min                      ? 
_reflns.limit_k_max                      ? 
_reflns.limit_k_min                      ? 
_reflns.limit_l_max                      ? 
_reflns.limit_l_min                      ? 
_reflns.number_all                       ? 
_reflns.number_obs                       18107 
_reflns.observed_criterion               ? 
_reflns.observed_criterion_F_max         ? 
_reflns.observed_criterion_F_min         ? 
_reflns.observed_criterion_I_max         ? 
_reflns.observed_criterion_I_min         ? 
_reflns.observed_criterion_sigma_F       ? 
_reflns.observed_criterion_sigma_I       ? 
_reflns.percent_possible_obs             100 
_reflns.R_free_details                   ? 
_reflns.Rmerge_F_all                     ? 
_reflns.Rmerge_F_obs                     ? 
_reflns.Friedel_coverage                 ? 
_reflns.number_gt                        ? 
_reflns.threshold_expression             ? 
_reflns.pdbx_redundancy                  12.6 
_reflns.pdbx_Rmerge_I_obs                0.057 
_reflns.pdbx_Rmerge_I_all                ? 
_reflns.pdbx_Rsym_value                  ? 
_reflns.pdbx_netI_over_av_sigmaI         ? 
_reflns.pdbx_netI_over_sigmaI            19.7 
_reflns.pdbx_res_netI_over_av_sigmaI_2   ? 
_reflns.pdbx_res_netI_over_sigmaI_2      ? 
_reflns.pdbx_chi_squared                 ? 
_reflns.pdbx_scaling_rejects             ? 
_reflns.pdbx_d_res_high_opt              ? 
_reflns.pdbx_d_res_low_opt               ? 
_reflns.pdbx_d_res_opt_method            ? 
_reflns.phase_calculation_details        ? 
_reflns.pdbx_Rrim_I_all                  ? 
_reflns.pdbx_Rpim_I_all                  ? 
_reflns.pdbx_d_opt                       ? 
_reflns.pdbx_number_measured_all         ? 
_reflns.pdbx_diffrn_id                   1 
_reflns.pdbx_ordinal                     1 
_reflns.pdbx_CC_half                     0.99 
_reflns.pdbx_R_split                     ? 
# 
_reflns_shell.d_res_high                  1.90 
_reflns_shell.d_res_low                   1.94 
_reflns_shell.meanI_over_sigI_all         ? 
_reflns_shell.meanI_over_sigI_obs         ? 
_reflns_shell.number_measured_all         ? 
_reflns_shell.number_measured_obs         ? 
_reflns_shell.number_possible             ? 
_reflns_shell.number_unique_all           ? 
_reflns_shell.number_unique_obs           1151 
_reflns_shell.percent_possible_all        100 
_reflns_shell.percent_possible_obs        ? 
_reflns_shell.Rmerge_F_all                ? 
_reflns_shell.Rmerge_F_obs                ? 
_reflns_shell.Rmerge_I_all                ? 
_reflns_shell.Rmerge_I_obs                ? 
_reflns_shell.meanI_over_sigI_gt          ? 
_reflns_shell.meanI_over_uI_all           ? 
_reflns_shell.meanI_over_uI_gt            ? 
_reflns_shell.number_measured_gt          ? 
_reflns_shell.number_unique_gt            ? 
_reflns_shell.percent_possible_gt         ? 
_reflns_shell.Rmerge_F_gt                 ? 
_reflns_shell.Rmerge_I_gt                 ? 
_reflns_shell.pdbx_redundancy             13.3 
_reflns_shell.pdbx_Rsym_value             ? 
_reflns_shell.pdbx_chi_squared            ? 
_reflns_shell.pdbx_netI_over_sigmaI_all   ? 
_reflns_shell.pdbx_netI_over_sigmaI_obs   ? 
_reflns_shell.pdbx_Rrim_I_all             ? 
_reflns_shell.pdbx_Rpim_I_all             ? 
_reflns_shell.pdbx_rejects                ? 
_reflns_shell.pdbx_ordinal                1 
_reflns_shell.pdbx_diffrn_id              1 
_reflns_shell.pdbx_CC_half                0.81 
_reflns_shell.pdbx_R_split                ? 
# 
_refine.aniso_B[1][1]                            4.5200 
_refine.aniso_B[1][2]                            0.0000 
_refine.aniso_B[1][3]                            0.0000 
_refine.aniso_B[2][2]                            -2.0400 
_refine.aniso_B[2][3]                            0.0000 
_refine.aniso_B[3][3]                            -2.4800 
_refine.B_iso_max                                126.510 
_refine.B_iso_mean                               52.8190 
_refine.B_iso_min                                33.600 
_refine.correlation_coeff_Fo_to_Fc               0.9640 
_refine.correlation_coeff_Fo_to_Fc_free          0.9480 
_refine.details                                  
'HYDROGENS HAVE BEEN ADDED IN THE RIDING POSITIONS U VALUES      : REFINED INDIVIDUALLY' 
_refine.diff_density_max                         ? 
_refine.diff_density_max_esd                     ? 
_refine.diff_density_min                         ? 
_refine.diff_density_min_esd                     ? 
_refine.diff_density_rms                         ? 
_refine.diff_density_rms_esd                     ? 
_refine.entry_id                                 6Q76 
_refine.pdbx_refine_id                           'X-RAY DIFFRACTION' 
_refine.ls_abs_structure_details                 ? 
_refine.ls_abs_structure_Flack                   ? 
_refine.ls_abs_structure_Flack_esd               ? 
_refine.ls_abs_structure_Rogers                  ? 
_refine.ls_abs_structure_Rogers_esd              ? 
_refine.ls_d_res_high                            1.9000 
_refine.ls_d_res_low                             48.7200 
_refine.ls_extinction_coef                       ? 
_refine.ls_extinction_coef_esd                   ? 
_refine.ls_extinction_expression                 ? 
_refine.ls_extinction_method                     ? 
_refine.ls_goodness_of_fit_all                   ? 
_refine.ls_goodness_of_fit_all_esd               ? 
_refine.ls_goodness_of_fit_obs                   ? 
_refine.ls_goodness_of_fit_obs_esd               ? 
_refine.ls_hydrogen_treatment                    ? 
_refine.ls_matrix_type                           ? 
_refine.ls_number_constraints                    ? 
_refine.ls_number_parameters                     ? 
_refine.ls_number_reflns_all                     ? 
_refine.ls_number_reflns_obs                     17101 
_refine.ls_number_reflns_R_free                  962 
_refine.ls_number_reflns_R_work                  ? 
_refine.ls_number_restraints                     ? 
_refine.ls_percent_reflns_obs                    99.9300 
_refine.ls_percent_reflns_R_free                 5.3000 
_refine.ls_R_factor_all                          ? 
_refine.ls_R_factor_obs                          0.2053 
_refine.ls_R_factor_R_free                       0.2451 
_refine.ls_R_factor_R_free_error                 ? 
_refine.ls_R_factor_R_free_error_details         ? 
_refine.ls_R_factor_R_work                       0.2031 
_refine.ls_R_Fsqd_factor_obs                     ? 
_refine.ls_R_I_factor_obs                        ? 
_refine.ls_redundancy_reflns_all                 ? 
_refine.ls_redundancy_reflns_obs                 ? 
_refine.ls_restrained_S_all                      ? 
_refine.ls_restrained_S_obs                      ? 
_refine.ls_shift_over_esd_max                    ? 
_refine.ls_shift_over_esd_mean                   ? 
_refine.ls_structure_factor_coef                 ? 
_refine.ls_weighting_details                     ? 
_refine.ls_weighting_scheme                      ? 
_refine.ls_wR_factor_all                         ? 
_refine.ls_wR_factor_obs                         ? 
_refine.ls_wR_factor_R_free                      ? 
_refine.ls_wR_factor_R_work                      ? 
_refine.occupancy_max                            ? 
_refine.occupancy_min                            ? 
_refine.solvent_model_details                    ? 
_refine.solvent_model_param_bsol                 ? 
_refine.solvent_model_param_ksol                 ? 
_refine.ls_R_factor_gt                           ? 
_refine.ls_goodness_of_fit_gt                    ? 
_refine.ls_goodness_of_fit_ref                   ? 
_refine.ls_shift_over_su_max                     ? 
_refine.ls_shift_over_su_max_lt                  ? 
_refine.ls_shift_over_su_mean                    ? 
_refine.ls_shift_over_su_mean_lt                 ? 
_refine.pdbx_ls_sigma_I                          ? 
_refine.pdbx_ls_sigma_F                          0.000 
_refine.pdbx_ls_sigma_Fsqd                       ? 
_refine.pdbx_data_cutoff_high_absF               ? 
_refine.pdbx_data_cutoff_high_rms_absF           ? 
_refine.pdbx_data_cutoff_low_absF                ? 
_refine.pdbx_isotropic_thermal_model             ? 
_refine.pdbx_ls_cross_valid_method               THROUGHOUT 
_refine.pdbx_method_to_determine_struct          'MOLECULAR REPLACEMENT' 
_refine.pdbx_starting_model                      '2MYW, 5A6P' 
_refine.pdbx_stereochemistry_target_values       ? 
_refine.pdbx_R_Free_selection_details            RANDOM 
_refine.pdbx_stereochem_target_val_spec_case     ? 
_refine.pdbx_overall_ESU_R                       0.1200 
_refine.pdbx_overall_ESU_R_Free                  0.1230 
_refine.pdbx_solvent_vdw_probe_radii             1.2000 
_refine.pdbx_solvent_ion_probe_radii             0.8000 
_refine.pdbx_solvent_shrinkage_radii             0.8000 
_refine.pdbx_real_space_R                        ? 
_refine.pdbx_density_correlation                 ? 
_refine.pdbx_pd_number_of_powder_patterns        ? 
_refine.pdbx_pd_number_of_points                 ? 
_refine.pdbx_pd_meas_number_of_points            ? 
_refine.pdbx_pd_proc_ls_prof_R_factor            ? 
_refine.pdbx_pd_proc_ls_prof_wR_factor           ? 
_refine.pdbx_pd_Marquardt_correlation_coeff      ? 
_refine.pdbx_pd_Fsqrd_R_factor                   ? 
_refine.pdbx_pd_ls_matrix_band_width             ? 
_refine.pdbx_overall_phase_error                 ? 
_refine.pdbx_overall_SU_R_free_Cruickshank_DPI   ? 
_refine.pdbx_overall_SU_R_free_Blow_DPI          ? 
_refine.pdbx_overall_SU_R_Blow_DPI               ? 
_refine.pdbx_TLS_residual_ADP_flag               ? 
_refine.pdbx_diffrn_id                           1 
_refine.overall_SU_B                             3.9860 
_refine.overall_SU_ML                            0.1080 
_refine.overall_SU_R_Cruickshank_DPI             ? 
_refine.overall_SU_R_free                        ? 
_refine.overall_FOM_free_R_set                   ? 
_refine.overall_FOM_work_R_set                   ? 
_refine.pdbx_average_fsc_overall                 ? 
_refine.pdbx_average_fsc_work                    ? 
_refine.pdbx_average_fsc_free                    ? 
# 
_refine_hist.cycle_id                         final 
_refine_hist.pdbx_refine_id                   'X-RAY DIFFRACTION' 
_refine_hist.d_res_high                       1.9000 
_refine_hist.d_res_low                        48.7200 
_refine_hist.pdbx_number_atoms_ligand         0 
_refine_hist.number_atoms_solvent             89 
_refine_hist.number_atoms_total               1155 
_refine_hist.pdbx_number_residues_total       141 
_refine_hist.pdbx_B_iso_mean_solvent          58.06 
_refine_hist.pdbx_number_atoms_protein        1066 
_refine_hist.pdbx_number_atoms_nucleic_acid   0 
# 
loop_
_refine_ls_restr.pdbx_refine_id 
_refine_ls_restr.criterion 
_refine_ls_restr.dev_ideal 
_refine_ls_restr.dev_ideal_target 
_refine_ls_restr.number 
_refine_ls_restr.rejects 
_refine_ls_restr.type 
_refine_ls_restr.weight 
_refine_ls_restr.pdbx_restraint_function 
'X-RAY DIFFRACTION' ? 0.012  0.014  1081 ? r_bond_refined_d       ? ? 
'X-RAY DIFFRACTION' ? 0.001  0.017  1047 ? r_bond_other_d         ? ? 
'X-RAY DIFFRACTION' ? 1.501  1.654  1461 ? r_angle_refined_deg    ? ? 
'X-RAY DIFFRACTION' ? 0.940  1.642  2442 ? r_angle_other_deg      ? ? 
'X-RAY DIFFRACTION' ? 6.600  5.000  138  ? r_dihedral_angle_1_deg ? ? 
'X-RAY DIFFRACTION' ? 30.113 21.915 47   ? r_dihedral_angle_2_deg ? ? 
'X-RAY DIFFRACTION' ? 16.285 15.000 193  ? r_dihedral_angle_3_deg ? ? 
'X-RAY DIFFRACTION' ? 14.840 15.000 7    ? r_dihedral_angle_4_deg ? ? 
'X-RAY DIFFRACTION' ? 0.075  0.200  145  ? r_chiral_restr         ? ? 
'X-RAY DIFFRACTION' ? 0.008  0.020  1193 ? r_gen_planes_refined   ? ? 
'X-RAY DIFFRACTION' ? 0.001  0.020  179  ? r_gen_planes_other     ? ? 
# 
_refine_ls_shell.pdbx_refine_id                   'X-RAY DIFFRACTION' 
_refine_ls_shell.d_res_high                       1.9000 
_refine_ls_shell.d_res_low                        1.9490 
_refine_ls_shell.number_reflns_all                1309 
_refine_ls_shell.number_reflns_obs                ? 
_refine_ls_shell.number_reflns_R_free             72 
_refine_ls_shell.number_reflns_R_work             1237 
_refine_ls_shell.percent_reflns_obs               99.9200 
_refine_ls_shell.percent_reflns_R_free            ? 
_refine_ls_shell.R_factor_all                     ? 
_refine_ls_shell.R_factor_obs                     ? 
_refine_ls_shell.R_factor_R_free                  0.4180 
_refine_ls_shell.R_factor_R_free_error            0.0000 
_refine_ls_shell.R_factor_R_work                  0.3580 
_refine_ls_shell.redundancy_reflns_all            ? 
_refine_ls_shell.redundancy_reflns_obs            ? 
_refine_ls_shell.wR_factor_all                    ? 
_refine_ls_shell.wR_factor_obs                    ? 
_refine_ls_shell.wR_factor_R_free                 ? 
_refine_ls_shell.wR_factor_R_work                 ? 
_refine_ls_shell.pdbx_total_number_of_bins_used   20 
_refine_ls_shell.pdbx_phase_error                 ? 
_refine_ls_shell.pdbx_fsc_work                    ? 
_refine_ls_shell.pdbx_fsc_free                    ? 
# 
_struct.entry_id                     6Q76 
_struct.title                        
'Complex of rice blast (Magnaporthe oryzae) effector protein AVR-Pia with the HMA domain of Pikp-1 from rice (Oryza sativa)' 
_struct.pdbx_model_details           ? 
_struct.pdbx_formula_weight          ? 
_struct.pdbx_formula_weight_method   ? 
_struct.pdbx_model_type_details      ? 
_struct.pdbx_CASP_flag               N 
# 
_struct_keywords.entry_id        6Q76 
_struct_keywords.text            'Effector, Heavy metal-associated, NLR, MAX, ANTIFUNGAL PROTEIN' 
_struct_keywords.pdbx_keywords   'ANTIFUNGAL PROTEIN' 
# 
loop_
_struct_asym.id 
_struct_asym.pdbx_blank_PDB_chainid_flag 
_struct_asym.pdbx_modified 
_struct_asym.entity_id 
_struct_asym.details 
A N N 1 ? 
B N N 2 ? 
C N N 3 ? 
D N N 3 ? 
# 
loop_
_struct_ref.id 
_struct_ref.db_name 
_struct_ref.db_code 
_struct_ref.pdbx_db_accession 
_struct_ref.pdbx_db_isoform 
_struct_ref.entity_id 
_struct_ref.pdbx_seq_one_letter_code 
_struct_ref.pdbx_align_begin 
1 UNP E9KPB5_ORYSJ E9KPB5 ? 1 GLKQKIVIKVAMEGNNCRSKAMALVASTGGVDSVALVGDLRDKIEVVGYGIDPIKLISALRKKVGDAELLQVSQA 186 
2 UNP B9WZW9_MAGOR B9WZW9 ? 2 APARFCVYYDGHLPATRVLLMYVRIGTTATITARGHEFEVEAKDQNCKVILTNGKQAPDWLAAEPY          20  
# 
loop_
_struct_ref_seq.align_id 
_struct_ref_seq.ref_id 
_struct_ref_seq.pdbx_PDB_id_code 
_struct_ref_seq.pdbx_strand_id 
_struct_ref_seq.seq_align_beg 
_struct_ref_seq.pdbx_seq_align_beg_ins_code 
_struct_ref_seq.seq_align_end 
_struct_ref_seq.pdbx_seq_align_end_ins_code 
_struct_ref_seq.pdbx_db_accession 
_struct_ref_seq.db_align_beg 
_struct_ref_seq.pdbx_db_align_beg_ins_code 
_struct_ref_seq.db_align_end 
_struct_ref_seq.pdbx_db_align_end_ins_code 
_struct_ref_seq.pdbx_auth_seq_align_beg 
_struct_ref_seq.pdbx_auth_seq_align_end 
1 1 6Q76 A 1 ? 75 ? E9KPB5 186 ? 260 ? 186 260 
2 2 6Q76 B 3 ? 68 ? B9WZW9 20  ? 85  ? 20  85  
# 
loop_
_struct_ref_seq_dif.align_id 
_struct_ref_seq_dif.pdbx_pdb_id_code 
_struct_ref_seq_dif.mon_id 
_struct_ref_seq_dif.pdbx_pdb_strand_id 
_struct_ref_seq_dif.seq_num 
_struct_ref_seq_dif.pdbx_pdb_ins_code 
_struct_ref_seq_dif.pdbx_seq_db_name 
_struct_ref_seq_dif.pdbx_seq_db_accession_code 
_struct_ref_seq_dif.db_mon_id 
_struct_ref_seq_dif.pdbx_seq_db_seq_num 
_struct_ref_seq_dif.details 
_struct_ref_seq_dif.pdbx_auth_seq_num 
_struct_ref_seq_dif.pdbx_ordinal 
2 6Q76 GLY B 1 ? UNP B9WZW9 ? ? 'expression tag' 18 1 
2 6Q76 PRO B 2 ? UNP B9WZW9 ? ? 'expression tag' 19 2 
# 
_pdbx_struct_assembly.id                   1 
_pdbx_struct_assembly.details              author_and_software_defined_assembly 
_pdbx_struct_assembly.method_details       PISA 
_pdbx_struct_assembly.oligomeric_details   dimeric 
_pdbx_struct_assembly.oligomeric_count     2 
# 
loop_
_pdbx_struct_assembly_prop.biol_id 
_pdbx_struct_assembly_prop.type 
_pdbx_struct_assembly_prop.value 
_pdbx_struct_assembly_prop.details 
1 'ABSA (A^2)' 920  ? 
1 MORE         -5   ? 
1 'SSA (A^2)'  7930 ? 
# 
_pdbx_struct_assembly_gen.assembly_id       1 
_pdbx_struct_assembly_gen.oper_expression   1 
_pdbx_struct_assembly_gen.asym_id_list      A,B,C,D 
# 
_pdbx_struct_assembly_auth_evidence.id                     1 
_pdbx_struct_assembly_auth_evidence.assembly_id            1 
_pdbx_struct_assembly_auth_evidence.experimental_support   'surface plasmon resonance' 
_pdbx_struct_assembly_auth_evidence.details                ? 
# 
_pdbx_struct_oper_list.id                   1 
_pdbx_struct_oper_list.type                 'identity operation' 
_pdbx_struct_oper_list.name                 1_555 
_pdbx_struct_oper_list.symmetry_operation   x,y,z 
_pdbx_struct_oper_list.matrix[1][1]         1.0000000000 
_pdbx_struct_oper_list.matrix[1][2]         0.0000000000 
_pdbx_struct_oper_list.matrix[1][3]         0.0000000000 
_pdbx_struct_oper_list.vector[1]            0.0000000000 
_pdbx_struct_oper_list.matrix[2][1]         0.0000000000 
_pdbx_struct_oper_list.matrix[2][2]         1.0000000000 
_pdbx_struct_oper_list.matrix[2][3]         0.0000000000 
_pdbx_struct_oper_list.vector[2]            0.0000000000 
_pdbx_struct_oper_list.matrix[3][1]         0.0000000000 
_pdbx_struct_oper_list.matrix[3][2]         0.0000000000 
_pdbx_struct_oper_list.matrix[3][3]         1.0000000000 
_pdbx_struct_oper_list.vector[3]            0.0000000000 
# 
loop_
_struct_conf.conf_type_id 
_struct_conf.id 
_struct_conf.pdbx_PDB_helix_id 
_struct_conf.beg_label_comp_id 
_struct_conf.beg_label_asym_id 
_struct_conf.beg_label_seq_id 
_struct_conf.pdbx_beg_PDB_ins_code 
_struct_conf.end_label_comp_id 
_struct_conf.end_label_asym_id 
_struct_conf.end_label_seq_id 
_struct_conf.pdbx_end_PDB_ins_code 
_struct_conf.beg_auth_comp_id 
_struct_conf.beg_auth_asym_id 
_struct_conf.beg_auth_seq_id 
_struct_conf.end_auth_comp_id 
_struct_conf.end_auth_asym_id 
_struct_conf.end_auth_seq_id 
_struct_conf.pdbx_PDB_helix_class 
_struct_conf.details 
_struct_conf.pdbx_PDB_helix_length 
HELX_P HELX_P1 AA1 CYS A 17 ? SER A 27 ? CYS A 202 SER A 212 1 ? 11 
HELX_P HELX_P2 AA2 ASP A 52 ? VAL A 64 ? ASP A 237 VAL A 249 1 ? 13 
# 
_struct_conf_type.id          HELX_P 
_struct_conf_type.criteria    ? 
_struct_conf_type.reference   ? 
# 
_struct_conn.id                            disulf1 
_struct_conn.conn_type_id                  disulf 
_struct_conn.pdbx_leaving_atom_flag        ? 
_struct_conn.pdbx_PDB_id                   ? 
_struct_conn.ptnr1_label_asym_id           B 
_struct_conn.ptnr1_label_comp_id           CYS 
_struct_conn.ptnr1_label_seq_id            8 
_struct_conn.ptnr1_label_atom_id           SG 
_struct_conn.pdbx_ptnr1_label_alt_id       ? 
_struct_conn.pdbx_ptnr1_PDB_ins_code       ? 
_struct_conn.pdbx_ptnr1_standard_comp_id   ? 
_struct_conn.ptnr1_symmetry                1_555 
_struct_conn.ptnr2_label_asym_id           B 
_struct_conn.ptnr2_label_comp_id           CYS 
_struct_conn.ptnr2_label_seq_id            49 
_struct_conn.ptnr2_label_atom_id           SG 
_struct_conn.pdbx_ptnr2_label_alt_id       ? 
_struct_conn.pdbx_ptnr2_PDB_ins_code       ? 
_struct_conn.ptnr1_auth_asym_id            B 
_struct_conn.ptnr1_auth_comp_id            CYS 
_struct_conn.ptnr1_auth_seq_id             25 
_struct_conn.ptnr2_auth_asym_id            B 
_struct_conn.ptnr2_auth_comp_id            CYS 
_struct_conn.ptnr2_auth_seq_id             66 
_struct_conn.ptnr2_symmetry                1_555 
_struct_conn.pdbx_ptnr3_label_atom_id      ? 
_struct_conn.pdbx_ptnr3_label_seq_id       ? 
_struct_conn.pdbx_ptnr3_label_comp_id      ? 
_struct_conn.pdbx_ptnr3_label_asym_id      ? 
_struct_conn.pdbx_ptnr3_label_alt_id       ? 
_struct_conn.pdbx_ptnr3_PDB_ins_code       ? 
_struct_conn.details                       ? 
_struct_conn.pdbx_dist_value               2.133 
_struct_conn.pdbx_value_order              ? 
_struct_conn.pdbx_role                     ? 
# 
_struct_conn_type.id          disulf 
_struct_conn_type.criteria    ? 
_struct_conn_type.reference   ? 
# 
_pdbx_modification_feature.ordinal                            1 
_pdbx_modification_feature.label_comp_id                      CYS 
_pdbx_modification_feature.label_asym_id                      B 
_pdbx_modification_feature.label_seq_id                       8 
_pdbx_modification_feature.label_alt_id                       ? 
_pdbx_modification_feature.modified_residue_label_comp_id     CYS 
_pdbx_modification_feature.modified_residue_label_asym_id     B 
_pdbx_modification_feature.modified_residue_label_seq_id      49 
_pdbx_modification_feature.modified_residue_label_alt_id      ? 
_pdbx_modification_feature.auth_comp_id                       CYS 
_pdbx_modification_feature.auth_asym_id                       B 
_pdbx_modification_feature.auth_seq_id                        25 
_pdbx_modification_feature.PDB_ins_code                       ? 
_pdbx_modification_feature.symmetry                           1_555 
_pdbx_modification_feature.modified_residue_auth_comp_id      CYS 
_pdbx_modification_feature.modified_residue_auth_asym_id      B 
_pdbx_modification_feature.modified_residue_auth_seq_id       66 
_pdbx_modification_feature.modified_residue_PDB_ins_code      ? 
_pdbx_modification_feature.modified_residue_symmetry          1_555 
_pdbx_modification_feature.comp_id_linking_atom               SG 
_pdbx_modification_feature.modified_residue_id_linking_atom   SG 
_pdbx_modification_feature.modified_residue_id                . 
_pdbx_modification_feature.ref_pcm_id                         . 
_pdbx_modification_feature.ref_comp_id                        . 
_pdbx_modification_feature.type                               None 
_pdbx_modification_feature.category                           'Disulfide bridge' 
# 
loop_
_struct_sheet.id 
_struct_sheet.type 
_struct_sheet.number_strands 
_struct_sheet.details 
AA1 ? 7 ? 
AA2 ? 2 ? 
# 
loop_
_struct_sheet_order.sheet_id 
_struct_sheet_order.range_id_1 
_struct_sheet_order.range_id_2 
_struct_sheet_order.offset 
_struct_sheet_order.sense 
AA1 1 2 ? anti-parallel 
AA1 2 3 ? anti-parallel 
AA1 3 4 ? anti-parallel 
AA1 4 5 ? anti-parallel 
AA1 5 6 ? anti-parallel 
AA1 6 7 ? anti-parallel 
AA2 1 2 ? anti-parallel 
# 
loop_
_struct_sheet_range.sheet_id 
_struct_sheet_range.id 
_struct_sheet_range.beg_label_comp_id 
_struct_sheet_range.beg_label_asym_id 
_struct_sheet_range.beg_label_seq_id 
_struct_sheet_range.pdbx_beg_PDB_ins_code 
_struct_sheet_range.end_label_comp_id 
_struct_sheet_range.end_label_asym_id 
_struct_sheet_range.end_label_seq_id 
_struct_sheet_range.pdbx_end_PDB_ins_code 
_struct_sheet_range.beg_auth_comp_id 
_struct_sheet_range.beg_auth_asym_id 
_struct_sheet_range.beg_auth_seq_id 
_struct_sheet_range.end_auth_comp_id 
_struct_sheet_range.end_auth_asym_id 
_struct_sheet_range.end_auth_seq_id 
AA1 1 ALA A 67 ? SER A 73 ? ALA A 252 SER A 258 
AA1 2 LYS A 3  ? VAL A 10 ? LYS A 188 VAL A 195 
AA1 3 LYS A 43 ? TYR A 49 ? LYS A 228 TYR A 234 
AA1 4 VAL A 31 ? VAL A 37 ? VAL A 216 VAL A 222 
AA1 5 VAL B 20 ? ARG B 26 ? VAL B 37  ARG B 43  
AA1 6 PHE B 7  ? ASP B 12 ? PHE B 24  ASP B 29  
AA1 7 LEU B 63 ? TYR B 68 ? LEU B 80  TYR B 85  
AA2 1 THR B 30 ? ALA B 35 ? THR B 47  ALA B 52  
AA2 2 HIS B 38 ? GLU B 43 ? HIS B 55  GLU B 60  
# 
loop_
_pdbx_struct_sheet_hbond.sheet_id 
_pdbx_struct_sheet_hbond.range_id_1 
_pdbx_struct_sheet_hbond.range_id_2 
_pdbx_struct_sheet_hbond.range_1_label_atom_id 
_pdbx_struct_sheet_hbond.range_1_label_comp_id 
_pdbx_struct_sheet_hbond.range_1_label_asym_id 
_pdbx_struct_sheet_hbond.range_1_label_seq_id 
_pdbx_struct_sheet_hbond.range_1_PDB_ins_code 
_pdbx_struct_sheet_hbond.range_1_auth_atom_id 
_pdbx_struct_sheet_hbond.range_1_auth_comp_id 
_pdbx_struct_sheet_hbond.range_1_auth_asym_id 
_pdbx_struct_sheet_hbond.range_1_auth_seq_id 
_pdbx_struct_sheet_hbond.range_2_label_atom_id 
_pdbx_struct_sheet_hbond.range_2_label_comp_id 
_pdbx_struct_sheet_hbond.range_2_label_asym_id 
_pdbx_struct_sheet_hbond.range_2_label_seq_id 
_pdbx_struct_sheet_hbond.range_2_PDB_ins_code 
_pdbx_struct_sheet_hbond.range_2_auth_atom_id 
_pdbx_struct_sheet_hbond.range_2_auth_comp_id 
_pdbx_struct_sheet_hbond.range_2_auth_asym_id 
_pdbx_struct_sheet_hbond.range_2_auth_seq_id 
AA1 1 2 O SER A 73 ? O SER A 258 N LYS A 5  ? N LYS A 190 
AA1 2 3 N GLN A 4  ? N GLN A 189 O GLY A 48 ? O GLY A 233 
AA1 3 4 O VAL A 47 ? O VAL A 232 N ASP A 32 ? N ASP A 217 
AA1 4 5 N ASP A 32 ? N ASP A 217 O ARG B 26 ? O ARG B 43  
AA1 5 6 O LEU B 22 ? O LEU B 39  N TYR B 10 ? N TYR B 27  
AA1 6 7 N PHE B 7  ? N PHE B 24  O TYR B 68 ? O TYR B 85  
AA2 1 2 N ILE B 33 ? N ILE B 50  O PHE B 40 ? O PHE B 57  
# 
_pdbx_entry_details.entry_id                   6Q76 
_pdbx_entry_details.compound_details           ? 
_pdbx_entry_details.source_details             ? 
_pdbx_entry_details.nonpolymer_details         ? 
_pdbx_entry_details.sequence_details           ? 
_pdbx_entry_details.has_ligand_of_interest     ? 
_pdbx_entry_details.has_protein_modification   Y 
# 
_pdbx_validate_rmsd_angle.id                         1 
_pdbx_validate_rmsd_angle.PDB_model_num              1 
_pdbx_validate_rmsd_angle.auth_atom_id_1             CB 
_pdbx_validate_rmsd_angle.auth_asym_id_1             A 
_pdbx_validate_rmsd_angle.auth_comp_id_1             GLN 
_pdbx_validate_rmsd_angle.auth_seq_id_1              259 
_pdbx_validate_rmsd_angle.PDB_ins_code_1             ? 
_pdbx_validate_rmsd_angle.label_alt_id_1             ? 
_pdbx_validate_rmsd_angle.auth_atom_id_2             CA 
_pdbx_validate_rmsd_angle.auth_asym_id_2             A 
_pdbx_validate_rmsd_angle.auth_comp_id_2             GLN 
_pdbx_validate_rmsd_angle.auth_seq_id_2              259 
_pdbx_validate_rmsd_angle.PDB_ins_code_2             ? 
_pdbx_validate_rmsd_angle.label_alt_id_2             ? 
_pdbx_validate_rmsd_angle.auth_atom_id_3             C 
_pdbx_validate_rmsd_angle.auth_asym_id_3             A 
_pdbx_validate_rmsd_angle.auth_comp_id_3             GLN 
_pdbx_validate_rmsd_angle.auth_seq_id_3              259 
_pdbx_validate_rmsd_angle.PDB_ins_code_3             ? 
_pdbx_validate_rmsd_angle.label_alt_id_3             ? 
_pdbx_validate_rmsd_angle.angle_value                122.53 
_pdbx_validate_rmsd_angle.angle_target_value         110.40 
_pdbx_validate_rmsd_angle.angle_deviation            12.13 
_pdbx_validate_rmsd_angle.angle_standard_deviation   2.00 
_pdbx_validate_rmsd_angle.linker_flag                N 
# 
loop_
_pdbx_validate_torsion.id 
_pdbx_validate_torsion.PDB_model_num 
_pdbx_validate_torsion.auth_comp_id 
_pdbx_validate_torsion.auth_asym_id 
_pdbx_validate_torsion.auth_seq_id 
_pdbx_validate_torsion.PDB_ins_code 
_pdbx_validate_torsion.label_alt_id 
_pdbx_validate_torsion.phi 
_pdbx_validate_torsion.psi 
1 1 VAL A 249 ? ? -120.11 -59.67 
2 1 GLN A 259 ? ? -100.90 62.12  
# 
_pdbx_validate_planes.id              1 
_pdbx_validate_planes.PDB_model_num   1 
_pdbx_validate_planes.auth_comp_id    ARG 
_pdbx_validate_planes.auth_asym_id    B 
_pdbx_validate_planes.auth_seq_id     23 
_pdbx_validate_planes.PDB_ins_code    ? 
_pdbx_validate_planes.label_alt_id    ? 
_pdbx_validate_planes.rmsd            0.105 
_pdbx_validate_planes.type            'SIDE CHAIN' 
# 
loop_
_pdbx_unobs_or_zero_occ_residues.id 
_pdbx_unobs_or_zero_occ_residues.PDB_model_num 
_pdbx_unobs_or_zero_occ_residues.polymer_flag 
_pdbx_unobs_or_zero_occ_residues.occupancy_flag 
_pdbx_unobs_or_zero_occ_residues.auth_asym_id 
_pdbx_unobs_or_zero_occ_residues.auth_comp_id 
_pdbx_unobs_or_zero_occ_residues.auth_seq_id 
_pdbx_unobs_or_zero_occ_residues.PDB_ins_code 
_pdbx_unobs_or_zero_occ_residues.label_asym_id 
_pdbx_unobs_or_zero_occ_residues.label_comp_id 
_pdbx_unobs_or_zero_occ_residues.label_seq_id 
1 1 Y 1 A GLY 199 ? A GLY 14 
2 1 Y 1 A ASN 200 ? A ASN 15 
# 
loop_
_chem_comp_atom.comp_id 
_chem_comp_atom.atom_id 
_chem_comp_atom.type_symbol 
_chem_comp_atom.pdbx_aromatic_flag 
_chem_comp_atom.pdbx_stereo_config 
_chem_comp_atom.pdbx_ordinal 
ALA N    N N N 1   
ALA CA   C N S 2   
ALA C    C N N 3   
ALA O    O N N 4   
ALA CB   C N N 5   
ALA OXT  O N N 6   
ALA H    H N N 7   
ALA H2   H N N 8   
ALA HA   H N N 9   
ALA HB1  H N N 10  
ALA HB2  H N N 11  
ALA HB3  H N N 12  
ALA HXT  H N N 13  
ARG N    N N N 14  
ARG CA   C N S 15  
ARG C    C N N 16  
ARG O    O N N 17  
ARG CB   C N N 18  
ARG CG   C N N 19  
ARG CD   C N N 20  
ARG NE   N N N 21  
ARG CZ   C N N 22  
ARG NH1  N N N 23  
ARG NH2  N N N 24  
ARG OXT  O N N 25  
ARG H    H N N 26  
ARG H2   H N N 27  
ARG HA   H N N 28  
ARG HB2  H N N 29  
ARG HB3  H N N 30  
ARG HG2  H N N 31  
ARG HG3  H N N 32  
ARG HD2  H N N 33  
ARG HD3  H N N 34  
ARG HE   H N N 35  
ARG HH11 H N N 36  
ARG HH12 H N N 37  
ARG HH21 H N N 38  
ARG HH22 H N N 39  
ARG HXT  H N N 40  
ASN N    N N N 41  
ASN CA   C N S 42  
ASN C    C N N 43  
ASN O    O N N 44  
ASN CB   C N N 45  
ASN CG   C N N 46  
ASN OD1  O N N 47  
ASN ND2  N N N 48  
ASN OXT  O N N 49  
ASN H    H N N 50  
ASN H2   H N N 51  
ASN HA   H N N 52  
ASN HB2  H N N 53  
ASN HB3  H N N 54  
ASN HD21 H N N 55  
ASN HD22 H N N 56  
ASN HXT  H N N 57  
ASP N    N N N 58  
ASP CA   C N S 59  
ASP C    C N N 60  
ASP O    O N N 61  
ASP CB   C N N 62  
ASP CG   C N N 63  
ASP OD1  O N N 64  
ASP OD2  O N N 65  
ASP OXT  O N N 66  
ASP H    H N N 67  
ASP H2   H N N 68  
ASP HA   H N N 69  
ASP HB2  H N N 70  
ASP HB3  H N N 71  
ASP HD2  H N N 72  
ASP HXT  H N N 73  
CYS N    N N N 74  
CYS CA   C N R 75  
CYS C    C N N 76  
CYS O    O N N 77  
CYS CB   C N N 78  
CYS SG   S N N 79  
CYS OXT  O N N 80  
CYS H    H N N 81  
CYS H2   H N N 82  
CYS HA   H N N 83  
CYS HB2  H N N 84  
CYS HB3  H N N 85  
CYS HG   H N N 86  
CYS HXT  H N N 87  
GLN N    N N N 88  
GLN CA   C N S 89  
GLN C    C N N 90  
GLN O    O N N 91  
GLN CB   C N N 92  
GLN CG   C N N 93  
GLN CD   C N N 94  
GLN OE1  O N N 95  
GLN NE2  N N N 96  
GLN OXT  O N N 97  
GLN H    H N N 98  
GLN H2   H N N 99  
GLN HA   H N N 100 
GLN HB2  H N N 101 
GLN HB3  H N N 102 
GLN HG2  H N N 103 
GLN HG3  H N N 104 
GLN HE21 H N N 105 
GLN HE22 H N N 106 
GLN HXT  H N N 107 
GLU N    N N N 108 
GLU CA   C N S 109 
GLU C    C N N 110 
GLU O    O N N 111 
GLU CB   C N N 112 
GLU CG   C N N 113 
GLU CD   C N N 114 
GLU OE1  O N N 115 
GLU OE2  O N N 116 
GLU OXT  O N N 117 
GLU H    H N N 118 
GLU H2   H N N 119 
GLU HA   H N N 120 
GLU HB2  H N N 121 
GLU HB3  H N N 122 
GLU HG2  H N N 123 
GLU HG3  H N N 124 
GLU HE2  H N N 125 
GLU HXT  H N N 126 
GLY N    N N N 127 
GLY CA   C N N 128 
GLY C    C N N 129 
GLY O    O N N 130 
GLY OXT  O N N 131 
GLY H    H N N 132 
GLY H2   H N N 133 
GLY HA2  H N N 134 
GLY HA3  H N N 135 
GLY HXT  H N N 136 
HIS N    N N N 137 
HIS CA   C N S 138 
HIS C    C N N 139 
HIS O    O N N 140 
HIS CB   C N N 141 
HIS CG   C Y N 142 
HIS ND1  N Y N 143 
HIS CD2  C Y N 144 
HIS CE1  C Y N 145 
HIS NE2  N Y N 146 
HIS OXT  O N N 147 
HIS H    H N N 148 
HIS H2   H N N 149 
HIS HA   H N N 150 
HIS HB2  H N N 151 
HIS HB3  H N N 152 
HIS HD1  H N N 153 
HIS HD2  H N N 154 
HIS HE1  H N N 155 
HIS HE2  H N N 156 
HIS HXT  H N N 157 
HOH O    O N N 158 
HOH H1   H N N 159 
HOH H2   H N N 160 
ILE N    N N N 161 
ILE CA   C N S 162 
ILE C    C N N 163 
ILE O    O N N 164 
ILE CB   C N S 165 
ILE CG1  C N N 166 
ILE CG2  C N N 167 
ILE CD1  C N N 168 
ILE OXT  O N N 169 
ILE H    H N N 170 
ILE H2   H N N 171 
ILE HA   H N N 172 
ILE HB   H N N 173 
ILE HG12 H N N 174 
ILE HG13 H N N 175 
ILE HG21 H N N 176 
ILE HG22 H N N 177 
ILE HG23 H N N 178 
ILE HD11 H N N 179 
ILE HD12 H N N 180 
ILE HD13 H N N 181 
ILE HXT  H N N 182 
LEU N    N N N 183 
LEU CA   C N S 184 
LEU C    C N N 185 
LEU O    O N N 186 
LEU CB   C N N 187 
LEU CG   C N N 188 
LEU CD1  C N N 189 
LEU CD2  C N N 190 
LEU OXT  O N N 191 
LEU H    H N N 192 
LEU H2   H N N 193 
LEU HA   H N N 194 
LEU HB2  H N N 195 
LEU HB3  H N N 196 
LEU HG   H N N 197 
LEU HD11 H N N 198 
LEU HD12 H N N 199 
LEU HD13 H N N 200 
LEU HD21 H N N 201 
LEU HD22 H N N 202 
LEU HD23 H N N 203 
LEU HXT  H N N 204 
LYS N    N N N 205 
LYS CA   C N S 206 
LYS C    C N N 207 
LYS O    O N N 208 
LYS CB   C N N 209 
LYS CG   C N N 210 
LYS CD   C N N 211 
LYS CE   C N N 212 
LYS NZ   N N N 213 
LYS OXT  O N N 214 
LYS H    H N N 215 
LYS H2   H N N 216 
LYS HA   H N N 217 
LYS HB2  H N N 218 
LYS HB3  H N N 219 
LYS HG2  H N N 220 
LYS HG3  H N N 221 
LYS HD2  H N N 222 
LYS HD3  H N N 223 
LYS HE2  H N N 224 
LYS HE3  H N N 225 
LYS HZ1  H N N 226 
LYS HZ2  H N N 227 
LYS HZ3  H N N 228 
LYS HXT  H N N 229 
MET N    N N N 230 
MET CA   C N S 231 
MET C    C N N 232 
MET O    O N N 233 
MET CB   C N N 234 
MET CG   C N N 235 
MET SD   S N N 236 
MET CE   C N N 237 
MET OXT  O N N 238 
MET H    H N N 239 
MET H2   H N N 240 
MET HA   H N N 241 
MET HB2  H N N 242 
MET HB3  H N N 243 
MET HG2  H N N 244 
MET HG3  H N N 245 
MET HE1  H N N 246 
MET HE2  H N N 247 
MET HE3  H N N 248 
MET HXT  H N N 249 
PHE N    N N N 250 
PHE CA   C N S 251 
PHE C    C N N 252 
PHE O    O N N 253 
PHE CB   C N N 254 
PHE CG   C Y N 255 
PHE CD1  C Y N 256 
PHE CD2  C Y N 257 
PHE CE1  C Y N 258 
PHE CE2  C Y N 259 
PHE CZ   C Y N 260 
PHE OXT  O N N 261 
PHE H    H N N 262 
PHE H2   H N N 263 
PHE HA   H N N 264 
PHE HB2  H N N 265 
PHE HB3  H N N 266 
PHE HD1  H N N 267 
PHE HD2  H N N 268 
PHE HE1  H N N 269 
PHE HE2  H N N 270 
PHE HZ   H N N 271 
PHE HXT  H N N 272 
PRO N    N N N 273 
PRO CA   C N S 274 
PRO C    C N N 275 
PRO O    O N N 276 
PRO CB   C N N 277 
PRO CG   C N N 278 
PRO CD   C N N 279 
PRO OXT  O N N 280 
PRO H    H N N 281 
PRO HA   H N N 282 
PRO HB2  H N N 283 
PRO HB3  H N N 284 
PRO HG2  H N N 285 
PRO HG3  H N N 286 
PRO HD2  H N N 287 
PRO HD3  H N N 288 
PRO HXT  H N N 289 
SER N    N N N 290 
SER CA   C N S 291 
SER C    C N N 292 
SER O    O N N 293 
SER CB   C N N 294 
SER OG   O N N 295 
SER OXT  O N N 296 
SER H    H N N 297 
SER H2   H N N 298 
SER HA   H N N 299 
SER HB2  H N N 300 
SER HB3  H N N 301 
SER HG   H N N 302 
SER HXT  H N N 303 
THR N    N N N 304 
THR CA   C N S 305 
THR C    C N N 306 
THR O    O N N 307 
THR CB   C N R 308 
THR OG1  O N N 309 
THR CG2  C N N 310 
THR OXT  O N N 311 
THR H    H N N 312 
THR H2   H N N 313 
THR HA   H N N 314 
THR HB   H N N 315 
THR HG1  H N N 316 
THR HG21 H N N 317 
THR HG22 H N N 318 
THR HG23 H N N 319 
THR HXT  H N N 320 
TRP N    N N N 321 
TRP CA   C N S 322 
TRP C    C N N 323 
TRP O    O N N 324 
TRP CB   C N N 325 
TRP CG   C Y N 326 
TRP CD1  C Y N 327 
TRP CD2  C Y N 328 
TRP NE1  N Y N 329 
TRP CE2  C Y N 330 
TRP CE3  C Y N 331 
TRP CZ2  C Y N 332 
TRP CZ3  C Y N 333 
TRP CH2  C Y N 334 
TRP OXT  O N N 335 
TRP H    H N N 336 
TRP H2   H N N 337 
TRP HA   H N N 338 
TRP HB2  H N N 339 
TRP HB3  H N N 340 
TRP HD1  H N N 341 
TRP HE1  H N N 342 
TRP HE3  H N N 343 
TRP HZ2  H N N 344 
TRP HZ3  H N N 345 
TRP HH2  H N N 346 
TRP HXT  H N N 347 
TYR N    N N N 348 
TYR CA   C N S 349 
TYR C    C N N 350 
TYR O    O N N 351 
TYR CB   C N N 352 
TYR CG   C Y N 353 
TYR CD1  C Y N 354 
TYR CD2  C Y N 355 
TYR CE1  C Y N 356 
TYR CE2  C Y N 357 
TYR CZ   C Y N 358 
TYR OH   O N N 359 
TYR OXT  O N N 360 
TYR H    H N N 361 
TYR H2   H N N 362 
TYR HA   H N N 363 
TYR HB2  H N N 364 
TYR HB3  H N N 365 
TYR HD1  H N N 366 
TYR HD2  H N N 367 
TYR HE1  H N N 368 
TYR HE2  H N N 369 
TYR HH   H N N 370 
TYR HXT  H N N 371 
VAL N    N N N 372 
VAL CA   C N S 373 
VAL C    C N N 374 
VAL O    O N N 375 
VAL CB   C N N 376 
VAL CG1  C N N 377 
VAL CG2  C N N 378 
VAL OXT  O N N 379 
VAL H    H N N 380 
VAL H2   H N N 381 
VAL HA   H N N 382 
VAL HB   H N N 383 
VAL HG11 H N N 384 
VAL HG12 H N N 385 
VAL HG13 H N N 386 
VAL HG21 H N N 387 
VAL HG22 H N N 388 
VAL HG23 H N N 389 
VAL HXT  H N N 390 
# 
loop_
_chem_comp_bond.comp_id 
_chem_comp_bond.atom_id_1 
_chem_comp_bond.atom_id_2 
_chem_comp_bond.value_order 
_chem_comp_bond.pdbx_aromatic_flag 
_chem_comp_bond.pdbx_stereo_config 
_chem_comp_bond.pdbx_ordinal 
ALA N   CA   sing N N 1   
ALA N   H    sing N N 2   
ALA N   H2   sing N N 3   
ALA CA  C    sing N N 4   
ALA CA  CB   sing N N 5   
ALA CA  HA   sing N N 6   
ALA C   O    doub N N 7   
ALA C   OXT  sing N N 8   
ALA CB  HB1  sing N N 9   
ALA CB  HB2  sing N N 10  
ALA CB  HB3  sing N N 11  
ALA OXT HXT  sing N N 12  
ARG N   CA   sing N N 13  
ARG N   H    sing N N 14  
ARG N   H2   sing N N 15  
ARG CA  C    sing N N 16  
ARG CA  CB   sing N N 17  
ARG CA  HA   sing N N 18  
ARG C   O    doub N N 19  
ARG C   OXT  sing N N 20  
ARG CB  CG   sing N N 21  
ARG CB  HB2  sing N N 22  
ARG CB  HB3  sing N N 23  
ARG CG  CD   sing N N 24  
ARG CG  HG2  sing N N 25  
ARG CG  HG3  sing N N 26  
ARG CD  NE   sing N N 27  
ARG CD  HD2  sing N N 28  
ARG CD  HD3  sing N N 29  
ARG NE  CZ   sing N N 30  
ARG NE  HE   sing N N 31  
ARG CZ  NH1  sing N N 32  
ARG CZ  NH2  doub N N 33  
ARG NH1 HH11 sing N N 34  
ARG NH1 HH12 sing N N 35  
ARG NH2 HH21 sing N N 36  
ARG NH2 HH22 sing N N 37  
ARG OXT HXT  sing N N 38  
ASN N   CA   sing N N 39  
ASN N   H    sing N N 40  
ASN N   H2   sing N N 41  
ASN CA  C    sing N N 42  
ASN CA  CB   sing N N 43  
ASN CA  HA   sing N N 44  
ASN C   O    doub N N 45  
ASN C   OXT  sing N N 46  
ASN CB  CG   sing N N 47  
ASN CB  HB2  sing N N 48  
ASN CB  HB3  sing N N 49  
ASN CG  OD1  doub N N 50  
ASN CG  ND2  sing N N 51  
ASN ND2 HD21 sing N N 52  
ASN ND2 HD22 sing N N 53  
ASN OXT HXT  sing N N 54  
ASP N   CA   sing N N 55  
ASP N   H    sing N N 56  
ASP N   H2   sing N N 57  
ASP CA  C    sing N N 58  
ASP CA  CB   sing N N 59  
ASP CA  HA   sing N N 60  
ASP C   O    doub N N 61  
ASP C   OXT  sing N N 62  
ASP CB  CG   sing N N 63  
ASP CB  HB2  sing N N 64  
ASP CB  HB3  sing N N 65  
ASP CG  OD1  doub N N 66  
ASP CG  OD2  sing N N 67  
ASP OD2 HD2  sing N N 68  
ASP OXT HXT  sing N N 69  
CYS N   CA   sing N N 70  
CYS N   H    sing N N 71  
CYS N   H2   sing N N 72  
CYS CA  C    sing N N 73  
CYS CA  CB   sing N N 74  
CYS CA  HA   sing N N 75  
CYS C   O    doub N N 76  
CYS C   OXT  sing N N 77  
CYS CB  SG   sing N N 78  
CYS CB  HB2  sing N N 79  
CYS CB  HB3  sing N N 80  
CYS SG  HG   sing N N 81  
CYS OXT HXT  sing N N 82  
GLN N   CA   sing N N 83  
GLN N   H    sing N N 84  
GLN N   H2   sing N N 85  
GLN CA  C    sing N N 86  
GLN CA  CB   sing N N 87  
GLN CA  HA   sing N N 88  
GLN C   O    doub N N 89  
GLN C   OXT  sing N N 90  
GLN CB  CG   sing N N 91  
GLN CB  HB2  sing N N 92  
GLN CB  HB3  sing N N 93  
GLN CG  CD   sing N N 94  
GLN CG  HG2  sing N N 95  
GLN CG  HG3  sing N N 96  
GLN CD  OE1  doub N N 97  
GLN CD  NE2  sing N N 98  
GLN NE2 HE21 sing N N 99  
GLN NE2 HE22 sing N N 100 
GLN OXT HXT  sing N N 101 
GLU N   CA   sing N N 102 
GLU N   H    sing N N 103 
GLU N   H2   sing N N 104 
GLU CA  C    sing N N 105 
GLU CA  CB   sing N N 106 
GLU CA  HA   sing N N 107 
GLU C   O    doub N N 108 
GLU C   OXT  sing N N 109 
GLU CB  CG   sing N N 110 
GLU CB  HB2  sing N N 111 
GLU CB  HB3  sing N N 112 
GLU CG  CD   sing N N 113 
GLU CG  HG2  sing N N 114 
GLU CG  HG3  sing N N 115 
GLU CD  OE1  doub N N 116 
GLU CD  OE2  sing N N 117 
GLU OE2 HE2  sing N N 118 
GLU OXT HXT  sing N N 119 
GLY N   CA   sing N N 120 
GLY N   H    sing N N 121 
GLY N   H2   sing N N 122 
GLY CA  C    sing N N 123 
GLY CA  HA2  sing N N 124 
GLY CA  HA3  sing N N 125 
GLY C   O    doub N N 126 
GLY C   OXT  sing N N 127 
GLY OXT HXT  sing N N 128 
HIS N   CA   sing N N 129 
HIS N   H    sing N N 130 
HIS N   H2   sing N N 131 
HIS CA  C    sing N N 132 
HIS CA  CB   sing N N 133 
HIS CA  HA   sing N N 134 
HIS C   O    doub N N 135 
HIS C   OXT  sing N N 136 
HIS CB  CG   sing N N 137 
HIS CB  HB2  sing N N 138 
HIS CB  HB3  sing N N 139 
HIS CG  ND1  sing Y N 140 
HIS CG  CD2  doub Y N 141 
HIS ND1 CE1  doub Y N 142 
HIS ND1 HD1  sing N N 143 
HIS CD2 NE2  sing Y N 144 
HIS CD2 HD2  sing N N 145 
HIS CE1 NE2  sing Y N 146 
HIS CE1 HE1  sing N N 147 
HIS NE2 HE2  sing N N 148 
HIS OXT HXT  sing N N 149 
HOH O   H1   sing N N 150 
HOH O   H2   sing N N 151 
ILE N   CA   sing N N 152 
ILE N   H    sing N N 153 
ILE N   H2   sing N N 154 
ILE CA  C    sing N N 155 
ILE CA  CB   sing N N 156 
ILE CA  HA   sing N N 157 
ILE C   O    doub N N 158 
ILE C   OXT  sing N N 159 
ILE CB  CG1  sing N N 160 
ILE CB  CG2  sing N N 161 
ILE CB  HB   sing N N 162 
ILE CG1 CD1  sing N N 163 
ILE CG1 HG12 sing N N 164 
ILE CG1 HG13 sing N N 165 
ILE CG2 HG21 sing N N 166 
ILE CG2 HG22 sing N N 167 
ILE CG2 HG23 sing N N 168 
ILE CD1 HD11 sing N N 169 
ILE CD1 HD12 sing N N 170 
ILE CD1 HD13 sing N N 171 
ILE OXT HXT  sing N N 172 
LEU N   CA   sing N N 173 
LEU N   H    sing N N 174 
LEU N   H2   sing N N 175 
LEU CA  C    sing N N 176 
LEU CA  CB   sing N N 177 
LEU CA  HA   sing N N 178 
LEU C   O    doub N N 179 
LEU C   OXT  sing N N 180 
LEU CB  CG   sing N N 181 
LEU CB  HB2  sing N N 182 
LEU CB  HB3  sing N N 183 
LEU CG  CD1  sing N N 184 
LEU CG  CD2  sing N N 185 
LEU CG  HG   sing N N 186 
LEU CD1 HD11 sing N N 187 
LEU CD1 HD12 sing N N 188 
LEU CD1 HD13 sing N N 189 
LEU CD2 HD21 sing N N 190 
LEU CD2 HD22 sing N N 191 
LEU CD2 HD23 sing N N 192 
LEU OXT HXT  sing N N 193 
LYS N   CA   sing N N 194 
LYS N   H    sing N N 195 
LYS N   H2   sing N N 196 
LYS CA  C    sing N N 197 
LYS CA  CB   sing N N 198 
LYS CA  HA   sing N N 199 
LYS C   O    doub N N 200 
LYS C   OXT  sing N N 201 
LYS CB  CG   sing N N 202 
LYS CB  HB2  sing N N 203 
LYS CB  HB3  sing N N 204 
LYS CG  CD   sing N N 205 
LYS CG  HG2  sing N N 206 
LYS CG  HG3  sing N N 207 
LYS CD  CE   sing N N 208 
LYS CD  HD2  sing N N 209 
LYS CD  HD3  sing N N 210 
LYS CE  NZ   sing N N 211 
LYS CE  HE2  sing N N 212 
LYS CE  HE3  sing N N 213 
LYS NZ  HZ1  sing N N 214 
LYS NZ  HZ2  sing N N 215 
LYS NZ  HZ3  sing N N 216 
LYS OXT HXT  sing N N 217 
MET N   CA   sing N N 218 
MET N   H    sing N N 219 
MET N   H2   sing N N 220 
MET CA  C    sing N N 221 
MET CA  CB   sing N N 222 
MET CA  HA   sing N N 223 
MET C   O    doub N N 224 
MET C   OXT  sing N N 225 
MET CB  CG   sing N N 226 
MET CB  HB2  sing N N 227 
MET CB  HB3  sing N N 228 
MET CG  SD   sing N N 229 
MET CG  HG2  sing N N 230 
MET CG  HG3  sing N N 231 
MET SD  CE   sing N N 232 
MET CE  HE1  sing N N 233 
MET CE  HE2  sing N N 234 
MET CE  HE3  sing N N 235 
MET OXT HXT  sing N N 236 
PHE N   CA   sing N N 237 
PHE N   H    sing N N 238 
PHE N   H2   sing N N 239 
PHE CA  C    sing N N 240 
PHE CA  CB   sing N N 241 
PHE CA  HA   sing N N 242 
PHE C   O    doub N N 243 
PHE C   OXT  sing N N 244 
PHE CB  CG   sing N N 245 
PHE CB  HB2  sing N N 246 
PHE CB  HB3  sing N N 247 
PHE CG  CD1  doub Y N 248 
PHE CG  CD2  sing Y N 249 
PHE CD1 CE1  sing Y N 250 
PHE CD1 HD1  sing N N 251 
PHE CD2 CE2  doub Y N 252 
PHE CD2 HD2  sing N N 253 
PHE CE1 CZ   doub Y N 254 
PHE CE1 HE1  sing N N 255 
PHE CE2 CZ   sing Y N 256 
PHE CE2 HE2  sing N N 257 
PHE CZ  HZ   sing N N 258 
PHE OXT HXT  sing N N 259 
PRO N   CA   sing N N 260 
PRO N   CD   sing N N 261 
PRO N   H    sing N N 262 
PRO CA  C    sing N N 263 
PRO CA  CB   sing N N 264 
PRO CA  HA   sing N N 265 
PRO C   O    doub N N 266 
PRO C   OXT  sing N N 267 
PRO CB  CG   sing N N 268 
PRO CB  HB2  sing N N 269 
PRO CB  HB3  sing N N 270 
PRO CG  CD   sing N N 271 
PRO CG  HG2  sing N N 272 
PRO CG  HG3  sing N N 273 
PRO CD  HD2  sing N N 274 
PRO CD  HD3  sing N N 275 
PRO OXT HXT  sing N N 276 
SER N   CA   sing N N 277 
SER N   H    sing N N 278 
SER N   H2   sing N N 279 
SER CA  C    sing N N 280 
SER CA  CB   sing N N 281 
SER CA  HA   sing N N 282 
SER C   O    doub N N 283 
SER C   OXT  sing N N 284 
SER CB  OG   sing N N 285 
SER CB  HB2  sing N N 286 
SER CB  HB3  sing N N 287 
SER OG  HG   sing N N 288 
SER OXT HXT  sing N N 289 
THR N   CA   sing N N 290 
THR N   H    sing N N 291 
THR N   H2   sing N N 292 
THR CA  C    sing N N 293 
THR CA  CB   sing N N 294 
THR CA  HA   sing N N 295 
THR C   O    doub N N 296 
THR C   OXT  sing N N 297 
THR CB  OG1  sing N N 298 
THR CB  CG2  sing N N 299 
THR CB  HB   sing N N 300 
THR OG1 HG1  sing N N 301 
THR CG2 HG21 sing N N 302 
THR CG2 HG22 sing N N 303 
THR CG2 HG23 sing N N 304 
THR OXT HXT  sing N N 305 
TRP N   CA   sing N N 306 
TRP N   H    sing N N 307 
TRP N   H2   sing N N 308 
TRP CA  C    sing N N 309 
TRP CA  CB   sing N N 310 
TRP CA  HA   sing N N 311 
TRP C   O    doub N N 312 
TRP C   OXT  sing N N 313 
TRP CB  CG   sing N N 314 
TRP CB  HB2  sing N N 315 
TRP CB  HB3  sing N N 316 
TRP CG  CD1  doub Y N 317 
TRP CG  CD2  sing Y N 318 
TRP CD1 NE1  sing Y N 319 
TRP CD1 HD1  sing N N 320 
TRP CD2 CE2  doub Y N 321 
TRP CD2 CE3  sing Y N 322 
TRP NE1 CE2  sing Y N 323 
TRP NE1 HE1  sing N N 324 
TRP CE2 CZ2  sing Y N 325 
TRP CE3 CZ3  doub Y N 326 
TRP CE3 HE3  sing N N 327 
TRP CZ2 CH2  doub Y N 328 
TRP CZ2 HZ2  sing N N 329 
TRP CZ3 CH2  sing Y N 330 
TRP CZ3 HZ3  sing N N 331 
TRP CH2 HH2  sing N N 332 
TRP OXT HXT  sing N N 333 
TYR N   CA   sing N N 334 
TYR N   H    sing N N 335 
TYR N   H2   sing N N 336 
TYR CA  C    sing N N 337 
TYR CA  CB   sing N N 338 
TYR CA  HA   sing N N 339 
TYR C   O    doub N N 340 
TYR C   OXT  sing N N 341 
TYR CB  CG   sing N N 342 
TYR CB  HB2  sing N N 343 
TYR CB  HB3  sing N N 344 
TYR CG  CD1  doub Y N 345 
TYR CG  CD2  sing Y N 346 
TYR CD1 CE1  sing Y N 347 
TYR CD1 HD1  sing N N 348 
TYR CD2 CE2  doub Y N 349 
TYR CD2 HD2  sing N N 350 
TYR CE1 CZ   doub Y N 351 
TYR CE1 HE1  sing N N 352 
TYR CE2 CZ   sing Y N 353 
TYR CE2 HE2  sing N N 354 
TYR CZ  OH   sing N N 355 
TYR OH  HH   sing N N 356 
TYR OXT HXT  sing N N 357 
VAL N   CA   sing N N 358 
VAL N   H    sing N N 359 
VAL N   H2   sing N N 360 
VAL CA  C    sing N N 361 
VAL CA  CB   sing N N 362 
VAL CA  HA   sing N N 363 
VAL C   O    doub N N 364 
VAL C   OXT  sing N N 365 
VAL CB  CG1  sing N N 366 
VAL CB  CG2  sing N N 367 
VAL CB  HB   sing N N 368 
VAL CG1 HG11 sing N N 369 
VAL CG1 HG12 sing N N 370 
VAL CG1 HG13 sing N N 371 
VAL CG2 HG21 sing N N 372 
VAL CG2 HG22 sing N N 373 
VAL CG2 HG23 sing N N 374 
VAL OXT HXT  sing N N 375 
# 
loop_
_pdbx_audit_support.funding_organization 
_pdbx_audit_support.country 
_pdbx_audit_support.grant_number 
_pdbx_audit_support.ordinal 
'Biotechnology and Biological Sciences Research Council' ? ? 1 
'European Research Council'                              ? ? 2 
# 
loop_
_pdbx_initial_refinement_model.id 
_pdbx_initial_refinement_model.entity_id_list 
_pdbx_initial_refinement_model.type 
_pdbx_initial_refinement_model.source_name 
_pdbx_initial_refinement_model.accession_code 
_pdbx_initial_refinement_model.details 
1 ? 'experimental model' PDB 2MYW '2MYW, 5A6P' 
2 ? 'experimental model' PDB 5A6P '2MYW, 5A6P' 
# 
_atom_sites.entry_id                    6Q76 
_atom_sites.fract_transf_matrix[1][1]   -0.00286982 
_atom_sites.fract_transf_matrix[1][2]   0.02340284 
_atom_sites.fract_transf_matrix[1][3]   -0.01636165 
_atom_sites.fract_transf_matrix[2][1]   -0.00865933 
_atom_sites.fract_transf_matrix[2][2]   0.00877756 
_atom_sites.fract_transf_matrix[2][3]   0.01407380 
_atom_sites.fract_transf_matrix[3][1]   0.00747630 
_atom_sites.fract_transf_matrix[3][2]   0.00287793 
_atom_sites.fract_transf_matrix[3][3]   0.00280511 
_atom_sites.fract_transf_vector[1]      -0.810379 
_atom_sites.fract_transf_vector[2]      1.427908 
_atom_sites.fract_transf_vector[3]      1.153658 
# 
loop_
_atom_type.symbol 
C 
N 
O 
S 
# 
loop_
_atom_site.group_PDB 
_atom_site.id 
_atom_site.type_symbol 
_atom_site.label_atom_id 
_atom_site.label_alt_id 
_atom_site.label_comp_id 
_atom_site.label_asym_id 
_atom_site.label_entity_id 
_atom_site.label_seq_id 
_atom_site.pdbx_PDB_ins_code 
_atom_site.Cartn_x 
_atom_site.Cartn_y 
_atom_site.Cartn_z 
_atom_site.occupancy 
_atom_site.B_iso_or_equiv 
_atom_site.pdbx_formal_charge 
_atom_site.auth_seq_id 
_atom_site.auth_comp_id 
_atom_site.auth_asym_id 
_atom_site.auth_atom_id 
_atom_site.pdbx_PDB_model_num 
ATOM   1    N N   . GLY A 1 1  ? -15.952 4.748   10.902  1.00 87.26  ? 186 GLY A N   1 
ATOM   2    C CA  . GLY A 1 1  ? -16.851 3.727   11.522  1.00 83.36  ? 186 GLY A CA  1 
ATOM   3    C C   . GLY A 1 1  ? -16.344 2.303   11.322  1.00 83.72  ? 186 GLY A C   1 
ATOM   4    O O   . GLY A 1 1  ? -15.655 1.738   12.201  1.00 80.68  ? 186 GLY A O   1 
ATOM   5    N N   . LEU A 1 2  ? -16.695 1.708   10.172  1.00 77.90  ? 187 LEU A N   1 
ATOM   6    C CA  . LEU A 1 2  ? -16.382 0.296   9.904   1.00 78.11  ? 187 LEU A CA  1 
ATOM   7    C C   . LEU A 1 2  ? -15.155 0.190   8.983   1.00 62.93  ? 187 LEU A C   1 
ATOM   8    O O   . LEU A 1 2  ? -15.021 0.904   7.979   1.00 55.72  ? 187 LEU A O   1 
ATOM   9    C CB  . LEU A 1 2  ? -17.601 -0.434  9.324   1.00 84.19  ? 187 LEU A CB  1 
ATOM   10   C CG  . LEU A 1 2  ? -18.176 -1.569  10.189  1.00 96.62  ? 187 LEU A CG  1 
ATOM   11   C CD1 . LEU A 1 2  ? -19.197 -2.388  9.404   1.00 98.56  ? 187 LEU A CD1 1 
ATOM   12   C CD2 . LEU A 1 2  ? -17.083 -2.488  10.751  1.00 89.93  ? 187 LEU A CD2 1 
ATOM   13   N N   . LYS A 1 3  ? -14.253 -0.721  9.360   1.00 59.84  ? 188 LYS A N   1 
ATOM   14   C CA  . LYS A 1 3  ? -13.040 -0.963  8.633   1.00 57.47  ? 188 LYS A CA  1 
ATOM   15   C C   . LYS A 1 3  ? -13.411 -1.599  7.294   1.00 46.51  ? 188 LYS A C   1 
ATOM   16   O O   . LYS A 1 3  ? -14.125 -2.566  7.255   1.00 49.52  ? 188 LYS A O   1 
ATOM   17   C CB  . LYS A 1 3  ? -12.086 -1.884  9.403   1.00 59.25  ? 188 LYS A CB  1 
ATOM   18   C CG  . LYS A 1 3  ? -10.761 -2.113  8.683   1.00 60.46  ? 188 LYS A CG  1 
ATOM   19   C CD  . LYS A 1 3  ? -9.780  -3.012  9.387   1.00 61.61  ? 188 LYS A CD  1 
ATOM   20   C CE  . LYS A 1 3  ? -8.548  -2.257  9.825   1.00 70.72  ? 188 LYS A CE  1 
ATOM   21   N NZ  . LYS A 1 3  ? -7.681  -3.097  10.684  1.00 77.87  ? 188 LYS A NZ  1 
ATOM   22   N N   . GLN A 1 4  ? -12.910 -1.024  6.211   1.00 42.56  ? 189 GLN A N   1 
ATOM   23   C CA  . GLN A 1 4  ? -13.150 -1.526  4.897   1.00 41.05  ? 189 GLN A CA  1 
ATOM   24   C C   . GLN A 1 4  ? -11.965 -2.318  4.365   1.00 39.86  ? 189 GLN A C   1 
ATOM   25   O O   . GLN A 1 4  ? -10.784 -2.016  4.610   1.00 43.92  ? 189 GLN A O   1 
ATOM   26   C CB  . GLN A 1 4  ? -13.370 -0.354  3.959   1.00 43.06  ? 189 GLN A CB  1 
ATOM   27   C CG  . GLN A 1 4  ? -14.514 0.547   4.425   1.00 51.68  ? 189 GLN A CG  1 
ATOM   28   C CD  . GLN A 1 4  ? -14.425 1.896   3.742   1.00 48.62  ? 189 GLN A CD  1 
ATOM   29   O OE1 . GLN A 1 4  ? -13.590 2.731   4.072   1.00 46.65  ? 189 GLN A OE1 1 
ATOM   30   N NE2 . GLN A 1 4  ? -15.223 2.070   2.708   1.00 49.56  ? 189 GLN A NE2 1 
ATOM   31   N N   . LYS A 1 5  ? -12.301 -3.245  3.489   1.00 38.98  ? 190 LYS A N   1 
ATOM   32   C CA  . LYS A 1 5  ? -11.389 -3.807  2.542   1.00 43.16  ? 190 LYS A CA  1 
ATOM   33   C C   . LYS A 1 5  ? -11.962 -3.634  1.137   1.00 39.77  ? 190 LYS A C   1 
ATOM   34   O O   . LYS A 1 5  ? -13.080 -4.054  0.877   1.00 42.02  ? 190 LYS A O   1 
ATOM   35   C CB  . LYS A 1 5  ? -11.168 -5.286  2.851   1.00 49.13  ? 190 LYS A CB  1 
ATOM   36   C CG  . LYS A 1 5  ? -10.122 -5.984  1.973   1.00 53.34  ? 190 LYS A CG  1 
ATOM   37   C CD  . LYS A 1 5  ? -10.030 -7.481  2.237   1.00 59.30  ? 190 LYS A CD  1 
ATOM   38   C CE  . LYS A 1 5  ? -8.738  -8.109  1.765   1.00 74.87  ? 190 LYS A CE  1 
ATOM   39   N NZ  . LYS A 1 5  ? -8.821  -9.593  1.718   1.00 84.53  ? 190 LYS A NZ  1 
ATOM   40   N N   . ILE A 1 6  ? -11.153 -3.111  0.230   1.00 38.07  ? 191 ILE A N   1 
ATOM   41   C CA  . ILE A 1 6  ? -11.503 -2.928  -1.180  1.00 38.45  ? 191 ILE A CA  1 
ATOM   42   C C   . ILE A 1 6  ? -10.401 -3.502  -2.084  1.00 42.58  ? 191 ILE A C   1 
ATOM   43   O O   . ILE A 1 6  ? -9.252  -3.142  -1.935  1.00 42.11  ? 191 ILE A O   1 
ATOM   44   C CB  . ILE A 1 6  ? -11.731 -1.424  -1.430  1.00 41.65  ? 191 ILE A CB  1 
ATOM   45   C CG1 . ILE A 1 6  ? -12.891 -0.888  -0.581  1.00 47.67  ? 191 ILE A CG1 1 
ATOM   46   C CG2 . ILE A 1 6  ? -11.927 -1.146  -2.903  1.00 41.37  ? 191 ILE A CG2 1 
ATOM   47   C CD1 . ILE A 1 6  ? -12.932 0.617   -0.454  1.00 46.11  ? 191 ILE A CD1 1 
ATOM   48   N N   . VAL A 1 7  ? -10.756 -4.377  -3.040  1.00 38.36  ? 192 VAL A N   1 
ATOM   49   C CA  . VAL A 1 7  ? -9.830  -4.869  -4.034  1.00 41.20  ? 192 VAL A CA  1 
ATOM   50   C C   . VAL A 1 7  ? -10.256 -4.386  -5.419  1.00 43.63  ? 192 VAL A C   1 
ATOM   51   O O   . VAL A 1 7  ? -11.419 -4.518  -5.827  1.00 44.55  ? 192 VAL A O   1 
ATOM   52   C CB  . VAL A 1 7  ? -9.708  -6.403  -3.986  1.00 41.06  ? 192 VAL A CB  1 
ATOM   53   C CG1 . VAL A 1 7  ? -8.629  -6.882  -4.926  1.00 43.25  ? 192 VAL A CG1 1 
ATOM   54   C CG2 . VAL A 1 7  ? -9.413  -6.889  -2.581  1.00 40.29  ? 192 VAL A CG2 1 
ATOM   55   N N   . ILE A 1 8  ? -9.290  -3.828  -6.140  1.00 43.12  ? 193 ILE A N   1 
ATOM   56   C CA  . ILE A 1 8  ? -9.491  -3.261  -7.450  1.00 43.77  ? 193 ILE A CA  1 
ATOM   57   C C   . ILE A 1 8  ? -8.472  -3.901  -8.396  1.00 47.99  ? 193 ILE A C   1 
ATOM   58   O O   . ILE A 1 8  ? -7.271  -3.953  -8.081  1.00 47.91  ? 193 ILE A O   1 
ATOM   59   C CB  . ILE A 1 8  ? -9.345  -1.742  -7.399  1.00 42.39  ? 193 ILE A CB  1 
ATOM   60   C CG1 . ILE A 1 8  ? -10.286 -1.123  -6.371  1.00 50.87  ? 193 ILE A CG1 1 
ATOM   61   C CG2 . ILE A 1 8  ? -9.526  -1.111  -8.766  1.00 47.20  ? 193 ILE A CG2 1 
ATOM   62   C CD1 . ILE A 1 8  ? -10.242 0.373   -6.345  1.00 50.41  ? 193 ILE A CD1 1 
ATOM   63   N N   . LYS A 1 9  ? -8.958  -4.408  -9.535  1.00 50.41  ? 194 LYS A N   1 
ATOM   64   C CA  . LYS A 1 9  ? -8.077  -4.876  -10.592 1.00 53.26  ? 194 LYS A CA  1 
ATOM   65   C C   . LYS A 1 9  ? -7.822  -3.685  -11.507 1.00 55.24  ? 194 LYS A C   1 
ATOM   66   O O   . LYS A 1 9  ? -8.751  -2.994  -11.883 1.00 48.91  ? 194 LYS A O   1 
ATOM   67   C CB  . LYS A 1 9  ? -8.679  -6.033  -11.385 1.00 65.24  ? 194 LYS A CB  1 
ATOM   68   C CG  . LYS A 1 9  ? -7.703  -6.684  -12.353 1.00 67.94  ? 194 LYS A CG  1 
ATOM   69   C CD  . LYS A 1 9  ? -8.283  -7.889  -13.053 1.00 77.62  ? 194 LYS A CD  1 
ATOM   70   C CE  . LYS A 1 9  ? -8.772  -7.558  -14.443 1.00 82.33  ? 194 LYS A CE  1 
ATOM   71   N NZ  . LYS A 1 9  ? -9.161  -8.790  -15.162 1.00 94.17  ? 194 LYS A NZ  1 
ATOM   72   N N   . VAL A 1 10 ? -6.553  -3.429  -11.807 1.00 48.05  ? 195 VAL A N   1 
ATOM   73   C CA  . VAL A 1 10 ? -6.185  -2.281  -12.576 1.00 56.10  ? 195 VAL A CA  1 
ATOM   74   C C   . VAL A 1 10 ? -5.260  -2.780  -13.679 1.00 57.86  ? 195 VAL A C   1 
ATOM   75   O O   . VAL A 1 10 ? -4.420  -3.678  -13.449 1.00 62.08  ? 195 VAL A O   1 
ATOM   76   C CB  . VAL A 1 10 ? -5.500  -1.197  -11.717 1.00 59.54  ? 195 VAL A CB  1 
ATOM   77   C CG1 . VAL A 1 10 ? -5.311  0.105   -12.484 1.00 63.61  ? 195 VAL A CG1 1 
ATOM   78   C CG2 . VAL A 1 10 ? -6.243  -0.937  -10.421 1.00 64.19  ? 195 VAL A CG2 1 
ATOM   79   N N   . ALA A 1 11 ? -5.455  -2.211  -14.869 1.00 59.81  ? 196 ALA A N   1 
ATOM   80   C CA  . ALA A 1 11 ? -4.598  -2.442  -16.018 1.00 65.86  ? 196 ALA A CA  1 
ATOM   81   C C   . ALA A 1 11 ? -3.436  -1.444  -15.944 1.00 74.19  ? 196 ALA A C   1 
ATOM   82   O O   . ALA A 1 11 ? -3.635  -0.207  -16.085 1.00 65.28  ? 196 ALA A O   1 
ATOM   83   C CB  . ALA A 1 11 ? -5.388  -2.301  -17.297 1.00 69.37  ? 196 ALA A CB  1 
ATOM   84   N N   . MET A 1 12 ? -2.248  -1.984  -15.655 1.00 70.46  ? 197 MET A N   1 
ATOM   85   C CA  . MET A 1 12 ? -1.074  -1.184  -15.368 1.00 86.88  ? 197 MET A CA  1 
ATOM   86   C C   . MET A 1 12 ? 0.183   -1.947  -15.820 1.00 98.33  ? 197 MET A C   1 
ATOM   87   O O   . MET A 1 12 ? 1.028   -2.343  -15.010 1.00 106.62 ? 197 MET A O   1 
ATOM   88   C CB  . MET A 1 12 ? -1.026  -0.809  -13.877 1.00 84.53  ? 197 MET A CB  1 
ATOM   89   C CG  . MET A 1 12 ? -1.315  -1.956  -12.906 1.00 79.29  ? 197 MET A CG  1 
ATOM   90   S SD  . MET A 1 12 ? -1.525  -1.342  -11.216 1.00 72.23  ? 197 MET A SD  1 
ATOM   91   C CE  . MET A 1 12 ? -2.030  -2.844  -10.379 1.00 73.01  ? 197 MET A CE  1 
ATOM   92   N N   . GLU A 1 13 ? 0.285   -2.136  -17.143 1.00 98.10  ? 198 GLU A N   1 
ATOM   93   C CA  . GLU A 1 13 ? 1.444   -2.752  -17.791 1.00 104.96 ? 198 GLU A CA  1 
ATOM   94   C C   . GLU A 1 13 ? 2.220   -1.675  -18.565 1.00 90.70  ? 198 GLU A C   1 
ATOM   95   O O   . GLU A 1 13 ? 2.929   -0.861  -17.975 1.00 77.76  ? 198 GLU A O   1 
ATOM   96   C CB  . GLU A 1 13 ? 0.989   -3.878  -18.725 1.00 111.82 ? 198 GLU A CB  1 
ATOM   97   C CG  . GLU A 1 13 ? 0.192   -4.974  -18.034 1.00 112.80 ? 198 GLU A CG  1 
ATOM   98   C CD  . GLU A 1 13 ? 0.981   -5.863  -17.082 1.00 116.69 ? 198 GLU A CD  1 
ATOM   99   O OE1 . GLU A 1 13 ? 0.353   -6.446  -16.176 1.00 126.51 ? 198 GLU A OE1 1 
ATOM   100  O OE2 . GLU A 1 13 ? 2.215   -5.980  -17.248 1.00 111.98 ? 198 GLU A OE2 1 
ATOM   101  N N   . ASN A 1 16 ? 6.238   1.763   -13.263 1.00 96.95  ? 201 ASN A N   1 
ATOM   102  C CA  . ASN A 1 16 ? 5.788   3.122   -13.468 1.00 88.96  ? 201 ASN A CA  1 
ATOM   103  C C   . ASN A 1 16 ? 4.260   3.177   -13.325 1.00 85.18  ? 201 ASN A C   1 
ATOM   104  O O   . ASN A 1 16 ? 3.761   3.989   -12.556 1.00 70.25  ? 201 ASN A O   1 
ATOM   105  C CB  . ASN A 1 16 ? 6.264   3.675   -14.811 1.00 86.72  ? 201 ASN A CB  1 
ATOM   106  C CG  . ASN A 1 16 ? 5.774   2.866   -15.995 1.00 81.26  ? 201 ASN A CG  1 
ATOM   107  O OD1 . ASN A 1 16 ? 4.646   3.036   -16.440 1.00 85.32  ? 201 ASN A OD1 1 
ATOM   108  N ND2 . ASN A 1 16 ? 6.621   2.004   -16.532 1.00 89.43  ? 201 ASN A ND2 1 
ATOM   109  N N   . CYS A 1 17 ? 3.519   2.314   -14.042 1.00 79.67  ? 202 CYS A N   1 
ATOM   110  C CA  . CYS A 1 17 ? 2.030   2.353   -13.989 1.00 73.27  ? 202 CYS A CA  1 
ATOM   111  C C   . CYS A 1 17 ? 1.522   1.827   -12.635 1.00 69.00  ? 202 CYS A C   1 
ATOM   112  O O   . CYS A 1 17 ? 0.570   2.387   -12.082 1.00 62.04  ? 202 CYS A O   1 
ATOM   113  C CB  . CYS A 1 17 ? 1.397   1.602   -15.154 1.00 85.41  ? 202 CYS A CB  1 
ATOM   114  S SG  . CYS A 1 17 ? 0.488   2.698   -16.275 1.00 97.00  ? 202 CYS A SG  1 
ATOM   115  N N   . ARG A 1 18 ? 2.173   0.767   -12.118 1.00 59.02  ? 203 ARG A N   1 
ATOM   116  C CA  . ARG A 1 18 ? 1.908   0.197   -10.812 1.00 61.79  ? 203 ARG A CA  1 
ATOM   117  C C   . ARG A 1 18 ? 2.205   1.224   -9.710  1.00 65.08  ? 203 ARG A C   1 
ATOM   118  O O   . ARG A 1 18 ? 1.419   1.367   -8.766  1.00 60.00  ? 203 ARG A O   1 
ATOM   119  C CB  . ARG A 1 18 ? 2.724   -1.077  -10.577 1.00 60.72  ? 203 ARG A CB  1 
ATOM   120  C CG  . ARG A 1 18 ? 2.234   -2.274  -11.374 1.00 65.14  ? 203 ARG A CG  1 
ATOM   121  C CD  . ARG A 1 18 ? 2.920   -3.565  -10.987 1.00 70.96  ? 203 ARG A CD  1 
ATOM   122  N NE  . ARG A 1 18 ? 2.199   -4.706  -11.538 1.00 78.19  ? 203 ARG A NE  1 
ATOM   123  C CZ  . ARG A 1 18 ? 2.071   -4.979  -12.839 1.00 83.43  ? 203 ARG A CZ  1 
ATOM   124  N NH1 . ARG A 1 18 ? 2.656   -4.211  -13.743 1.00 90.78  ? 203 ARG A NH1 1 
ATOM   125  N NH2 . ARG A 1 18 ? 1.363   -6.026  -13.233 1.00 80.69  ? 203 ARG A NH2 1 
ATOM   126  N N   . SER A 1 19 ? 3.346   1.913   -9.828  1.00 62.33  ? 204 SER A N   1 
ATOM   127  C CA  . SER A 1 19 ? 3.775   2.879   -8.827  1.00 61.62  ? 204 SER A CA  1 
ATOM   128  C C   . SER A 1 19 ? 2.804   4.064   -8.781  1.00 58.31  ? 204 SER A C   1 
ATOM   129  O O   . SER A 1 19 ? 2.481   4.588   -7.728  1.00 60.69  ? 204 SER A O   1 
ATOM   130  C CB  . SER A 1 19 ? 5.193   3.343   -9.087  1.00 66.31  ? 204 SER A CB  1 
ATOM   131  O OG  . SER A 1 19 ? 5.428   4.580   -8.425  1.00 70.66  ? 204 SER A OG  1 
ATOM   132  N N   . LYS A 1 20 ? 2.368   4.498   -9.959  1.00 61.55  ? 205 LYS A N   1 
ATOM   133  C CA  . LYS A 1 20 ? 1.446   5.632   -10.112 1.00 60.35  ? 205 LYS A CA  1 
ATOM   134  C C   . LYS A 1 20 ? 0.093   5.294   -9.466  1.00 50.82  ? 205 LYS A C   1 
ATOM   135  O O   . LYS A 1 20 ? -0.485  6.086   -8.711  1.00 52.07  ? 205 LYS A O   1 
ATOM   136  C CB  . LYS A 1 20 ? 1.351   5.903   -11.619 1.00 62.15  ? 205 LYS A CB  1 
ATOM   137  C CG  . LYS A 1 20 ? 0.530   7.108   -12.065 1.00 70.47  ? 205 LYS A CG  1 
ATOM   138  C CD  . LYS A 1 20 ? 0.888   7.545   -13.498 1.00 76.28  ? 205 LYS A CD  1 
ATOM   139  C CE  . LYS A 1 20 ? -0.285  8.018   -14.337 1.00 80.96  ? 205 LYS A CE  1 
ATOM   140  N NZ  . LYS A 1 20 ? -0.849  9.291   -13.827 1.00 83.22  ? 205 LYS A NZ  1 
ATOM   141  N N   . ALA A 1 21 ? -0.410  4.104   -9.803  1.00 55.06  ? 206 ALA A N   1 
ATOM   142  C CA  . ALA A 1 21 ? -1.706  3.611   -9.343  1.00 53.85  ? 206 ALA A CA  1 
ATOM   143  C C   . ALA A 1 21 ? -1.678  3.550   -7.822  1.00 53.91  ? 206 ALA A C   1 
ATOM   144  O O   . ALA A 1 21 ? -2.593  4.044   -7.188  1.00 45.32  ? 206 ALA A O   1 
ATOM   145  C CB  . ALA A 1 21 ? -2.012  2.261   -9.944  1.00 54.73  ? 206 ALA A CB  1 
ATOM   146  N N   . MET A 1 22 ? -0.579  3.000   -7.286  1.00 47.72  ? 207 MET A N   1 
ATOM   147  C CA  . MET A 1 22 ? -0.419  2.754   -5.844  1.00 52.58  ? 207 MET A CA  1 
ATOM   148  C C   . MET A 1 22 ? -0.350  4.081   -5.094  1.00 48.20  ? 207 MET A C   1 
ATOM   149  O O   . MET A 1 22 ? -0.958  4.233   -4.044  1.00 44.01  ? 207 MET A O   1 
ATOM   150  C CB  . MET A 1 22 ? 0.848   1.938   -5.544  1.00 48.73  ? 207 MET A CB  1 
ATOM   151  C CG  . MET A 1 22 ? 0.757   0.527   -6.005  1.00 46.01  ? 207 MET A CG  1 
ATOM   152  S SD  . MET A 1 22 ? -0.227  -0.489  -4.888  1.00 54.64  ? 207 MET A SD  1 
ATOM   153  C CE  . MET A 1 22 ? 0.858   -0.680  -3.475  1.00 52.24  ? 207 MET A CE  1 
ATOM   154  N N   . ALA A 1 23 ? 0.333   5.072   -5.669  1.00 56.06  ? 208 ALA A N   1 
ATOM   155  C CA  . ALA A 1 23 ? 0.459   6.355   -4.992  1.00 51.51  ? 208 ALA A CA  1 
ATOM   156  C C   . ALA A 1 23 ? -0.895  7.098   -5.005  1.00 50.42  ? 208 ALA A C   1 
ATOM   157  O O   . ALA A 1 23 ? -1.292  7.732   -4.020  1.00 48.26  ? 208 ALA A O   1 
ATOM   158  C CB  . ALA A 1 23 ? 1.570   7.173   -5.635  1.00 53.09  ? 208 ALA A CB  1 
ATOM   159  N N   . LEU A 1 24 ? -1.603  7.033   -6.136  1.00 51.42  ? 209 LEU A N   1 
ATOM   160  C CA  . LEU A 1 24 ? -2.974  7.611   -6.229  1.00 53.46  ? 209 LEU A CA  1 
ATOM   161  C C   . LEU A 1 24 ? -3.842  7.007   -5.122  1.00 43.66  ? 209 LEU A C   1 
ATOM   162  O O   . LEU A 1 24 ? -4.437  7.705   -4.329  1.00 47.64  ? 209 LEU A O   1 
ATOM   163  C CB  . LEU A 1 24 ? -3.549  7.325   -7.618  1.00 53.39  ? 209 LEU A CB  1 
ATOM   164  C CG  . LEU A 1 24 ? -4.902  7.969   -7.939  1.00 58.14  ? 209 LEU A CG  1 
ATOM   165  C CD1 . LEU A 1 24 ? -5.139  7.937   -9.449  1.00 65.73  ? 209 LEU A CD1 1 
ATOM   166  C CD2 . LEU A 1 24 ? -6.050  7.276   -7.209  1.00 57.83  ? 209 LEU A CD2 1 
ATOM   167  N N   . VAL A 1 25 ? -3.835  5.677   -4.999  1.00 44.74  ? 210 VAL A N   1 
ATOM   168  C CA  . VAL A 1 25 ? -4.645  5.055   -3.942  1.00 43.89  ? 210 VAL A CA  1 
ATOM   169  C C   . VAL A 1 25 ? -4.196  5.541   -2.554  1.00 45.46  ? 210 VAL A C   1 
ATOM   170  O O   . VAL A 1 25 ? -5.021  5.906   -1.725  1.00 40.44  ? 210 VAL A O   1 
ATOM   171  C CB  . VAL A 1 25 ? -4.613  3.524   -4.043  1.00 45.69  ? 210 VAL A CB  1 
ATOM   172  C CG1 . VAL A 1 25 ? -5.336  2.896   -2.880  1.00 42.65  ? 210 VAL A CG1 1 
ATOM   173  C CG2 . VAL A 1 25 ? -5.152  3.033   -5.395  1.00 46.92  ? 210 VAL A CG2 1 
ATOM   174  N N   . ALA A 1 26 ? -2.883  5.547   -2.279  1.00 46.05  ? 211 ALA A N   1 
ATOM   175  C CA  . ALA A 1 26 ? -2.381  5.971   -0.944  1.00 50.32  ? 211 ALA A CA  1 
ATOM   176  C C   . ALA A 1 26 ? -2.871  7.383   -0.552  1.00 48.77  ? 211 ALA A C   1 
ATOM   177  O O   . ALA A 1 26 ? -3.112  7.724   0.667   1.00 52.00  ? 211 ALA A O   1 
ATOM   178  C CB  . ALA A 1 26 ? -0.872  5.905   -0.969  1.00 52.78  ? 211 ALA A CB  1 
ATOM   179  N N   . SER A 1 27 ? -3.008  8.226   -1.569  1.00 47.97  ? 212 SER A N   1 
ATOM   180  C CA  . SER A 1 27 ? -3.382  9.634   -1.442  1.00 54.13  ? 212 SER A CA  1 
ATOM   181  C C   . SER A 1 27 ? -4.898  9.842   -1.369  1.00 56.23  ? 212 SER A C   1 
ATOM   182  O O   . SER A 1 27 ? -5.355  10.973  -1.271  1.00 55.61  ? 212 SER A O   1 
ATOM   183  C CB  . SER A 1 27 ? -2.793  10.411  -2.600  1.00 58.59  ? 212 SER A CB  1 
ATOM   184  O OG  . SER A 1 27 ? -1.378  10.466  -2.449  1.00 65.17  ? 212 SER A OG  1 
ATOM   185  N N   . THR A 1 28 ? -5.671  8.757   -1.424  1.00 51.99  ? 213 THR A N   1 
ATOM   186  C CA  . THR A 1 28 ? -7.114  8.831   -1.329  1.00 46.52  ? 213 THR A CA  1 
ATOM   187  C C   . THR A 1 28 ? -7.543  8.945   0.148   1.00 45.55  ? 213 THR A C   1 
ATOM   188  O O   . THR A 1 28 ? -6.979  8.323   1.071   1.00 44.40  ? 213 THR A O   1 
ATOM   189  C CB  . THR A 1 28 ? -7.753  7.635   -2.042  1.00 47.02  ? 213 THR A CB  1 
ATOM   190  O OG1 . THR A 1 28 ? -7.294  7.657   -3.404  1.00 46.25  ? 213 THR A OG1 1 
ATOM   191  C CG2 . THR A 1 28 ? -9.268  7.656   -1.954  1.00 48.48  ? 213 THR A CG2 1 
ATOM   192  N N   . GLY A 1 29 ? -8.591  9.731   0.393   1.00 46.41  ? 214 GLY A N   1 
ATOM   193  C CA  . GLY A 1 29 ? -9.177  9.897   1.754   1.00 43.87  ? 214 GLY A CA  1 
ATOM   194  C C   . GLY A 1 29 ? -9.544  8.589   2.439   1.00 42.64  ? 214 GLY A C   1 
ATOM   195  O O   . GLY A 1 29 ? -10.204 7.710   1.851   1.00 40.58  ? 214 GLY A O   1 
ATOM   196  N N   . GLY A 1 30 ? -9.128  8.460   3.707   1.00 42.73  ? 215 GLY A N   1 
ATOM   197  C CA  . GLY A 1 30 ? -9.489  7.315   4.558   1.00 50.81  ? 215 GLY A CA  1 
ATOM   198  C C   . GLY A 1 30 ? -8.544  6.106   4.464   1.00 45.74  ? 215 GLY A C   1 
ATOM   199  O O   . GLY A 1 30 ? -8.726  5.131   5.209   1.00 44.39  ? 215 GLY A O   1 
ATOM   200  N N   . VAL A 1 31 ? -7.584  6.097   3.530   1.00 45.36  ? 216 VAL A N   1 
ATOM   201  C CA  . VAL A 1 31 ? -6.756  4.882   3.311   1.00 40.36  ? 216 VAL A CA  1 
ATOM   202  C C   . VAL A 1 31 ? -5.722  4.741   4.439   1.00 39.40  ? 216 VAL A C   1 
ATOM   203  O O   . VAL A 1 31 ? -5.053  5.684   4.793   1.00 41.73  ? 216 VAL A O   1 
ATOM   204  C CB  . VAL A 1 31 ? -6.099  4.912   1.920   1.00 41.69  ? 216 VAL A CB  1 
ATOM   205  C CG1 . VAL A 1 31 ? -5.011  3.855   1.801   1.00 45.78  ? 216 VAL A CG1 1 
ATOM   206  C CG2 . VAL A 1 31 ? -7.128  4.803   0.790   1.00 39.96  ? 216 VAL A CG2 1 
ATOM   207  N N   . ASP A 1 32 ? -5.653  3.549   5.044   1.00 37.86  ? 217 ASP A N   1 
ATOM   208  C CA  . ASP A 1 32 ? -4.576  3.164   5.960   1.00 39.93  ? 217 ASP A CA  1 
ATOM   209  C C   . ASP A 1 32 ? -3.478  2.295   5.282   1.00 40.23  ? 217 ASP A C   1 
ATOM   210  O O   . ASP A 1 32 ? -2.303  2.429   5.657   1.00 38.16  ? 217 ASP A O   1 
ATOM   211  C CB  . ASP A 1 32 ? -5.109  2.386   7.155   1.00 39.80  ? 217 ASP A CB  1 
ATOM   212  C CG  . ASP A 1 32 ? -6.001  3.207   8.068   1.00 42.69  ? 217 ASP A CG  1 
ATOM   213  O OD1 . ASP A 1 32 ? -5.852  4.436   8.095   1.00 42.62  ? 217 ASP A OD1 1 
ATOM   214  O OD2 . ASP A 1 32 ? -6.828  2.604   8.725   1.00 48.60  ? 217 ASP A OD2 1 
ATOM   215  N N   . SER A 1 33 ? -3.839  1.352   4.412   1.00 38.34  ? 218 SER A N   1 
ATOM   216  C CA  . SER A 1 33 ? -2.806  0.613   3.667   1.00 40.68  ? 218 SER A CA  1 
ATOM   217  C C   . SER A 1 33 ? -3.242  0.311   2.233   1.00 43.40  ? 218 SER A C   1 
ATOM   218  O O   . SER A 1 33 ? -4.438  0.250   1.944   1.00 42.05  ? 218 SER A O   1 
ATOM   219  C CB  . SER A 1 33 ? -2.409  -0.629  4.432   1.00 38.15  ? 218 SER A CB  1 
ATOM   220  O OG  . SER A 1 33 ? -3.469  -1.551  4.462   1.00 40.98  ? 218 SER A OG  1 
ATOM   221  N N   . VAL A 1 34 ? -2.242  0.109   1.350   1.00 37.91  ? 219 VAL A N   1 
ATOM   222  C CA  . VAL A 1 34 ? -2.388  -0.230  -0.057  1.00 39.51  ? 219 VAL A CA  1 
ATOM   223  C C   . VAL A 1 34 ? -1.354  -1.306  -0.384  1.00 42.01  ? 219 VAL A C   1 
ATOM   224  O O   . VAL A 1 34 ? -0.154  -1.039  -0.197  1.00 39.89  ? 219 VAL A O   1 
ATOM   225  C CB  . VAL A 1 34 ? -2.116  0.971   -0.975  1.00 42.91  ? 219 VAL A CB  1 
ATOM   226  C CG1 . VAL A 1 34 ? -2.533  0.646   -2.388  1.00 46.36  ? 219 VAL A CG1 1 
ATOM   227  C CG2 . VAL A 1 34 ? -2.774  2.243   -0.477  1.00 48.48  ? 219 VAL A CG2 1 
ATOM   228  N N   . ALA A 1 35 ? -1.799  -2.474  -0.838  1.00 37.35  ? 220 ALA A N   1 
ATOM   229  C CA  . ALA A 1 35 ? -0.873  -3.527  -1.228  1.00 42.73  ? 220 ALA A CA  1 
ATOM   230  C C   . ALA A 1 35 ? -1.135  -3.921  -2.675  1.00 43.58  ? 220 ALA A C   1 
ATOM   231  O O   . ALA A 1 35 ? -2.300  -3.945  -3.101  1.00 42.15  ? 220 ALA A O   1 
ATOM   232  C CB  . ALA A 1 35 ? -1.032  -4.691  -0.269  1.00 43.07  ? 220 ALA A CB  1 
ATOM   233  N N   . LEU A 1 36 ? -0.069  -4.258  -3.419  1.00 50.14  ? 221 LEU A N   1 
ATOM   234  C CA  . LEU A 1 36 ? -0.190  -5.014  -4.669  1.00 49.72  ? 221 LEU A CA  1 
ATOM   235  C C   . LEU A 1 36 ? -0.399  -6.483  -4.342  1.00 56.77  ? 221 LEU A C   1 
ATOM   236  O O   . LEU A 1 36 ? 0.405   -7.035  -3.634  1.00 60.73  ? 221 LEU A O   1 
ATOM   237  C CB  . LEU A 1 36 ? 1.088   -4.876  -5.488  1.00 57.89  ? 221 LEU A CB  1 
ATOM   238  C CG  . LEU A 1 36 ? 1.201   -3.599  -6.300  1.00 66.97  ? 221 LEU A CG  1 
ATOM   239  C CD1 . LEU A 1 36 ? 2.573   -3.477  -6.960  1.00 65.67  ? 221 LEU A CD1 1 
ATOM   240  C CD2 . LEU A 1 36 ? 0.096   -3.539  -7.338  1.00 62.53  ? 221 LEU A CD2 1 
ATOM   241  N N   . VAL A 1 37 ? -1.418  -7.110  -4.937  1.00 58.06  ? 222 VAL A N   1 
ATOM   242  C CA  . VAL A 1 37 ? -1.679  -8.546  -4.773  1.00 61.16  ? 222 VAL A CA  1 
ATOM   243  C C   . VAL A 1 37 ? -1.932  -9.166  -6.163  1.00 60.79  ? 222 VAL A C   1 
ATOM   244  O O   . VAL A 1 37 ? -1.871  -8.486  -7.212  1.00 58.86  ? 222 VAL A O   1 
ATOM   245  C CB  . VAL A 1 37 ? -2.820  -8.841  -3.764  1.00 59.76  ? 222 VAL A CB  1 
ATOM   246  C CG1 . VAL A 1 37 ? -2.566  -8.185  -2.409  1.00 63.78  ? 222 VAL A CG1 1 
ATOM   247  C CG2 . VAL A 1 37 ? -4.199  -8.453  -4.278  1.00 63.50  ? 222 VAL A CG2 1 
ATOM   248  N N   . GLY A 1 38 ? -2.162  -10.486 -6.165  1.00 66.52  ? 223 GLY A N   1 
ATOM   249  C CA  . GLY A 1 38 ? -2.302  -11.280 -7.397  1.00 78.00  ? 223 GLY A CA  1 
ATOM   250  C C   . GLY A 1 38 ? -0.962  -11.780 -7.937  1.00 72.94  ? 223 GLY A C   1 
ATOM   251  O O   . GLY A 1 38 ? 0.105   -11.175 -7.691  1.00 57.69  ? 223 GLY A O   1 
ATOM   252  N N   . ASP A 1 39 ? -1.031  -12.881 -8.699  1.00 74.98  ? 224 ASP A N   1 
ATOM   253  C CA  . ASP A 1 39 ? 0.123   -13.476 -9.396  1.00 73.16  ? 224 ASP A CA  1 
ATOM   254  C C   . ASP A 1 39 ? 0.789   -12.427 -10.277 1.00 64.96  ? 224 ASP A C   1 
ATOM   255  O O   . ASP A 1 39 ? 1.996   -12.241 -10.234 1.00 74.39  ? 224 ASP A O   1 
ATOM   256  C CB  . ASP A 1 39 ? -0.298  -14.606 -10.339 1.00 83.28  ? 224 ASP A CB  1 
ATOM   257  C CG  . ASP A 1 39 ? -1.062  -15.716 -9.650  1.00 84.06  ? 224 ASP A CG  1 
ATOM   258  O OD1 . ASP A 1 39 ? -0.712  -16.027 -8.487  1.00 76.34  ? 224 ASP A OD1 1 
ATOM   259  O OD2 . ASP A 1 39 ? -2.003  -16.248 -10.283 1.00 87.72  ? 224 ASP A OD2 1 
ATOM   260  N N   . LEU A 1 40 ? -0.039  -11.757 -11.080 1.00 64.04  ? 225 LEU A N   1 
ATOM   261  C CA  . LEU A 1 40 ? 0.404   -10.774 -12.050 1.00 66.97  ? 225 LEU A CA  1 
ATOM   262  C C   . LEU A 1 40 ? 0.604   -9.415  -11.372 1.00 67.47  ? 225 LEU A C   1 
ATOM   263  O O   . LEU A 1 40 ? 0.925   -8.453  -12.056 1.00 61.94  ? 225 LEU A O   1 
ATOM   264  C CB  . LEU A 1 40 ? -0.648  -10.641 -13.159 1.00 79.33  ? 225 LEU A CB  1 
ATOM   265  C CG  . LEU A 1 40 ? -0.550  -11.612 -14.337 1.00 82.09  ? 225 LEU A CG  1 
ATOM   266  C CD1 . LEU A 1 40 ? -0.209  -13.026 -13.870 1.00 85.66  ? 225 LEU A CD1 1 
ATOM   267  C CD2 . LEU A 1 40 ? -1.856  -11.604 -15.135 1.00 77.05  ? 225 LEU A CD2 1 
ATOM   268  N N   . ARG A 1 41 ? 0.362   -9.330  -10.052 1.00 64.27  ? 226 ARG A N   1 
ATOM   269  C CA  . ARG A 1 41 ? 0.473   -8.057  -9.296  1.00 66.51  ? 226 ARG A CA  1 
ATOM   270  C C   . ARG A 1 41 ? -0.266  -6.949  -10.056 1.00 57.77  ? 226 ARG A C   1 
ATOM   271  O O   . ARG A 1 41 ? 0.297   -5.884  -10.317 1.00 53.45  ? 226 ARG A O   1 
ATOM   272  C CB  . ARG A 1 41 ? 1.943   -7.696  -9.049  1.00 68.52  ? 226 ARG A CB  1 
ATOM   273  C CG  . ARG A 1 41 ? 2.625   -8.565  -8.001  1.00 68.02  ? 226 ARG A CG  1 
ATOM   274  C CD  . ARG A 1 41 ? 4.124   -8.325  -7.983  1.00 74.79  ? 226 ARG A CD  1 
ATOM   275  N NE  . ARG A 1 41 ? 4.498   -7.052  -7.381  1.00 76.20  ? 226 ARG A NE  1 
ATOM   276  C CZ  . ARG A 1 41 ? 5.021   -6.012  -8.038  1.00 84.02  ? 226 ARG A CZ  1 
ATOM   277  N NH1 . ARG A 1 41 ? 5.074   -6.011  -9.362  1.00 82.79  ? 226 ARG A NH1 1 
ATOM   278  N NH2 . ARG A 1 41 ? 5.496   -4.973  -7.369  1.00 69.81  ? 226 ARG A NH2 1 
ATOM   279  N N   . ASP A 1 42 ? -1.530  -7.241  -10.402 1.00 63.21  ? 227 ASP A N   1 
ATOM   280  C CA  . ASP A 1 42 ? -2.406  -6.368  -11.205 1.00 62.60  ? 227 ASP A CA  1 
ATOM   281  C C   . ASP A 1 42 ? -3.652  -5.947  -10.404 1.00 62.16  ? 227 ASP A C   1 
ATOM   282  O O   . ASP A 1 42 ? -4.588  -5.376  -11.000 1.00 56.76  ? 227 ASP A O   1 
ATOM   283  C CB  . ASP A 1 42 ? -2.865  -7.086  -12.480 1.00 66.26  ? 227 ASP A CB  1 
ATOM   284  C CG  . ASP A 1 42 ? -3.648  -8.378  -12.256 1.00 72.86  ? 227 ASP A CG  1 
ATOM   285  O OD1 . ASP A 1 42 ? -3.541  -9.010  -11.153 1.00 65.11  ? 227 ASP A OD1 1 
ATOM   286  O OD2 . ASP A 1 42 ? -4.362  -8.751  -13.199 1.00 78.22  ? 227 ASP A OD2 1 
ATOM   287  N N   . LYS A 1 43 ? -3.688  -6.306  -9.106  1.00 51.18  ? 228 LYS A N   1 
ATOM   288  C CA  . LYS A 1 43 ? -4.780  -5.981  -8.182  1.00 47.53  ? 228 LYS A CA  1 
ATOM   289  C C   . LYS A 1 43 ? -4.230  -5.174  -7.000  1.00 48.51  ? 228 LYS A C   1 
ATOM   290  O O   . LYS A 1 43 ? -3.105  -5.409  -6.515  1.00 48.49  ? 228 LYS A O   1 
ATOM   291  C CB  . LYS A 1 43 ? -5.428  -7.250  -7.617  1.00 54.63  ? 228 LYS A CB  1 
ATOM   292  C CG  . LYS A 1 43 ? -6.179  -8.144  -8.613  1.00 58.97  ? 228 LYS A CG  1 
ATOM   293  C CD  . LYS A 1 43 ? -6.635  -9.451  -7.975  1.00 64.86  ? 228 LYS A CD  1 
ATOM   294  C CE  . LYS A 1 43 ? -6.331  -10.690 -8.792  1.00 76.99  ? 228 LYS A CE  1 
ATOM   295  N NZ  . LYS A 1 43 ? -7.230  -10.806 -9.964  1.00 81.75  ? 228 LYS A NZ  1 
ATOM   296  N N   . ILE A 1 44 ? -5.057  -4.263  -6.493  1.00 48.39  ? 229 ILE A N   1 
ATOM   297  C CA  . ILE A 1 44 ? -4.691  -3.424  -5.377  1.00 42.82  ? 229 ILE A CA  1 
ATOM   298  C C   . ILE A 1 44 ? -5.659  -3.712  -4.232  1.00 43.92  ? 229 ILE A C   1 
ATOM   299  O O   . ILE A 1 44 ? -6.870  -3.650  -4.413  1.00 43.77  ? 229 ILE A O   1 
ATOM   300  C CB  . ILE A 1 44 ? -4.694  -1.951  -5.821  1.00 46.69  ? 229 ILE A CB  1 
ATOM   301  C CG1 . ILE A 1 44 ? -3.623  -1.713  -6.887  1.00 49.02  ? 229 ILE A CG1 1 
ATOM   302  C CG2 . ILE A 1 44 ? -4.544  -1.014  -4.640  1.00 47.77  ? 229 ILE A CG2 1 
ATOM   303  C CD1 . ILE A 1 44 ? -3.609  -0.310  -7.469  1.00 47.61  ? 229 ILE A CD1 1 
ATOM   304  N N   . GLU A 1 45 ? -5.126  -4.025  -3.052  1.00 39.97  ? 230 GLU A N   1 
ATOM   305  C CA  . GLU A 1 45 ? -5.915  -4.182  -1.886  1.00 39.42  ? 230 GLU A CA  1 
ATOM   306  C C   . GLU A 1 45 ? -5.728  -2.940  -1.002  1.00 45.55  ? 230 GLU A C   1 
ATOM   307  O O   . GLU A 1 45 ? -4.598  -2.607  -0.609  1.00 43.13  ? 230 GLU A O   1 
ATOM   308  C CB  . GLU A 1 45 ? -5.486  -5.479  -1.222  1.00 42.83  ? 230 GLU A CB  1 
ATOM   309  C CG  . GLU A 1 45 ? -6.207  -5.784  0.060   1.00 49.08  ? 230 GLU A CG  1 
ATOM   310  C CD  . GLU A 1 45 ? -5.917  -7.195  0.553   1.00 63.16  ? 230 GLU A CD  1 
ATOM   311  O OE1 . GLU A 1 45 ? -5.631  -8.067  -0.301  1.00 66.86  ? 230 GLU A OE1 1 
ATOM   312  O OE2 . GLU A 1 45 ? -5.984  -7.427  1.788   1.00 72.95  ? 230 GLU A OE2 1 
ATOM   313  N N   . VAL A 1 46 ? -6.855  -2.307  -0.668  1.00 37.66  ? 231 VAL A N   1 
ATOM   314  C CA  . VAL A 1 46 ? -6.975  -1.058  0.105   1.00 42.04  ? 231 VAL A CA  1 
ATOM   315  C C   . VAL A 1 46 ? -7.758  -1.358  1.373   1.00 40.63  ? 231 VAL A C   1 
ATOM   316  O O   . VAL A 1 46 ? -8.842  -1.959  1.304   1.00 39.95  ? 231 VAL A O   1 
ATOM   317  C CB  . VAL A 1 46 ? -7.712  0.037   -0.698  1.00 42.33  ? 231 VAL A CB  1 
ATOM   318  C CG1 . VAL A 1 46 ? -7.474  1.409   -0.114  1.00 43.02  ? 231 VAL A CG1 1 
ATOM   319  C CG2 . VAL A 1 46 ? -7.320  -0.035  -2.151  1.00 44.39  ? 231 VAL A CG2 1 
ATOM   320  N N   . VAL A 1 47 ? -7.192  -0.945  2.511   1.00 38.04  ? 232 VAL A N   1 
ATOM   321  C CA  . VAL A 1 47 ? -7.792  -1.057  3.781   1.00 41.82  ? 232 VAL A CA  1 
ATOM   322  C C   . VAL A 1 47 ? -7.834  0.340   4.404   1.00 43.38  ? 232 VAL A C   1 
ATOM   323  O O   . VAL A 1 47 ? -6.881  1.146   4.254   1.00 41.29  ? 232 VAL A O   1 
ATOM   324  C CB  . VAL A 1 47 ? -7.036  -2.044  4.689   1.00 42.89  ? 232 VAL A CB  1 
ATOM   325  C CG1 . VAL A 1 47 ? -7.618  -2.055  6.106   1.00 44.79  ? 232 VAL A CG1 1 
ATOM   326  C CG2 . VAL A 1 47 ? -7.035  -3.439  4.099   1.00 47.17  ? 232 VAL A CG2 1 
ATOM   327  N N   . GLY A 1 48 ? -8.919  0.600   5.136   1.00 39.40  ? 233 GLY A N   1 
ATOM   328  C CA  . GLY A 1 48 ? -9.051  1.861   5.850   1.00 42.03  ? 233 GLY A CA  1 
ATOM   329  C C   . GLY A 1 48 ? -10.490 2.100   6.283   1.00 41.75  ? 233 GLY A C   1 
ATOM   330  O O   . GLY A 1 48 ? -11.234 1.167   6.499   1.00 38.40  ? 233 GLY A O   1 
ATOM   331  N N   . TYR A 1 49 ? -10.869 3.361   6.419   1.00 46.13  ? 234 TYR A N   1 
ATOM   332  C CA  . TYR A 1 49 ? -12.141 3.754   7.029   1.00 48.91  ? 234 TYR A CA  1 
ATOM   333  C C   . TYR A 1 49 ? -12.671 4.974   6.267   1.00 50.61  ? 234 TYR A C   1 
ATOM   334  O O   . TYR A 1 49 ? -11.888 5.872   5.927   1.00 49.52  ? 234 TYR A O   1 
ATOM   335  C CB  . TYR A 1 49 ? -11.985 4.134   8.505   1.00 52.86  ? 234 TYR A CB  1 
ATOM   336  C CG  . TYR A 1 49 ? -11.507 3.055   9.439   1.00 49.34  ? 234 TYR A CG  1 
ATOM   337  C CD1 . TYR A 1 49 ? -10.155 2.769   9.568   1.00 49.70  ? 234 TYR A CD1 1 
ATOM   338  C CD2 . TYR A 1 49 ? -12.404 2.352   10.220  1.00 49.97  ? 234 TYR A CD2 1 
ATOM   339  C CE1 . TYR A 1 49 ? -9.707  1.773   10.415  1.00 49.24  ? 234 TYR A CE1 1 
ATOM   340  C CE2 . TYR A 1 49 ? -11.979 1.362   11.084  1.00 53.17  ? 234 TYR A CE2 1 
ATOM   341  C CZ  . TYR A 1 49 ? -10.629 1.079   11.181  1.00 52.54  ? 234 TYR A CZ  1 
ATOM   342  O OH  . TYR A 1 49 ? -10.217 0.096   12.010  1.00 56.49  ? 234 TYR A OH  1 
ATOM   343  N N   . GLY A 1 50 ? -13.970 4.949   5.943   1.00 52.35  ? 235 GLY A N   1 
ATOM   344  C CA  . GLY A 1 50 ? -14.657 6.047   5.258   1.00 52.42  ? 235 GLY A CA  1 
ATOM   345  C C   . GLY A 1 50 ? -14.111 6.289   3.869   1.00 53.72  ? 235 GLY A C   1 
ATOM   346  O O   . GLY A 1 50 ? -14.172 7.419   3.362   1.00 49.45  ? 235 GLY A O   1 
ATOM   347  N N   . ILE A 1 51 ? -13.606 5.232   3.220   1.00 44.25  ? 236 ILE A N   1 
ATOM   348  C CA  . ILE A 1 51 ? -13.142 5.372   1.884   1.00 48.68  ? 236 ILE A CA  1 
ATOM   349  C C   . ILE A 1 51 ? -14.344 5.368   0.947   1.00 50.35  ? 236 ILE A C   1 
ATOM   350  O O   . ILE A 1 51 ? -15.206 4.528   1.074   1.00 51.78  ? 236 ILE A O   1 
ATOM   351  C CB  . ILE A 1 51 ? -12.171 4.243   1.504   1.00 47.32  ? 236 ILE A CB  1 
ATOM   352  C CG1 . ILE A 1 51 ? -10.953 4.170   2.427   1.00 48.14  ? 236 ILE A CG1 1 
ATOM   353  C CG2 . ILE A 1 51 ? -11.793 4.404   0.060   1.00 45.98  ? 236 ILE A CG2 1 
ATOM   354  C CD1 . ILE A 1 51 ? -10.187 2.866   2.311   1.00 52.80  ? 236 ILE A CD1 1 
ATOM   355  N N   . ASP A 1 52 ? -14.300 6.243   -0.059  1.00 49.93  ? 237 ASP A N   1 
ATOM   356  C CA  . ASP A 1 52 ? -15.323 6.319   -1.085  1.00 52.02  ? 237 ASP A CA  1 
ATOM   357  C C   . ASP A 1 52 ? -14.897 5.532   -2.323  1.00 42.43  ? 237 ASP A C   1 
ATOM   358  O O   . ASP A 1 52 ? -14.085 6.015   -3.115  1.00 47.41  ? 237 ASP A O   1 
ATOM   359  C CB  . ASP A 1 52 ? -15.601 7.775   -1.467  1.00 50.32  ? 237 ASP A CB  1 
ATOM   360  C CG  . ASP A 1 52 ? -16.802 7.903   -2.383  1.00 55.07  ? 237 ASP A CG  1 
ATOM   361  O OD1 . ASP A 1 52 ? -17.034 6.965   -3.205  1.00 53.20  ? 237 ASP A OD1 1 
ATOM   362  O OD2 . ASP A 1 52 ? -17.515 8.922   -2.240  1.00 59.79  ? 237 ASP A OD2 1 
ATOM   363  N N   . PRO A 1 53 ? -15.436 4.319   -2.569  1.00 46.37  ? 238 PRO A N   1 
ATOM   364  C CA  . PRO A 1 53 ? -14.950 3.498   -3.673  1.00 41.98  ? 238 PRO A CA  1 
ATOM   365  C C   . PRO A 1 53 ? -15.322 4.033   -5.053  1.00 42.07  ? 238 PRO A C   1 
ATOM   366  O O   . PRO A 1 53 ? -14.642 3.728   -6.059  1.00 45.56  ? 238 PRO A O   1 
ATOM   367  C CB  . PRO A 1 53 ? -15.639 2.136   -3.453  1.00 48.16  ? 238 PRO A CB  1 
ATOM   368  C CG  . PRO A 1 53 ? -16.871 2.472   -2.675  1.00 45.76  ? 238 PRO A CG  1 
ATOM   369  C CD  . PRO A 1 53 ? -16.444 3.607   -1.766  1.00 49.14  ? 238 PRO A CD  1 
ATOM   370  N N   . ILE A 1 54 ? -16.437 4.764   -5.111  1.00 46.29  ? 239 ILE A N   1 
ATOM   371  C CA  . ILE A 1 54 ? -16.913 5.317   -6.381  1.00 45.71  ? 239 ILE A CA  1 
ATOM   372  C C   . ILE A 1 54 ? -15.909 6.369   -6.909  1.00 40.50  ? 239 ILE A C   1 
ATOM   373  O O   . ILE A 1 54 ? -15.386 6.300   -8.031  1.00 44.91  ? 239 ILE A O   1 
ATOM   374  C CB  . ILE A 1 54 ? -18.336 5.886   -6.188  1.00 49.19  ? 239 ILE A CB  1 
ATOM   375  C CG1 . ILE A 1 54 ? -19.349 4.811   -5.755  1.00 51.28  ? 239 ILE A CG1 1 
ATOM   376  C CG2 . ILE A 1 54 ? -18.754 6.641   -7.439  1.00 53.57  ? 239 ILE A CG2 1 
ATOM   377  C CD1 . ILE A 1 54 ? -19.460 3.618   -6.682  1.00 49.61  ? 239 ILE A CD1 1 
ATOM   378  N N   . LYS A 1 55 ? -15.584 7.325   -6.066  1.00 45.91  ? 240 LYS A N   1 
ATOM   379  C CA  . LYS A 1 55 ? -14.588 8.362   -6.389  1.00 51.18  ? 240 LYS A CA  1 
ATOM   380  C C   . LYS A 1 55 ? -13.230 7.725   -6.684  1.00 46.48  ? 240 LYS A C   1 
ATOM   381  O O   . LYS A 1 55 ? -12.517 8.146   -7.613  1.00 48.11  ? 240 LYS A O   1 
ATOM   382  C CB  . LYS A 1 55 ? -14.495 9.359   -5.226  1.00 52.75  ? 240 LYS A CB  1 
ATOM   383  C CG  . LYS A 1 55 ? -15.683 10.305  -5.115  1.00 60.30  ? 240 LYS A CG  1 
ATOM   384  C CD  . LYS A 1 55 ? -15.280 11.656  -4.573  1.00 67.00  ? 240 LYS A CD  1 
ATOM   385  C CE  . LYS A 1 55 ? -16.433 12.615  -4.366  1.00 73.06  ? 240 LYS A CE  1 
ATOM   386  N NZ  . LYS A 1 55 ? -16.927 12.568  -2.970  1.00 74.61  ? 240 LYS A NZ  1 
ATOM   387  N N   . LEU A 1 56 ? -12.874 6.667   -5.935  1.00 49.87  ? 241 LEU A N   1 
ATOM   388  C CA  . LEU A 1 56 ? -11.566 6.002   -6.116  1.00 41.97  ? 241 LEU A CA  1 
ATOM   389  C C   . LEU A 1 56 ? -11.461 5.340   -7.505  1.00 44.62  ? 241 LEU A C   1 
ATOM   390  O O   . LEU A 1 56 ? -10.466 5.507   -8.205  1.00 43.13  ? 241 LEU A O   1 
ATOM   391  C CB  . LEU A 1 56 ? -11.351 4.996   -4.972  1.00 44.24  ? 241 LEU A CB  1 
ATOM   392  C CG  . LEU A 1 56 ? -10.039 4.206   -5.028  1.00 49.48  ? 241 LEU A CG  1 
ATOM   393  C CD1 . LEU A 1 56 ? -8.856  5.154   -5.044  1.00 52.06  ? 241 LEU A CD1 1 
ATOM   394  C CD2 . LEU A 1 56 ? -9.913  3.232   -3.868  1.00 43.84  ? 241 LEU A CD2 1 
ATOM   395  N N   . ILE A 1 57 ? -12.487 4.583   -7.915  1.00 45.39  ? 242 ILE A N   1 
ATOM   396  C CA  . ILE A 1 57 ? -12.511 3.935   -9.238  1.00 43.16  ? 242 ILE A CA  1 
ATOM   397  C C   . ILE A 1 57 ? -12.443 4.978   -10.367 1.00 46.78  ? 242 ILE A C   1 
ATOM   398  O O   . ILE A 1 57 ? -11.800 4.701   -11.399 1.00 48.54  ? 242 ILE A O   1 
ATOM   399  C CB  . ILE A 1 57 ? -13.733 3.001   -9.404  1.00 50.10  ? 242 ILE A CB  1 
ATOM   400  C CG1 . ILE A 1 57 ? -13.548 1.700   -8.623  1.00 46.12  ? 242 ILE A CG1 1 
ATOM   401  C CG2 . ILE A 1 57 ? -14.022 2.698   -10.863 1.00 49.70  ? 242 ILE A CG2 1 
ATOM   402  C CD1 . ILE A 1 57 ? -12.649 0.698   -9.335  1.00 51.14  ? 242 ILE A CD1 1 
ATOM   403  N N   . SER A 1 58 ? -13.108 6.128   -10.214 1.00 50.24  ? 243 SER A N   1 
ATOM   404  C CA  . SER A 1 58 ? -13.184 7.080   -11.333 1.00 56.85  ? 243 SER A CA  1 
ATOM   405  C C   . SER A 1 58 ? -11.849 7.813   -11.488 1.00 51.36  ? 243 SER A C   1 
ATOM   406  O O   . SER A 1 58 ? -11.416 7.998   -12.606 1.00 50.91  ? 243 SER A O   1 
ATOM   407  C CB  . SER A 1 58 ? -14.305 8.038   -11.175 1.00 63.84  ? 243 SER A CB  1 
ATOM   408  O OG  . SER A 1 58 ? -14.332 8.538   -9.855  1.00 74.52  ? 243 SER A OG  1 
ATOM   409  N N   . ALA A 1 59 ? -11.199 8.145   -10.359 1.00 52.36  ? 244 ALA A N   1 
ATOM   410  C CA  . ALA A 1 59 ? -9.829  8.690   -10.370 1.00 50.74  ? 244 ALA A CA  1 
ATOM   411  C C   . ALA A 1 59 ? -8.856  7.700   -11.037 1.00 47.64  ? 244 ALA A C   1 
ATOM   412  O O   . ALA A 1 59 ? -8.070  8.091   -11.915 1.00 56.13  ? 244 ALA A O   1 
ATOM   413  C CB  . ALA A 1 59 ? -9.400  9.086   -8.980  1.00 48.06  ? 244 ALA A CB  1 
ATOM   414  N N   . LEU A 1 60 ? -8.885  6.414   -10.658 1.00 46.35  ? 245 LEU A N   1 
ATOM   415  C CA  . LEU A 1 60 ? -8.016  5.450   -11.319 1.00 48.97  ? 245 LEU A CA  1 
ATOM   416  C C   . LEU A 1 60 ? -8.263  5.422   -12.837 1.00 49.31  ? 245 LEU A C   1 
ATOM   417  O O   . LEU A 1 60 ? -7.334  5.446   -13.636 1.00 59.67  ? 245 LEU A O   1 
ATOM   418  C CB  . LEU A 1 60 ? -8.205  4.070   -10.679 1.00 52.13  ? 245 LEU A CB  1 
ATOM   419  C CG  . LEU A 1 60 ? -7.546  3.905   -9.305  1.00 54.52  ? 245 LEU A CG  1 
ATOM   420  C CD1 . LEU A 1 60 ? -8.163  2.756   -8.527  1.00 50.73  ? 245 LEU A CD1 1 
ATOM   421  C CD2 . LEU A 1 60 ? -6.040  3.701   -9.464  1.00 51.29  ? 245 LEU A CD2 1 
ATOM   422  N N   . ARG A 1 61 ? -9.525  5.290   -13.241 1.00 50.31  ? 246 ARG A N   1 
ATOM   423  C CA  . ARG A 1 61 ? -9.883  5.252   -14.662 1.00 51.85  ? 246 ARG A CA  1 
ATOM   424  C C   . ARG A 1 61 ? -9.464  6.556   -15.368 1.00 58.22  ? 246 ARG A C   1 
ATOM   425  O O   . ARG A 1 61 ? -9.040  6.518   -16.500 1.00 52.74  ? 246 ARG A O   1 
ATOM   426  C CB  . ARG A 1 61 ? -11.389 5.064   -14.792 1.00 53.76  ? 246 ARG A CB  1 
ATOM   427  C CG  . ARG A 1 61 ? -11.855 3.668   -14.412 1.00 48.79  ? 246 ARG A CG  1 
ATOM   428  C CD  . ARG A 1 61 ? -13.362 3.538   -14.423 1.00 53.24  ? 246 ARG A CD  1 
ATOM   429  N NE  . ARG A 1 61 ? -13.722 2.165   -14.114 1.00 46.44  ? 246 ARG A NE  1 
ATOM   430  C CZ  . ARG A 1 61 ? -14.961 1.709   -14.079 1.00 48.97  ? 246 ARG A CZ  1 
ATOM   431  N NH1 . ARG A 1 61 ? -15.980 2.555   -14.143 1.00 45.23  ? 246 ARG A NH1 1 
ATOM   432  N NH2 . ARG A 1 61 ? -15.154 0.405   -13.976 1.00 46.59  ? 246 ARG A NH2 1 
ATOM   433  N N   . LYS A 1 62 ? -9.639  7.687   -14.680 1.00 52.57  ? 247 LYS A N   1 
ATOM   434  C CA  . LYS A 1 62 ? -9.240  9.028   -15.135 1.00 64.64  ? 247 LYS A CA  1 
ATOM   435  C C   . LYS A 1 62 ? -7.720  9.125   -15.396 1.00 68.42  ? 247 LYS A C   1 
ATOM   436  O O   . LYS A 1 62 ? -7.299  9.649   -16.416 1.00 62.07  ? 247 LYS A O   1 
ATOM   437  C CB  . LYS A 1 62 ? -9.656  10.054  -14.077 1.00 71.94  ? 247 LYS A CB  1 
ATOM   438  C CG  . LYS A 1 62 ? -10.809 10.985  -14.446 1.00 79.68  ? 247 LYS A CG  1 
ATOM   439  C CD  . LYS A 1 62 ? -10.342 12.283  -15.056 1.00 81.21  ? 247 LYS A CD  1 
ATOM   440  C CE  . LYS A 1 62 ? -9.043  12.792  -14.465 1.00 84.05  ? 247 LYS A CE  1 
ATOM   441  N NZ  . LYS A 1 62 ? -8.721  14.150  -14.961 1.00 94.04  ? 247 LYS A NZ  1 
ATOM   442  N N   . LYS A 1 63 ? -6.890  8.621   -14.479 1.00 64.41  ? 248 LYS A N   1 
ATOM   443  C CA  . LYS A 1 63 ? -5.466  8.980   -14.446 1.00 58.92  ? 248 LYS A CA  1 
ATOM   444  C C   . LYS A 1 63 ? -4.557  7.806   -14.821 1.00 59.02  ? 248 LYS A C   1 
ATOM   445  O O   . LYS A 1 63 ? -3.380  8.000   -15.173 1.00 54.28  ? 248 LYS A O   1 
ATOM   446  C CB  . LYS A 1 63 ? -5.091  9.434   -13.042 1.00 57.73  ? 248 LYS A CB  1 
ATOM   447  C CG  . LYS A 1 63 ? -5.743  10.734  -12.616 1.00 65.89  ? 248 LYS A CG  1 
ATOM   448  C CD  . LYS A 1 63 ? -5.737  10.897  -11.108 1.00 74.07  ? 248 LYS A CD  1 
ATOM   449  C CE  . LYS A 1 63 ? -5.736  12.346  -10.668 1.00 79.11  ? 248 LYS A CE  1 
ATOM   450  N NZ  . LYS A 1 63 ? -6.588  13.180  -11.554 1.00 75.56  ? 248 LYS A NZ  1 
ATOM   451  N N   . VAL A 1 64 ? -5.044  6.577   -14.678 1.00 48.56  ? 249 VAL A N   1 
ATOM   452  C CA  . VAL A 1 64 ? -4.133  5.436   -14.801 1.00 55.14  ? 249 VAL A CA  1 
ATOM   453  C C   . VAL A 1 64 ? -4.575  4.518   -15.941 1.00 61.27  ? 249 VAL A C   1 
ATOM   454  O O   . VAL A 1 64 ? -3.784  4.255   -16.848 1.00 67.73  ? 249 VAL A O   1 
ATOM   455  C CB  . VAL A 1 64 ? -4.013  4.644   -13.488 1.00 57.52  ? 249 VAL A CB  1 
ATOM   456  C CG1 . VAL A 1 64 ? -3.140  3.412   -13.678 1.00 56.60  ? 249 VAL A CG1 1 
ATOM   457  C CG2 . VAL A 1 64 ? -3.531  5.517   -12.338 1.00 54.54  ? 249 VAL A CG2 1 
ATOM   458  N N   . GLY A 1 65 ? -5.799  3.981   -15.853 1.00 56.09  ? 250 GLY A N   1 
ATOM   459  C CA  . GLY A 1 65 ? -6.333  3.091   -16.887 1.00 60.56  ? 250 GLY A CA  1 
ATOM   460  C C   . GLY A 1 65 ? -7.579  2.369   -16.399 1.00 59.49  ? 250 GLY A C   1 
ATOM   461  O O   . GLY A 1 65 ? -8.175  2.796   -15.408 1.00 55.82  ? 250 GLY A O   1 
ATOM   462  N N   . ASP A 1 66 ? -7.987  1.292   -17.086 1.00 59.53  ? 251 ASP A N   1 
ATOM   463  C CA  . ASP A 1 66 ? -9.229  0.638   -16.686 1.00 63.83  ? 251 ASP A CA  1 
ATOM   464  C C   . ASP A 1 66 ? -9.018  -0.035  -15.315 1.00 63.14  ? 251 ASP A C   1 
ATOM   465  O O   . ASP A 1 66 ? -7.955  -0.614  -15.019 1.00 61.69  ? 251 ASP A O   1 
ATOM   466  C CB  . ASP A 1 66 ? -9.819  -0.313  -17.733 1.00 71.48  ? 251 ASP A CB  1 
ATOM   467  C CG  . ASP A 1 66 ? -11.289 -0.643  -17.431 1.00 80.86  ? 251 ASP A CG  1 
ATOM   468  O OD1 . ASP A 1 66 ? -12.006 0.234   -16.825 1.00 76.10  ? 251 ASP A OD1 1 
ATOM   469  O OD2 . ASP A 1 66 ? -11.724 -1.771  -17.765 1.00 83.64  ? 251 ASP A OD2 1 
ATOM   470  N N   . ALA A 1 67 ? -10.035 0.119   -14.466 1.00 59.33  ? 252 ALA A N   1 
ATOM   471  C CA  . ALA A 1 67 ? -10.057 -0.357  -13.107 1.00 51.54  ? 252 ALA A CA  1 
ATOM   472  C C   . ALA A 1 67 ? -11.457 -0.893  -12.843 1.00 52.61  ? 252 ALA A C   1 
ATOM   473  O O   . ALA A 1 67 ? -12.410 -0.287  -13.297 1.00 52.02  ? 252 ALA A O   1 
ATOM   474  C CB  . ALA A 1 67 ? -9.726  0.774   -12.174 1.00 52.79  ? 252 ALA A CB  1 
ATOM   475  N N   . GLU A 1 68 ? -11.570 -2.006  -12.104 1.00 49.42  ? 253 GLU A N   1 
ATOM   476  C CA  . GLU A 1 68 ? -12.898 -2.511  -11.754 1.00 55.67  ? 253 GLU A CA  1 
ATOM   477  C C   . GLU A 1 68 ? -12.890 -3.050  -10.328 1.00 54.15  ? 253 GLU A C   1 
ATOM   478  O O   . GLU A 1 68 ? -11.890 -3.592  -9.899  1.00 49.66  ? 253 GLU A O   1 
ATOM   479  C CB  . GLU A 1 68 ? -13.378 -3.587  -12.726 1.00 64.26  ? 253 GLU A CB  1 
ATOM   480  C CG  . GLU A 1 68 ? -12.456 -4.773  -12.831 1.00 70.19  ? 253 GLU A CG  1 
ATOM   481  C CD  . GLU A 1 68 ? -13.129 -6.036  -13.342 1.00 78.54  ? 253 GLU A CD  1 
ATOM   482  O OE1 . GLU A 1 68 ? -14.378 -6.076  -13.375 1.00 72.42  ? 253 GLU A OE1 1 
ATOM   483  O OE2 . GLU A 1 68 ? -12.400 -6.992  -13.684 1.00 83.55  ? 253 GLU A OE2 1 
ATOM   484  N N   . LEU A 1 69 ? -14.005 -2.845  -9.619  1.00 44.66  ? 254 LEU A N   1 
ATOM   485  C CA  . LEU A 1 69 ? -14.141 -3.278  -8.284  1.00 50.58  ? 254 LEU A CA  1 
ATOM   486  C C   . LEU A 1 69 ? -14.250 -4.801  -8.281  1.00 53.02  ? 254 LEU A C   1 
ATOM   487  O O   . LEU A 1 69 ? -15.203 -5.297  -8.823  1.00 50.74  ? 254 LEU A O   1 
ATOM   488  C CB  . LEU A 1 69 ? -15.415 -2.702  -7.682  1.00 52.83  ? 254 LEU A CB  1 
ATOM   489  C CG  . LEU A 1 69 ? -15.352 -1.289  -7.130  1.00 56.61  ? 254 LEU A CG  1 
ATOM   490  C CD1 . LEU A 1 69 ? -16.706 -0.895  -6.570  1.00 53.87  ? 254 LEU A CD1 1 
ATOM   491  C CD2 . LEU A 1 69 ? -14.280 -1.148  -6.052  1.00 54.06  ? 254 LEU A CD2 1 
ATOM   492  N N   . LEU A 1 70 ? -13.354 -5.505  -7.569  1.00 46.75  ? 255 LEU A N   1 
ATOM   493  C CA  . LEU A 1 70 ? -13.487 -6.958  -7.366  1.00 46.90  ? 255 LEU A CA  1 
ATOM   494  C C   . LEU A 1 70 ? -14.173 -7.262  -6.039  1.00 50.19  ? 255 LEU A C   1 
ATOM   495  O O   . LEU A 1 70 ? -14.991 -8.181  -5.952  1.00 51.60  ? 255 LEU A O   1 
ATOM   496  C CB  . LEU A 1 70 ? -12.135 -7.661  -7.480  1.00 49.86  ? 255 LEU A CB  1 
ATOM   497  C CG  . LEU A 1 70 ? -11.479 -7.557  -8.857  1.00 58.84  ? 255 LEU A CG  1 
ATOM   498  C CD1 . LEU A 1 70 ? -10.125 -8.282  -8.891  1.00 60.46  ? 255 LEU A CD1 1 
ATOM   499  C CD2 . LEU A 1 70 ? -12.399 -8.071  -9.945  1.00 59.39  ? 255 LEU A CD2 1 
ATOM   500  N N   . GLN A 1 71 ? -13.910 -6.450  -5.024  1.00 50.44  ? 256 GLN A N   1 
ATOM   501  C CA  . GLN A 1 71 ? -14.422 -6.732  -3.746  1.00 43.78  ? 256 GLN A CA  1 
ATOM   502  C C   . GLN A 1 71 ? -14.589 -5.441  -2.977  1.00 47.93  ? 256 GLN A C   1 
ATOM   503  O O   . GLN A 1 71 ? -13.769 -4.505  -3.084  1.00 47.81  ? 256 GLN A O   1 
ATOM   504  C CB  . GLN A 1 71 ? -13.494 -7.685  -2.980  1.00 54.08  ? 256 GLN A CB  1 
ATOM   505  C CG  . GLN A 1 71 ? -14.008 -8.031  -1.581  1.00 56.60  ? 256 GLN A CG  1 
ATOM   506  C CD  . GLN A 1 71 ? -13.032 -8.786  -0.706  1.00 63.54  ? 256 GLN A CD  1 
ATOM   507  O OE1 . GLN A 1 71 ? -12.025 -9.312  -1.169  1.00 63.90  ? 256 GLN A OE1 1 
ATOM   508  N NE2 . GLN A 1 71 ? -13.330 -8.839  0.583   1.00 58.28  ? 256 GLN A NE2 1 
ATOM   509  N N   . VAL A 1 72 ? -15.648 -5.412  -2.185  1.00 40.48  ? 257 VAL A N   1 
ATOM   510  C CA  . VAL A 1 72 ? -15.840 -4.391  -1.175  1.00 40.14  ? 257 VAL A CA  1 
ATOM   511  C C   . VAL A 1 72 ? -16.464 -5.092  0.027   1.00 44.50  ? 257 VAL A C   1 
ATOM   512  O O   . VAL A 1 72 ? -17.492 -5.728  -0.097  1.00 43.25  ? 257 VAL A O   1 
ATOM   513  C CB  . VAL A 1 72 ? -16.782 -3.265  -1.631  1.00 42.06  ? 257 VAL A CB  1 
ATOM   514  C CG1 . VAL A 1 72 ? -17.106 -2.362  -0.464  1.00 44.47  ? 257 VAL A CG1 1 
ATOM   515  C CG2 . VAL A 1 72 ? -16.252 -2.476  -2.799  1.00 47.57  ? 257 VAL A CG2 1 
ATOM   516  N N   . SER A 1 73 ? -15.809 -5.024  1.177   1.00 47.89  ? 258 SER A N   1 
ATOM   517  C CA  . SER A 1 73 ? -16.283 -5.744  2.324   1.00 57.03  ? 258 SER A CA  1 
ATOM   518  C C   . SER A 1 73 ? -15.960 -4.899  3.536   1.00 66.78  ? 258 SER A C   1 
ATOM   519  O O   . SER A 1 73 ? -14.934 -4.205  3.559   1.00 63.82  ? 258 SER A O   1 
ATOM   520  C CB  . SER A 1 73 ? -15.712 -7.133  2.429   1.00 55.59  ? 258 SER A CB  1 
ATOM   521  O OG  . SER A 1 73 ? -14.341 -7.107  2.751   1.00 62.22  ? 258 SER A OG  1 
ATOM   522  N N   . GLN A 1 74 ? -16.905 -4.869  4.469   1.00 78.02  ? 259 GLN A N   1 
ATOM   523  C CA  . GLN A 1 74 ? -16.755 -4.094  5.679   1.00 86.12  ? 259 GLN A CA  1 
ATOM   524  C C   . GLN A 1 74 ? -16.356 -5.126  6.736   1.00 92.97  ? 259 GLN A C   1 
ATOM   525  O O   . GLN A 1 74 ? -17.084 -5.381  7.722   1.00 84.08  ? 259 GLN A O   1 
ATOM   526  C CB  . GLN A 1 74 ? -17.971 -3.182  5.839   1.00 85.75  ? 259 GLN A CB  1 
ATOM   527  C CG  . GLN A 1 74 ? -18.291 -2.459  4.532   1.00 83.77  ? 259 GLN A CG  1 
ATOM   528  C CD  . GLN A 1 74 ? -18.562 -0.980  4.654   1.00 91.15  ? 259 GLN A CD  1 
ATOM   529  O OE1 . GLN A 1 74 ? -19.222 -0.516  5.581   1.00 94.90  ? 259 GLN A OE1 1 
ATOM   530  N NE2 . GLN A 1 74 ? -18.065 -0.222  3.689   1.00 82.39  ? 259 GLN A NE2 1 
ATOM   531  N N   . ALA A 1 75 ? -15.176 -5.697  6.401   1.00 97.39  ? 260 ALA A N   1 
ATOM   532  C CA  . ALA A 1 75 ? -14.341 -6.673  7.074   1.00 98.24  ? 260 ALA A CA  1 
ATOM   533  C C   . ALA A 1 75 ? -13.046 -5.982  7.520   1.00 100.99 ? 260 ALA A C   1 
ATOM   534  O O   . ALA A 1 75 ? -12.368 -5.375  6.684   1.00 82.73  ? 260 ALA A O   1 
ATOM   535  C CB  . ALA A 1 75 ? -14.026 -7.799  6.115   1.00 90.44  ? 260 ALA A CB  1 
ATOM   536  N N   . GLY B 2 1  ? 7.837   24.662  3.257   1.00 81.97  ? 18  GLY B N   1 
ATOM   537  C CA  . GLY B 2 1  ? 8.476   23.311  3.187   1.00 67.92  ? 18  GLY B CA  1 
ATOM   538  C C   . GLY B 2 1  ? 7.422   22.201  3.162   1.00 64.55  ? 18  GLY B C   1 
ATOM   539  O O   . GLY B 2 1  ? 6.309   22.390  3.669   1.00 51.85  ? 18  GLY B O   1 
ATOM   540  N N   . PRO B 2 2  ? 7.746   21.018  2.578   1.00 64.59  ? 19  PRO B N   1 
ATOM   541  C CA  . PRO B 2 2  ? 6.767   19.931  2.422   1.00 68.77  ? 19  PRO B CA  1 
ATOM   542  C C   . PRO B 2 2  ? 6.090   19.550  3.751   1.00 54.22  ? 19  PRO B C   1 
ATOM   543  O O   . PRO B 2 2  ? 6.683   19.752  4.802   1.00 58.04  ? 19  PRO B O   1 
ATOM   544  C CB  . PRO B 2 2  ? 7.596   18.746  1.897   1.00 65.69  ? 19  PRO B CB  1 
ATOM   545  C CG  . PRO B 2 2  ? 8.818   19.393  1.257   1.00 72.40  ? 19  PRO B CG  1 
ATOM   546  C CD  . PRO B 2 2  ? 9.080   20.654  2.061   1.00 68.44  ? 19  PRO B CD  1 
ATOM   547  N N   . ALA B 2 3  ? 4.844   19.081  3.698   1.00 53.30  ? 20  ALA B N   1 
ATOM   548  C CA  . ALA B 2 3  ? 4.187   18.488  4.871   1.00 59.73  ? 20  ALA B CA  1 
ATOM   549  C C   . ALA B 2 3  ? 4.998   17.263  5.302   1.00 50.57  ? 20  ALA B C   1 
ATOM   550  O O   . ALA B 2 3  ? 5.827   16.769  4.531   1.00 53.26  ? 20  ALA B O   1 
ATOM   551  C CB  . ALA B 2 3  ? 2.766   18.127  4.540   1.00 62.55  ? 20  ALA B CB  1 
ATOM   552  N N   . PRO B 2 4  ? 4.893   16.816  6.566   1.00 58.52  ? 21  PRO B N   1 
ATOM   553  C CA  . PRO B 2 4  ? 5.473   15.528  6.966   1.00 59.41  ? 21  PRO B CA  1 
ATOM   554  C C   . PRO B 2 4  ? 4.885   14.366  6.139   1.00 55.70  ? 21  PRO B C   1 
ATOM   555  O O   . PRO B 2 4  ? 3.707   14.375  5.800   1.00 53.96  ? 21  PRO B O   1 
ATOM   556  C CB  . PRO B 2 4  ? 5.088   15.367  8.442   1.00 60.01  ? 21  PRO B CB  1 
ATOM   557  C CG  . PRO B 2 4  ? 4.656   16.763  8.907   1.00 67.88  ? 21  PRO B CG  1 
ATOM   558  C CD  . PRO B 2 4  ? 4.215   17.513  7.668   1.00 61.85  ? 21  PRO B CD  1 
ATOM   559  N N   . ALA B 2 5  ? 5.720   13.384  5.802   1.00 54.09  ? 22  ALA B N   1 
ATOM   560  C CA  . ALA B 2 5  ? 5.277   12.199  5.088   1.00 50.08  ? 22  ALA B CA  1 
ATOM   561  C C   . ALA B 2 5  ? 4.118   11.609  5.858   1.00 48.05  ? 22  ALA B C   1 
ATOM   562  O O   . ALA B 2 5  ? 4.149   11.676  7.064   1.00 45.08  ? 22  ALA B O   1 
ATOM   563  C CB  . ALA B 2 5  ? 6.409   11.205  5.012   1.00 54.31  ? 22  ALA B CB  1 
ATOM   564  N N   . ARG B 2 6  ? 3.132   11.048  5.156   1.00 44.48  ? 23  ARG B N   1 
ATOM   565  C CA  . ARG B 2 6  ? 2.006   10.432  5.817   1.00 44.61  ? 23  ARG B CA  1 
ATOM   566  C C   . ARG B 2 6  ? 2.066   8.885   5.788   1.00 37.52  ? 23  ARG B C   1 
ATOM   567  O O   . ARG B 2 6  ? 1.332   8.225   6.511   1.00 39.04  ? 23  ARG B O   1 
ATOM   568  C CB  . ARG B 2 6  ? 0.713   10.976  5.207   1.00 47.38  ? 23  ARG B CB  1 
ATOM   569  C CG  . ARG B 2 6  ? 0.355   12.364  5.730   1.00 56.61  ? 23  ARG B CG  1 
ATOM   570  C CD  . ARG B 2 6  ? -0.947  12.928  5.157   1.00 53.60  ? 23  ARG B CD  1 
ATOM   571  N NE  . ARG B 2 6  ? -2.070  12.083  5.525   1.00 65.36  ? 23  ARG B NE  1 
ATOM   572  C CZ  . ARG B 2 6  ? -2.656  11.199  4.723   1.00 59.96  ? 23  ARG B CZ  1 
ATOM   573  N NH1 . ARG B 2 6  ? -2.530  11.309  3.410   1.00 62.78  ? 23  ARG B NH1 1 
ATOM   574  N NH2 . ARG B 2 6  ? -3.344  10.204  5.251   1.00 69.06  ? 23  ARG B NH2 1 
ATOM   575  N N   . PHE B 2 7  ? 2.940   8.318   4.969   1.00 42.58  ? 24  PHE B N   1 
ATOM   576  C CA  . PHE B 2 7  ? 3.021   6.876   4.742   1.00 41.45  ? 24  PHE B CA  1 
ATOM   577  C C   . PHE B 2 7  ? 4.477   6.447   4.773   1.00 39.86  ? 24  PHE B C   1 
ATOM   578  O O   . PHE B 2 7  ? 5.346   7.245   4.385   1.00 41.43  ? 24  PHE B O   1 
ATOM   579  C CB  . PHE B 2 7  ? 2.451   6.510   3.360   1.00 43.69  ? 24  PHE B CB  1 
ATOM   580  C CG  . PHE B 2 7  ? 0.952   6.579   3.269   1.00 40.80  ? 24  PHE B CG  1 
ATOM   581  C CD1 . PHE B 2 7  ? 0.324   7.771   2.968   1.00 44.68  ? 24  PHE B CD1 1 
ATOM   582  C CD2 . PHE B 2 7  ? 0.172   5.468   3.541   1.00 40.13  ? 24  PHE B CD2 1 
ATOM   583  C CE1 . PHE B 2 7  ? -1.055  7.849   2.943   1.00 45.37  ? 24  PHE B CE1 1 
ATOM   584  C CE2 . PHE B 2 7  ? -1.198  5.547   3.495   1.00 41.45  ? 24  PHE B CE2 1 
ATOM   585  C CZ  . PHE B 2 7  ? -1.811  6.729   3.174   1.00 42.40  ? 24  PHE B CZ  1 
ATOM   586  N N   . CYS B 2 8  ? 4.690   5.166   5.124   1.00 38.98  ? 25  CYS B N   1 
ATOM   587  C CA  . CYS B 2 8  ? 5.907   4.408   4.865   1.00 36.51  ? 25  CYS B CA  1 
ATOM   588  C C   . CYS B 2 8  ? 5.606   3.421   3.725   1.00 39.15  ? 25  CYS B C   1 
ATOM   589  O O   . CYS B 2 8  ? 4.580   2.747   3.734   1.00 39.00  ? 25  CYS B O   1 
ATOM   590  C CB  . CYS B 2 8  ? 6.402   3.685   6.121   1.00 42.06  ? 25  CYS B CB  1 
ATOM   591  S SG  . CYS B 2 8  ? 6.980   4.844   7.391   1.00 44.57  ? 25  CYS B SG  1 
ATOM   592  N N   . VAL B 2 9  ? 6.523   3.342   2.766   1.00 35.66  ? 26  VAL B N   1 
ATOM   593  C CA  . VAL B 2 9  ? 6.412   2.518   1.553   1.00 37.16  ? 26  VAL B CA  1 
ATOM   594  C C   . VAL B 2 9  ? 7.452   1.401   1.643   1.00 42.73  ? 26  VAL B C   1 
ATOM   595  O O   . VAL B 2 9  ? 8.649   1.722   1.686   1.00 42.21  ? 26  VAL B O   1 
ATOM   596  C CB  . VAL B 2 9  ? 6.664   3.378   0.298   1.00 39.52  ? 26  VAL B CB  1 
ATOM   597  C CG1 . VAL B 2 9  ? 6.446   2.606   -0.992  1.00 44.70  ? 26  VAL B CG1 1 
ATOM   598  C CG2 . VAL B 2 9  ? 5.866   4.650   0.310   1.00 46.15  ? 26  VAL B CG2 1 
ATOM   599  N N   . TYR B 2 10 ? 7.003   0.133   1.655   1.00 36.49  ? 27  TYR B N   1 
ATOM   600  C CA  . TYR B 2 10 ? 7.835   -1.002  1.882   1.00 33.60  ? 27  TYR B CA  1 
ATOM   601  C C   . TYR B 2 10 ? 8.195   -1.681  0.548   1.00 38.02  ? 27  TYR B C   1 
ATOM   602  O O   . TYR B 2 10 ? 7.339   -1.849  -0.342  1.00 34.21  ? 27  TYR B O   1 
ATOM   603  C CB  . TYR B 2 10 ? 7.119   -1.965  2.825   1.00 36.09  ? 27  TYR B CB  1 
ATOM   604  C CG  . TYR B 2 10 ? 6.893   -1.362  4.188   1.00 37.19  ? 27  TYR B CG  1 
ATOM   605  C CD1 . TYR B 2 10 ? 5.846   -0.487  4.428   1.00 36.89  ? 27  TYR B CD1 1 
ATOM   606  C CD2 . TYR B 2 10 ? 7.728   -1.680  5.248   1.00 41.59  ? 27  TYR B CD2 1 
ATOM   607  C CE1 . TYR B 2 10 ? 5.657   0.100   5.667   1.00 36.85  ? 27  TYR B CE1 1 
ATOM   608  C CE2 . TYR B 2 10 ? 7.555   -1.102  6.491   1.00 37.38  ? 27  TYR B CE2 1 
ATOM   609  C CZ  . TYR B 2 10 ? 6.524   -0.199  6.695   1.00 36.41  ? 27  TYR B CZ  1 
ATOM   610  O OH  . TYR B 2 10 ? 6.366   0.364   7.926   1.00 39.13  ? 27  TYR B OH  1 
ATOM   611  N N   . TYR B 2 11 ? 9.444   -2.144  0.469   1.00 39.33  ? 28  TYR B N   1 
ATOM   612  C CA  . TYR B 2 11 ? 10.011  -2.801  -0.697  1.00 39.39  ? 28  TYR B CA  1 
ATOM   613  C C   . TYR B 2 11 ? 10.738  -4.078  -0.271  1.00 39.01  ? 28  TYR B C   1 
ATOM   614  O O   . TYR B 2 11 ? 11.316  -4.152  0.828   1.00 36.92  ? 28  TYR B O   1 
ATOM   615  C CB  . TYR B 2 11 ? 11.043  -1.918  -1.388  1.00 42.75  ? 28  TYR B CB  1 
ATOM   616  C CG  . TYR B 2 11 ? 10.486  -0.673  -2.005  1.00 41.66  ? 28  TYR B CG  1 
ATOM   617  C CD1 . TYR B 2 11 ? 10.013  -0.665  -3.299  1.00 43.08  ? 28  TYR B CD1 1 
ATOM   618  C CD2 . TYR B 2 11 ? 10.410  0.498   -1.271  1.00 47.15  ? 28  TYR B CD2 1 
ATOM   619  C CE1 . TYR B 2 11 ? 9.503   0.497   -3.868  1.00 44.45  ? 28  TYR B CE1 1 
ATOM   620  C CE2 . TYR B 2 11 ? 9.904   1.660   -1.820  1.00 41.84  ? 28  TYR B CE2 1 
ATOM   621  C CZ  . TYR B 2 11 ? 9.432   1.654   -3.111  1.00 44.48  ? 28  TYR B CZ  1 
ATOM   622  O OH  . TYR B 2 11 ? 8.918   2.805   -3.626  1.00 46.92  ? 28  TYR B OH  1 
ATOM   623  N N   . ASP B 2 12 ? 10.760  -5.031  -1.198  1.00 41.86  ? 29  ASP B N   1 
ATOM   624  C CA  . ASP B 2 12 ? 11.688  -6.142  -1.155  1.00 40.78  ? 29  ASP B CA  1 
ATOM   625  C C   . ASP B 2 12 ? 12.901  -5.742  -2.011  1.00 45.97  ? 29  ASP B C   1 
ATOM   626  O O   . ASP B 2 12 ? 12.833  -5.792  -3.257  1.00 48.87  ? 29  ASP B O   1 
ATOM   627  C CB  . ASP B 2 12 ? 11.005  -7.397  -1.657  1.00 42.43  ? 29  ASP B CB  1 
ATOM   628  C CG  . ASP B 2 12 ? 11.951  -8.571  -1.694  1.00 45.06  ? 29  ASP B CG  1 
ATOM   629  O OD1 . ASP B 2 12 ? 13.161  -8.354  -1.492  1.00 44.68  ? 29  ASP B OD1 1 
ATOM   630  O OD2 . ASP B 2 12 ? 11.458  -9.661  -1.914  1.00 47.02  ? 29  ASP B OD2 1 
ATOM   631  N N   . GLY B 2 13 ? 13.950  -5.259  -1.344  1.00 47.37  ? 30  GLY B N   1 
ATOM   632  C CA  . GLY B 2 13 ? 15.200  -4.823  -1.978  1.00 46.24  ? 30  GLY B CA  1 
ATOM   633  C C   . GLY B 2 13 ? 15.508  -3.357  -1.715  1.00 52.58  ? 30  GLY B C   1 
ATOM   634  O O   . GLY B 2 13 ? 14.595  -2.510  -1.427  1.00 49.36  ? 30  GLY B O   1 
ATOM   635  N N   . HIS B 2 14 ? 16.807  -3.048  -1.835  1.00 50.76  ? 31  HIS B N   1 
ATOM   636  C CA  . HIS B 2 14 ? 17.365  -1.733  -1.526  1.00 49.42  ? 31  HIS B CA  1 
ATOM   637  C C   . HIS B 2 14 ? 17.744  -0.948  -2.781  1.00 49.65  ? 31  HIS B C   1 
ATOM   638  O O   . HIS B 2 14 ? 18.065  0.200   -2.672  1.00 51.62  ? 31  HIS B O   1 
ATOM   639  C CB  . HIS B 2 14 ? 18.559  -1.833  -0.566  1.00 50.80  ? 31  HIS B CB  1 
ATOM   640  C CG  . HIS B 2 14 ? 18.177  -2.381  0.772   1.00 53.40  ? 31  HIS B CG  1 
ATOM   641  N ND1 . HIS B 2 14 ? 17.871  -1.566  1.841   1.00 54.98  ? 31  HIS B ND1 1 
ATOM   642  C CD2 . HIS B 2 14 ? 18.033  -3.654  1.203   1.00 59.54  ? 31  HIS B CD2 1 
ATOM   643  C CE1 . HIS B 2 14 ? 17.563  -2.313  2.884   1.00 58.26  ? 31  HIS B CE1 1 
ATOM   644  N NE2 . HIS B 2 14 ? 17.659  -3.611  2.521   1.00 54.23  ? 31  HIS B NE2 1 
ATOM   645  N N   . LEU B 2 15 ? 17.720  -1.563  -3.962  1.00 48.70  ? 32  LEU B N   1 
ATOM   646  C CA  . LEU B 2 15 ? 18.207  -0.856  -5.155  1.00 47.50  ? 32  LEU B CA  1 
ATOM   647  C C   . LEU B 2 15 ? 17.019  -0.383  -5.975  1.00 42.42  ? 32  LEU B C   1 
ATOM   648  O O   . LEU B 2 15 ? 16.133  -1.168  -6.312  1.00 44.37  ? 32  LEU B O   1 
ATOM   649  C CB  . LEU B 2 15 ? 19.082  -1.798  -5.993  1.00 49.83  ? 32  LEU B CB  1 
ATOM   650  C CG  . LEU B 2 15 ? 20.228  -2.464  -5.240  1.00 50.83  ? 32  LEU B CG  1 
ATOM   651  C CD1 . LEU B 2 15 ? 20.922  -3.524  -6.105  1.00 54.93  ? 32  LEU B CD1 1 
ATOM   652  C CD2 . LEU B 2 15 ? 21.197  -1.417  -4.712  1.00 51.08  ? 32  LEU B CD2 1 
ATOM   653  N N   . PRO B 2 16 ? 16.940  0.904   -6.354  1.00 51.46  ? 33  PRO B N   1 
ATOM   654  C CA  . PRO B 2 16 ? 15.759  1.360   -7.093  1.00 48.54  ? 33  PRO B CA  1 
ATOM   655  C C   . PRO B 2 16 ? 15.484  0.553   -8.373  1.00 49.68  ? 33  PRO B C   1 
ATOM   656  O O   . PRO B 2 16 ? 14.355  0.238   -8.647  1.00 46.14  ? 33  PRO B O   1 
ATOM   657  C CB  . PRO B 2 16 ? 16.076  2.834   -7.360  1.00 56.91  ? 33  PRO B CB  1 
ATOM   658  C CG  . PRO B 2 16 ? 16.977  3.210   -6.195  1.00 62.00  ? 33  PRO B CG  1 
ATOM   659  C CD  . PRO B 2 16 ? 17.856  1.990   -5.965  1.00 51.82  ? 33  PRO B CD  1 
ATOM   660  N N   . ALA B 2 17 ? 16.505  0.138   -9.123  1.00 44.42  ? 34  ALA B N   1 
ATOM   661  C CA  . ALA B 2 17 ? 16.219  -0.511  -10.411 1.00 48.82  ? 34  ALA B CA  1 
ATOM   662  C C   . ALA B 2 17 ? 15.695  -1.949  -10.254 1.00 43.43  ? 34  ALA B C   1 
ATOM   663  O O   . ALA B 2 17 ? 15.130  -2.497  -11.187 1.00 46.91  ? 34  ALA B O   1 
ATOM   664  C CB  . ALA B 2 17 ? 17.441  -0.439  -11.304 1.00 54.56  ? 34  ALA B CB  1 
ATOM   665  N N   . THR B 2 18 ? 15.860  -2.570  -9.078  1.00 46.90  ? 35  THR B N   1 
ATOM   666  C CA  . THR B 2 18 ? 15.489  -4.000  -8.938  1.00 45.69  ? 35  THR B CA  1 
ATOM   667  C C   . THR B 2 18 ? 14.471  -4.284  -7.823  1.00 42.25  ? 35  THR B C   1 
ATOM   668  O O   . THR B 2 18 ? 13.864  -5.370  -7.823  1.00 46.04  ? 35  THR B O   1 
ATOM   669  C CB  . THR B 2 18 ? 16.733  -4.863  -8.714  1.00 44.17  ? 35  THR B CB  1 
ATOM   670  O OG1 . THR B 2 18 ? 17.324  -4.495  -7.467  1.00 42.91  ? 35  THR B OG1 1 
ATOM   671  C CG2 . THR B 2 18 ? 17.743  -4.662  -9.832  1.00 43.30  ? 35  THR B CG2 1 
ATOM   672  N N   . ARG B 2 19 ? 14.294  -3.351  -6.882  1.00 41.33  ? 36  ARG B N   1 
ATOM   673  C CA  . ARG B 2 19 ? 13.448  -3.606  -5.728  1.00 44.48  ? 36  ARG B CA  1 
ATOM   674  C C   . ARG B 2 19 ? 12.013  -3.856  -6.183  1.00 48.17  ? 36  ARG B C   1 
ATOM   675  O O   . ARG B 2 19 ? 11.596  -3.388  -7.218  1.00 47.88  ? 36  ARG B O   1 
ATOM   676  C CB  . ARG B 2 19 ? 13.530  -2.460  -4.716  1.00 45.11  ? 36  ARG B CB  1 
ATOM   677  C CG  . ARG B 2 19 ? 12.936  -1.143  -5.190  1.00 47.41  ? 36  ARG B CG  1 
ATOM   678  C CD  . ARG B 2 19 ? 13.271  -0.073  -4.179  1.00 47.21  ? 36  ARG B CD  1 
ATOM   679  N NE  . ARG B 2 19 ? 12.917  1.252   -4.644  1.00 47.43  ? 36  ARG B NE  1 
ATOM   680  C CZ  . ARG B 2 19 ? 12.863  2.331   -3.873  1.00 54.53  ? 36  ARG B CZ  1 
ATOM   681  N NH1 . ARG B 2 19 ? 13.331  2.312   -2.638  1.00 48.26  ? 36  ARG B NH1 1 
ATOM   682  N NH2 . ARG B 2 19 ? 12.338  3.434   -4.357  1.00 46.82  ? 36  ARG B NH2 1 
ATOM   683  N N   . VAL B 2 20 ? 11.267  -4.619  -5.380  1.00 46.58  ? 37  VAL B N   1 
ATOM   684  C CA  . VAL B 2 20 ? 9.905   -4.848  -5.660  1.00 46.71  ? 37  VAL B CA  1 
ATOM   685  C C   . VAL B 2 20 ? 9.037   -4.091  -4.643  1.00 43.88  ? 37  VAL B C   1 
ATOM   686  O O   . VAL B 2 20 ? 9.112   -4.357  -3.458  1.00 43.84  ? 37  VAL B O   1 
ATOM   687  C CB  . VAL B 2 20 ? 9.581   -6.347  -5.653  1.00 46.25  ? 37  VAL B CB  1 
ATOM   688  C CG1 . VAL B 2 20 ? 8.095   -6.573  -5.924  1.00 48.84  ? 37  VAL B CG1 1 
ATOM   689  C CG2 . VAL B 2 20 ? 10.475  -7.111  -6.642  1.00 51.56  ? 37  VAL B CG2 1 
ATOM   690  N N   . LEU B 2 21 ? 8.110   -3.294  -5.160  1.00 45.47  ? 38  LEU B N   1 
ATOM   691  C CA  . LEU B 2 21 ? 7.166   -2.529  -4.316  1.00 44.81  ? 38  LEU B CA  1 
ATOM   692  C C   . LEU B 2 21 ? 6.157   -3.476  -3.682  1.00 45.75  ? 38  LEU B C   1 
ATOM   693  O O   . LEU B 2 21 ? 5.543   -4.260  -4.394  1.00 46.62  ? 38  LEU B O   1 
ATOM   694  C CB  . LEU B 2 21 ? 6.456   -1.485  -5.176  1.00 45.85  ? 38  LEU B CB  1 
ATOM   695  C CG  . LEU B 2 21 ? 5.304   -0.773  -4.451  1.00 51.27  ? 38  LEU B CG  1 
ATOM   696  C CD1 . LEU B 2 21 ? 5.841   0.085   -3.326  1.00 47.00  ? 38  LEU B CD1 1 
ATOM   697  C CD2 . LEU B 2 21 ? 4.492   0.074   -5.408  1.00 53.85  ? 38  LEU B CD2 1 
ATOM   698  N N   . LEU B 2 22 ? 5.961   -3.355  -2.354  1.00 39.69  ? 39  LEU B N   1 
ATOM   699  C CA  . LEU B 2 22 ? 5.082   -4.243  -1.596  1.00 40.11  ? 39  LEU B CA  1 
ATOM   700  C C   . LEU B 2 22 ? 3.819   -3.532  -1.119  1.00 37.82  ? 39  LEU B C   1 
ATOM   701  O O   . LEU B 2 22 ? 2.729   -4.018  -1.412  1.00 40.53  ? 39  LEU B O   1 
ATOM   702  C CB  . LEU B 2 22 ? 5.820   -4.801  -0.374  1.00 41.29  ? 39  LEU B CB  1 
ATOM   703  C CG  . LEU B 2 22 ? 7.071   -5.605  -0.731  1.00 41.45  ? 39  LEU B CG  1 
ATOM   704  C CD1 . LEU B 2 22 ? 7.806   -6.052  0.513   1.00 39.46  ? 39  LEU B CD1 1 
ATOM   705  C CD2 . LEU B 2 22 ? 6.717   -6.808  -1.578  1.00 47.12  ? 39  LEU B CD2 1 
ATOM   706  N N   . MET B 2 23 ? 3.975   -2.446  -0.346  1.00 36.06  ? 40  MET B N   1 
ATOM   707  C CA  . MET B 2 23 ? 2.820   -1.854  0.364   1.00 36.82  ? 40  MET B CA  1 
ATOM   708  C C   . MET B 2 23 ? 3.078   -0.423  0.838   1.00 38.15  ? 40  MET B C   1 
ATOM   709  O O   . MET B 2 23 ? 4.203   -0.049  1.190   1.00 40.44  ? 40  MET B O   1 
ATOM   710  C CB  . MET B 2 23 ? 2.512   -2.749  1.555   1.00 38.94  ? 40  MET B CB  1 
ATOM   711  C CG  . MET B 2 23 ? 1.296   -2.332  2.387   1.00 51.21  ? 40  MET B CG  1 
ATOM   712  S SD  . MET B 2 23 ? 0.689   -3.610  3.506   1.00 53.16  ? 40  MET B SD  1 
ATOM   713  C CE  . MET B 2 23 ? 1.110   -5.093  2.617   1.00 62.76  ? 40  MET B CE  1 
ATOM   714  N N   . TYR B 2 24 ? 2.007   0.384   0.903   1.00 39.31  ? 41  TYR B N   1 
ATOM   715  C CA  . TYR B 2 24 ? 2.023   1.666   1.568   1.00 37.51  ? 41  TYR B CA  1 
ATOM   716  C C   . TYR B 2 24 ? 1.290   1.475   2.893   1.00 38.67  ? 41  TYR B C   1 
ATOM   717  O O   . TYR B 2 24 ? 0.277   0.819   2.907   1.00 38.19  ? 41  TYR B O   1 
ATOM   718  C CB  . TYR B 2 24 ? 1.262   2.750   0.819   1.00 40.22  ? 41  TYR B CB  1 
ATOM   719  C CG  . TYR B 2 24 ? 1.937   3.404   -0.347  1.00 39.80  ? 41  TYR B CG  1 
ATOM   720  C CD1 . TYR B 2 24 ? 2.287   2.673   -1.465  1.00 43.83  ? 41  TYR B CD1 1 
ATOM   721  C CD2 . TYR B 2 24 ? 2.101   4.772   -0.387  1.00 41.86  ? 41  TYR B CD2 1 
ATOM   722  C CE1 . TYR B 2 24 ? 2.859   3.285   -2.563  1.00 40.11  ? 41  TYR B CE1 1 
ATOM   723  C CE2 . TYR B 2 24 ? 2.673   5.400   -1.482  1.00 43.09  ? 41  TYR B CE2 1 
ATOM   724  C CZ  . TYR B 2 24 ? 3.088   4.634   -2.551  1.00 40.46  ? 41  TYR B CZ  1 
ATOM   725  O OH  . TYR B 2 24 ? 3.610   5.213   -3.657  1.00 45.64  ? 41  TYR B OH  1 
ATOM   726  N N   . VAL B 2 25 ? 1.834   2.004   3.981   1.00 34.04  ? 42  VAL B N   1 
ATOM   727  C CA  . VAL B 2 25 ? 1.250   1.849   5.328   1.00 37.36  ? 42  VAL B CA  1 
ATOM   728  C C   . VAL B 2 25 ? 1.237   3.241   5.946   1.00 40.20  ? 42  VAL B C   1 
ATOM   729  O O   . VAL B 2 25 ? 2.274   3.956   5.929   1.00 36.37  ? 42  VAL B O   1 
ATOM   730  C CB  . VAL B 2 25 ? 2.038   0.878   6.230   1.00 37.03  ? 42  VAL B CB  1 
ATOM   731  C CG1 . VAL B 2 25 ? 1.364   0.706   7.593   1.00 37.99  ? 42  VAL B CG1 1 
ATOM   732  C CG2 . VAL B 2 25 ? 2.205   -0.500  5.584   1.00 36.02  ? 42  VAL B CG2 1 
ATOM   733  N N   . ARG B 2 26 ? 0.088   3.613   6.503   1.00 41.72  ? 43  ARG B N   1 
ATOM   734  C CA  . ARG B 2 26 ? -0.080  4.958   7.020   1.00 42.85  ? 43  ARG B CA  1 
ATOM   735  C C   . ARG B 2 26 ? 0.718   5.077   8.329   1.00 37.00  ? 43  ARG B C   1 
ATOM   736  O O   . ARG B 2 26 ? 0.627   4.232   9.212   1.00 42.62  ? 43  ARG B O   1 
ATOM   737  C CB  . ARG B 2 26 ? -1.567  5.321   7.146   1.00 41.46  ? 43  ARG B CB  1 
ATOM   738  C CG  . ARG B 2 26 ? -1.768  6.747   7.664   1.00 47.11  ? 43  ARG B CG  1 
ATOM   739  C CD  . ARG B 2 26 ? -3.165  7.304   7.428   1.00 44.95  ? 43  ARG B CD  1 
ATOM   740  N NE  . ARG B 2 26 ? -4.109  6.688   8.327   1.00 42.19  ? 43  ARG B NE  1 
ATOM   741  C CZ  . ARG B 2 26 ? -4.264  6.985   9.613   1.00 48.26  ? 43  ARG B CZ  1 
ATOM   742  N NH1 . ARG B 2 26 ? -3.550  7.947   10.180  1.00 50.84  ? 43  ARG B NH1 1 
ATOM   743  N NH2 . ARG B 2 26 ? -5.165  6.328   10.321  1.00 48.47  ? 43  ARG B NH2 1 
ATOM   744  N N   . ILE B 2 27 ? 1.483   6.158   8.438   1.00 38.03  ? 44  ILE B N   1 
ATOM   745  C CA  . ILE B 2 27 ? 2.298   6.398   9.618   1.00 41.43  ? 44  ILE B CA  1 
ATOM   746  C C   . ILE B 2 27 ? 1.317   6.556   10.763  1.00 43.95  ? 44  ILE B C   1 
ATOM   747  O O   . ILE B 2 27 ? 0.319   7.262   10.615  1.00 40.45  ? 44  ILE B O   1 
ATOM   748  C CB  . ILE B 2 27 ? 3.242   7.603   9.453   1.00 48.44  ? 44  ILE B CB  1 
ATOM   749  C CG1 . ILE B 2 27 ? 4.400   7.261   8.512   1.00 42.80  ? 44  ILE B CG1 1 
ATOM   750  C CG2 . ILE B 2 27 ? 3.758   8.092   10.809  1.00 49.69  ? 44  ILE B CG2 1 
ATOM   751  C CD1 . ILE B 2 27 ? 5.097   8.449   7.946   1.00 43.90  ? 44  ILE B CD1 1 
ATOM   752  N N   . GLY B 2 28 ? 1.552   5.771   11.817  1.00 42.31  ? 45  GLY B N   1 
ATOM   753  C CA  . GLY B 2 28 ? 0.673   5.711   12.971  1.00 45.05  ? 45  GLY B CA  1 
ATOM   754  C C   . GLY B 2 28 ? -0.185  4.463   12.958  1.00 49.92  ? 45  GLY B C   1 
ATOM   755  O O   . GLY B 2 28 ? -0.946  4.275   13.887  1.00 49.00  ? 45  GLY B O   1 
ATOM   756  N N   . THR B 2 29 ? -0.063  3.610   11.914  1.00 46.24  ? 46  THR B N   1 
ATOM   757  C CA  . THR B 2 29 ? -0.861  2.361   11.831  1.00 44.56  ? 46  THR B CA  1 
ATOM   758  C C   . THR B 2 29 ? 0.077   1.150   11.698  1.00 42.57  ? 46  THR B C   1 
ATOM   759  O O   . THR B 2 29 ? 1.260   1.309   11.453  1.00 35.97  ? 46  THR B O   1 
ATOM   760  C CB  . THR B 2 29 ? -1.878  2.424   10.675  1.00 46.25  ? 46  THR B CB  1 
ATOM   761  O OG1 . THR B 2 29 ? -1.221  2.230   9.411   1.00 40.74  ? 46  THR B OG1 1 
ATOM   762  C CG2 . THR B 2 29 ? -2.609  3.746   10.632  1.00 46.79  ? 46  THR B CG2 1 
ATOM   763  N N   . THR B 2 30 ? -0.495  -0.041  11.847  1.00 40.16  ? 47  THR B N   1 
ATOM   764  C CA  . THR B 2 30 ? 0.186   -1.301  11.650  1.00 44.84  ? 47  THR B CA  1 
ATOM   765  C C   . THR B 2 30 ? -0.527  -2.016  10.499  1.00 41.91  ? 47  THR B C   1 
ATOM   766  O O   . THR B 2 30 ? -1.653  -1.737  10.190  1.00 41.15  ? 47  THR B O   1 
ATOM   767  C CB  . THR B 2 30 ? 0.240   -2.138  12.935  1.00 45.34  ? 47  THR B CB  1 
ATOM   768  O OG1 . THR B 2 30 ? -1.064  -2.677  13.007  1.00 41.99  ? 47  THR B OG1 1 
ATOM   769  C CG2 . THR B 2 30 ? 0.529   -1.392  14.226  1.00 45.84  ? 47  THR B CG2 1 
ATOM   770  N N   . ALA B 2 31 ? 0.201   -2.877  9.783   1.00 40.49  ? 48  ALA B N   1 
ATOM   771  C CA  . ALA B 2 31 ? -0.335  -3.622  8.634   1.00 42.68  ? 48  ALA B CA  1 
ATOM   772  C C   . ALA B 2 31 ? 0.484   -4.916  8.472   1.00 39.61  ? 48  ALA B C   1 
ATOM   773  O O   . ALA B 2 31 ? 1.630   -4.969  8.908   1.00 39.41  ? 48  ALA B O   1 
ATOM   774  C CB  . ALA B 2 31 ? -0.263  -2.779  7.364   1.00 42.19  ? 48  ALA B CB  1 
ATOM   775  N N   . THR B 2 32 ? -0.104  -5.926  7.837   1.00 39.63  ? 49  THR B N   1 
ATOM   776  C CA  . THR B 2 32 ? 0.599   -7.161  7.547   1.00 41.66  ? 49  THR B CA  1 
ATOM   777  C C   . THR B 2 32 ? 1.056   -7.176  6.100   1.00 39.96  ? 49  THR B C   1 
ATOM   778  O O   . THR B 2 32 ? 0.239   -7.046  5.208   1.00 41.35  ? 49  THR B O   1 
ATOM   779  C CB  . THR B 2 32 ? -0.261  -8.371  7.899   1.00 48.88  ? 49  THR B CB  1 
ATOM   780  O OG1 . THR B 2 32 ? -0.415  -8.281  9.318   1.00 43.60  ? 49  THR B OG1 1 
ATOM   781  C CG2 . THR B 2 32 ? 0.429   -9.666  7.504   1.00 49.57  ? 49  THR B CG2 1 
ATOM   782  N N   . ILE B 2 33 ? 2.378   -7.295  5.908   1.00 44.05  ? 50  ILE B N   1 
ATOM   783  C CA  . ILE B 2 33 ? 2.993   -7.430  4.588   1.00 45.77  ? 50  ILE B CA  1 
ATOM   784  C C   . ILE B 2 33 ? 3.139   -8.914  4.251   1.00 49.06  ? 50  ILE B C   1 
ATOM   785  O O   . ILE B 2 33 ? 3.538   -9.711  5.113   1.00 46.44  ? 50  ILE B O   1 
ATOM   786  C CB  . ILE B 2 33 ? 4.353   -6.709  4.534   1.00 44.57  ? 50  ILE B CB  1 
ATOM   787  C CG1 . ILE B 2 33 ? 4.191   -5.197  4.690   1.00 46.64  ? 50  ILE B CG1 1 
ATOM   788  C CG2 . ILE B 2 33 ? 5.097   -7.063  3.243   1.00 52.89  ? 50  ILE B CG2 1 
ATOM   789  C CD1 . ILE B 2 33 ? 5.452   -4.458  5.041   1.00 50.70  ? 50  ILE B CD1 1 
ATOM   790  N N   . THR B 2 34 ? 2.859   -9.260  2.989   1.00 51.40  ? 51  THR B N   1 
ATOM   791  C CA  . THR B 2 34 ? 3.121   -10.567 2.474   1.00 49.81  ? 51  THR B CA  1 
ATOM   792  C C   . THR B 2 34 ? 4.286   -10.517 1.489   1.00 51.73  ? 51  THR B C   1 
ATOM   793  O O   . THR B 2 34 ? 4.243   -9.791  0.524   1.00 55.49  ? 51  THR B O   1 
ATOM   794  C CB  . THR B 2 34 ? 1.900   -11.168 1.789   1.00 52.59  ? 51  THR B CB  1 
ATOM   795  O OG1 . THR B 2 34 ? 1.028   -11.494 2.856   1.00 54.34  ? 51  THR B OG1 1 
ATOM   796  C CG2 . THR B 2 34 ? 2.233   -12.421 1.000   1.00 61.83  ? 51  THR B CG2 1 
ATOM   797  N N   . ALA B 2 35 ? 5.349   -11.282 1.773   1.00 53.63  ? 52  ALA B N   1 
ATOM   798  C CA  . ALA B 2 35 ? 6.515   -11.235 0.948   1.00 46.18  ? 52  ALA B CA  1 
ATOM   799  C C   . ALA B 2 35 ? 7.333   -12.542 1.065   1.00 52.88  ? 52  ALA B C   1 
ATOM   800  O O   . ALA B 2 35 ? 7.504   -13.126 2.154   1.00 49.66  ? 52  ALA B O   1 
ATOM   801  C CB  . ALA B 2 35 ? 7.324   -10.029 1.331   1.00 45.27  ? 52  ALA B CB  1 
ATOM   802  N N   . ARG B 2 36 ? 7.845   -13.004 -0.081  1.00 59.70  ? 53  ARG B N   1 
ATOM   803  C CA  . ARG B 2 36 ? 8.597   -14.273 -0.173  1.00 56.03  ? 53  ARG B CA  1 
ATOM   804  C C   . ARG B 2 36 ? 7.857   -15.376 0.596   1.00 57.51  ? 53  ARG B C   1 
ATOM   805  O O   . ARG B 2 36 ? 8.454   -16.117 1.380   1.00 62.99  ? 53  ARG B O   1 
ATOM   806  C CB  . ARG B 2 36 ? 10.017  -14.036 0.348   1.00 49.49  ? 53  ARG B CB  1 
ATOM   807  C CG  . ARG B 2 36 ? 10.720  -12.847 -0.279  1.00 51.09  ? 53  ARG B CG  1 
ATOM   808  C CD  . ARG B 2 36 ? 12.209  -12.910 0.004   1.00 48.73  ? 53  ARG B CD  1 
ATOM   809  N NE  . ARG B 2 36 ? 12.973  -11.882 -0.679  1.00 49.42  ? 53  ARG B NE  1 
ATOM   810  C CZ  . ARG B 2 36 ? 14.281  -11.746 -0.589  1.00 46.36  ? 53  ARG B CZ  1 
ATOM   811  N NH1 . ARG B 2 36 ? 14.989  -12.704 -0.029  1.00 59.03  ? 53  ARG B NH1 1 
ATOM   812  N NH2 . ARG B 2 36 ? 14.881  -10.657 -1.014  1.00 47.37  ? 53  ARG B NH2 1 
ATOM   813  N N   . GLY B 2 37 ? 6.532   -15.403 0.416   1.00 54.94  ? 54  GLY B N   1 
ATOM   814  C CA  . GLY B 2 37 ? 5.658   -16.400 0.954   1.00 57.81  ? 54  GLY B CA  1 
ATOM   815  C C   . GLY B 2 37 ? 5.504   -16.329 2.463   1.00 69.96  ? 54  GLY B C   1 
ATOM   816  O O   . GLY B 2 37 ? 5.053   -17.315 3.057   1.00 75.15  ? 54  GLY B O   1 
ATOM   817  N N   . HIS B 2 38 ? 5.865   -15.204 3.106   1.00 58.87  ? 55  HIS B N   1 
ATOM   818  C CA  . HIS B 2 38 ? 5.653   -15.085 4.560   1.00 57.78  ? 55  HIS B CA  1 
ATOM   819  C C   . HIS B 2 38 ? 4.949   -13.755 4.894   1.00 55.98  ? 55  HIS B C   1 
ATOM   820  O O   . HIS B 2 38 ? 4.874   -12.848 4.082   1.00 52.98  ? 55  HIS B O   1 
ATOM   821  C CB  . HIS B 2 38 ? 6.968   -15.220 5.336   1.00 66.51  ? 55  HIS B CB  1 
ATOM   822  C CG  . HIS B 2 38 ? 7.793   -16.424 5.014   1.00 79.15  ? 55  HIS B CG  1 
ATOM   823  N ND1 . HIS B 2 38 ? 7.456   -17.693 5.452   1.00 78.96  ? 55  HIS B ND1 1 
ATOM   824  C CD2 . HIS B 2 38 ? 8.967   -16.549 4.348   1.00 88.16  ? 55  HIS B CD2 1 
ATOM   825  C CE1 . HIS B 2 38 ? 8.361   -18.556 5.037   1.00 85.19  ? 55  HIS B CE1 1 
ATOM   826  N NE2 . HIS B 2 38 ? 9.308   -17.878 4.362   1.00 88.34  ? 55  HIS B NE2 1 
ATOM   827  N N   . GLU B 2 39 ? 4.495   -13.643 6.141   1.00 56.48  ? 56  GLU B N   1 
ATOM   828  C CA  . GLU B 2 39 ? 3.812   -12.463 6.650   1.00 51.12  ? 56  GLU B CA  1 
ATOM   829  C C   . GLU B 2 39 ? 4.691   -11.729 7.665   1.00 47.80  ? 56  GLU B C   1 
ATOM   830  O O   . GLU B 2 39 ? 5.336   -12.323 8.520   1.00 45.60  ? 56  GLU B O   1 
ATOM   831  C CB  . GLU B 2 39 ? 2.470   -12.898 7.221   1.00 53.05  ? 56  GLU B CB  1 
ATOM   832  C CG  . GLU B 2 39 ? 1.523   -13.304 6.116   1.00 56.44  ? 56  GLU B CG  1 
ATOM   833  C CD  . GLU B 2 39 ? 0.112   -13.607 6.572   1.00 59.16  ? 56  GLU B CD  1 
ATOM   834  O OE1 . GLU B 2 39 ? -0.781  -13.576 5.726   1.00 78.25  ? 56  GLU B OE1 1 
ATOM   835  O OE2 . GLU B 2 39 ? -0.076  -13.901 7.749   1.00 67.08  ? 56  GLU B OE2 1 
ATOM   836  N N   . PHE B 2 40 ? 4.739   -10.410 7.526   1.00 40.88  ? 57  PHE B N   1 
ATOM   837  C CA  . PHE B 2 40 ? 5.491   -9.545  8.426   1.00 44.51  ? 57  PHE B CA  1 
ATOM   838  C C   . PHE B 2 40 ? 4.554   -8.438  8.917   1.00 45.07  ? 57  PHE B C   1 
ATOM   839  O O   . PHE B 2 40 ? 4.032   -7.673  8.116   1.00 40.02  ? 57  PHE B O   1 
ATOM   840  C CB  . PHE B 2 40 ? 6.683   -8.942  7.692   1.00 47.28  ? 57  PHE B CB  1 
ATOM   841  C CG  . PHE B 2 40 ? 7.599   -9.990  7.116   1.00 44.46  ? 57  PHE B CG  1 
ATOM   842  C CD1 . PHE B 2 40 ? 8.553   -10.592 7.919   1.00 47.97  ? 57  PHE B CD1 1 
ATOM   843  C CD2 . PHE B 2 40 ? 7.431   -10.429 5.811   1.00 47.16  ? 57  PHE B CD2 1 
ATOM   844  C CE1 . PHE B 2 40 ? 9.405   -11.547 7.401   1.00 51.27  ? 57  PHE B CE1 1 
ATOM   845  C CE2 . PHE B 2 40 ? 8.236   -11.437 5.311   1.00 49.60  ? 57  PHE B CE2 1 
ATOM   846  C CZ  . PHE B 2 40 ? 9.232   -11.973 6.099   1.00 51.53  ? 57  PHE B CZ  1 
ATOM   847  N N   . GLU B 2 41 ? 4.261   -8.415  10.211  1.00 41.59  ? 58  GLU B N   1 
ATOM   848  C CA  . GLU B 2 41 ? 3.361   -7.321  10.743  1.00 42.77  ? 58  GLU B CA  1 
ATOM   849  C C   . GLU B 2 41 ? 4.283   -6.169  11.163  1.00 41.26  ? 58  GLU B C   1 
ATOM   850  O O   . GLU B 2 41 ? 5.150   -6.339  12.025  1.00 41.82  ? 58  GLU B O   1 
ATOM   851  C CB  . GLU B 2 41 ? 2.468   -7.797  11.886  1.00 45.26  ? 58  GLU B CB  1 
ATOM   852  C CG  . GLU B 2 41 ? 1.353   -6.799  12.194  1.00 47.81  ? 58  GLU B CG  1 
ATOM   853  C CD  . GLU B 2 41 ? 0.457   -7.087  13.392  1.00 49.79  ? 58  GLU B CD  1 
ATOM   854  O OE1 . GLU B 2 41 ? 0.982   -7.378  14.456  1.00 56.91  ? 58  GLU B OE1 1 
ATOM   855  O OE2 . GLU B 2 41 ? -0.777  -6.923  13.271  1.00 58.85  ? 58  GLU B OE2 1 
ATOM   856  N N   . VAL B 2 42 ? 4.143   -5.039  10.465  1.00 39.64  ? 59  VAL B N   1 
ATOM   857  C CA  . VAL B 2 42 ? 4.986   -3.871  10.641  1.00 40.88  ? 59  VAL B CA  1 
ATOM   858  C C   . VAL B 2 42 ? 4.172   -2.760  11.300  1.00 37.25  ? 59  VAL B C   1 
ATOM   859  O O   . VAL B 2 42 ? 2.950   -2.711  11.186  1.00 37.84  ? 59  VAL B O   1 
ATOM   860  C CB  . VAL B 2 42 ? 5.598   -3.377  9.312   1.00 40.46  ? 59  VAL B CB  1 
ATOM   861  C CG1 . VAL B 2 42 ? 6.586   -4.406  8.751   1.00 43.03  ? 59  VAL B CG1 1 
ATOM   862  C CG2 . VAL B 2 42 ? 4.542   -3.014  8.264   1.00 41.60  ? 59  VAL B CG2 1 
ATOM   863  N N   . GLU B 2 43 ? 4.910   -1.870  11.954  1.00 38.90  ? 60  GLU B N   1 
ATOM   864  C CA  . GLU B 2 43 ? 4.397   -0.633  12.479  1.00 42.59  ? 60  GLU B CA  1 
ATOM   865  C C   . GLU B 2 43 ? 5.120   0.500   11.760  1.00 37.80  ? 60  GLU B C   1 
ATOM   866  O O   . GLU B 2 43 ? 6.327   0.619   11.847  1.00 37.13  ? 60  GLU B O   1 
ATOM   867  C CB  . GLU B 2 43 ? 4.619   -0.585  13.992  1.00 48.11  ? 60  GLU B CB  1 
ATOM   868  C CG  . GLU B 2 43 ? 4.181   0.704   14.632  1.00 51.23  ? 60  GLU B CG  1 
ATOM   869  C CD  . GLU B 2 43 ? 4.690   0.863   16.051  1.00 60.62  ? 60  GLU B CD  1 
ATOM   870  O OE1 . GLU B 2 43 ? 5.792   0.321   16.347  1.00 56.52  ? 60  GLU B OE1 1 
ATOM   871  O OE2 . GLU B 2 43 ? 3.979   1.506   16.861  1.00 55.32  ? 60  GLU B OE2 1 
ATOM   872  N N   . ALA B 2 44 ? 4.365   1.335   11.042  1.00 38.77  ? 61  ALA B N   1 
ATOM   873  C CA  . ALA B 2 44 ? 4.938   2.510   10.452  1.00 41.35  ? 61  ALA B CA  1 
ATOM   874  C C   . ALA B 2 44 ? 4.913   3.599   11.553  1.00 43.57  ? 61  ALA B C   1 
ATOM   875  O O   . ALA B 2 44 ? 3.860   4.167   11.801  1.00 41.83  ? 61  ALA B O   1 
ATOM   876  C CB  . ALA B 2 44 ? 4.121   2.904   9.227   1.00 34.92  ? 61  ALA B CB  1 
ATOM   877  N N   . LYS B 2 45 ? 6.060   3.849   12.183  1.00 46.91  ? 62  LYS B N   1 
ATOM   878  C CA  . LYS B 2 45 ? 6.154   4.649   13.417  1.00 52.41  ? 62  LYS B CA  1 
ATOM   879  C C   . LYS B 2 45 ? 6.217   6.144   13.100  1.00 49.55  ? 62  LYS B C   1 
ATOM   880  O O   . LYS B 2 45 ? 5.490   6.928   13.651  1.00 44.88  ? 62  LYS B O   1 
ATOM   881  C CB  . LYS B 2 45 ? 7.409   4.289   14.215  1.00 60.45  ? 62  LYS B CB  1 
ATOM   882  C CG  . LYS B 2 45 ? 7.315   4.515   15.727  1.00 71.46  ? 62  LYS B CG  1 
ATOM   883  C CD  . LYS B 2 45 ? 6.890   3.277   16.528  1.00 76.47  ? 62  LYS B CD  1 
ATOM   884  C CE  . LYS B 2 45 ? 7.463   3.192   17.936  1.00 82.92  ? 62  LYS B CE  1 
ATOM   885  N NZ  . LYS B 2 45 ? 6.986   4.314   18.788  1.00 76.23  ? 62  LYS B NZ  1 
ATOM   886  N N   . ASP B 2 46 ? 7.094   6.520   12.180  1.00 47.30  ? 63  ASP B N   1 
ATOM   887  C CA  . ASP B 2 46 ? 7.295   7.934   11.913  1.00 53.67  ? 63  ASP B CA  1 
ATOM   888  C C   . ASP B 2 46 ? 7.942   8.068   10.547  1.00 49.87  ? 63  ASP B C   1 
ATOM   889  O O   . ASP B 2 46 ? 8.251   7.045   9.954   1.00 46.18  ? 63  ASP B O   1 
ATOM   890  C CB  . ASP B 2 46 ? 8.231   8.535   12.971  1.00 58.79  ? 63  ASP B CB  1 
ATOM   891  C CG  . ASP B 2 46 ? 9.597   7.856   13.074  1.00 59.66  ? 63  ASP B CG  1 
ATOM   892  O OD1 . ASP B 2 46 ? 10.273  7.664   12.036  1.00 58.57  ? 63  ASP B OD1 1 
ATOM   893  O OD2 . ASP B 2 46 ? 10.006  7.563   14.216  1.00 79.58  ? 63  ASP B OD2 1 
ATOM   894  N N   . GLN B 2 47 ? 8.293   9.314   10.169  1.00 55.38  ? 64  GLN B N   1 
ATOM   895  C CA  . GLN B 2 47 ? 8.823   9.696   8.832   1.00 50.26  ? 64  GLN B CA  1 
ATOM   896  C C   . GLN B 2 47 ? 10.220  9.114   8.583   1.00 57.39  ? 64  GLN B C   1 
ATOM   897  O O   . GLN B 2 47 ? 10.672  9.211   7.461   1.00 57.69  ? 64  GLN B O   1 
ATOM   898  C CB  . GLN B 2 47 ? 8.870   11.218  8.565   1.00 69.16  ? 64  GLN B CB  1 
ATOM   899  C CG  . GLN B 2 47 ? 8.499   12.140  9.733   1.00 84.13  ? 64  GLN B CG  1 
ATOM   900  C CD  . GLN B 2 47 ? 7.059   12.012  10.197  1.00 92.14  ? 64  GLN B CD  1 
ATOM   901  O OE1 . GLN B 2 47 ? 6.786   11.538  11.303  1.00 98.96  ? 64  GLN B OE1 1 
ATOM   902  N NE2 . GLN B 2 47 ? 6.113   12.400  9.351   1.00 81.66  ? 64  GLN B NE2 1 
ATOM   903  N N   . ASN B 2 48 ? 10.916  8.548   9.593   1.00 51.96  ? 65  ASN B N   1 
ATOM   904  C CA  . ASN B 2 48 ? 12.172  7.874   9.309   1.00 49.51  ? 65  ASN B CA  1 
ATOM   905  C C   . ASN B 2 48 ? 11.885  6.512   8.662   1.00 50.78  ? 65  ASN B C   1 
ATOM   906  O O   . ASN B 2 48 ? 12.721  5.995   7.944   1.00 46.54  ? 65  ASN B O   1 
ATOM   907  C CB  . ASN B 2 48 ? 13.088  7.734   10.530  1.00 55.62  ? 65  ASN B CB  1 
ATOM   908  C CG  . ASN B 2 48 ? 13.464  9.095   11.078  1.00 63.35  ? 65  ASN B CG  1 
ATOM   909  O OD1 . ASN B 2 48 ? 13.120  9.410   12.211  1.00 54.13  ? 65  ASN B OD1 1 
ATOM   910  N ND2 . ASN B 2 48 ? 14.059  9.931   10.238  1.00 57.66  ? 65  ASN B ND2 1 
ATOM   911  N N   . CYS B 2 49 ? 10.695  5.958   8.869   1.00 45.86  ? 66  CYS B N   1 
ATOM   912  C CA  . CYS B 2 49 ? 10.306  4.740   8.115   1.00 46.36  ? 66  CYS B CA  1 
ATOM   913  C C   . CYS B 2 49 ? 11.365  3.654   8.309   1.00 47.11  ? 66  CYS B C   1 
ATOM   914  O O   . CYS B 2 49 ? 11.760  2.998   7.375   1.00 43.46  ? 66  CYS B O   1 
ATOM   915  C CB  . CYS B 2 49 ? 10.047  5.073   6.648   1.00 46.75  ? 66  CYS B CB  1 
ATOM   916  S SG  . CYS B 2 49 ? 8.512   6.011   6.474   1.00 46.29  ? 66  CYS B SG  1 
ATOM   917  N N   . LYS B 2 50 ? 11.815  3.487   9.565   1.00 47.15  ? 67  LYS B N   1 
ATOM   918  C CA  . LYS B 2 50 ? 12.488  2.262   10.014  1.00 52.26  ? 67  LYS B CA  1 
ATOM   919  C C   . LYS B 2 50 ? 11.528  1.075   9.819   1.00 49.74  ? 67  LYS B C   1 
ATOM   920  O O   . LYS B 2 50 ? 10.363  1.195   10.123  1.00 42.08  ? 67  LYS B O   1 
ATOM   921  C CB  . LYS B 2 50 ? 12.860  2.408   11.495  1.00 58.23  ? 67  LYS B CB  1 
ATOM   922  C CG  . LYS B 2 50 ? 13.841  1.378   12.048  1.00 69.67  ? 67  LYS B CG  1 
ATOM   923  C CD  . LYS B 2 50 ? 13.945  1.382   13.583  1.00 70.86  ? 67  LYS B CD  1 
ATOM   924  C CE  . LYS B 2 50 ? 15.041  0.488   14.116  1.00 72.62  ? 67  LYS B CE  1 
ATOM   925  N NZ  . LYS B 2 50 ? 15.047  -0.814  13.414  1.00 73.25  ? 67  LYS B NZ  1 
ATOM   926  N N   . VAL B 2 51 ? 12.037  -0.067  9.329   1.00 43.50  ? 68  VAL B N   1 
ATOM   927  C CA  . VAL B 2 51 ? 11.268  -1.284  9.258   1.00 40.44  ? 68  VAL B CA  1 
ATOM   928  C C   . VAL B 2 51 ? 11.213  -1.854  10.672  1.00 42.64  ? 68  VAL B C   1 
ATOM   929  O O   . VAL B 2 51 ? 12.218  -2.244  11.198  1.00 44.02  ? 68  VAL B O   1 
ATOM   930  C CB  . VAL B 2 51 ? 11.873  -2.304  8.265   1.00 45.29  ? 68  VAL B CB  1 
ATOM   931  C CG1 . VAL B 2 51 ? 11.132  -3.631  8.289   1.00 46.26  ? 68  VAL B CG1 1 
ATOM   932  C CG2 . VAL B 2 51 ? 11.910  -1.750  6.851   1.00 48.73  ? 68  VAL B CG2 1 
ATOM   933  N N   . ILE B 2 52 ? 10.016  -1.950  11.226  1.00 37.00  ? 69  ILE B N   1 
ATOM   934  C CA  . ILE B 2 52 ? 9.776   -2.298  12.583  1.00 39.96  ? 69  ILE B CA  1 
ATOM   935  C C   . ILE B 2 52 ? 8.701   -3.393  12.647  1.00 40.79  ? 69  ILE B C   1 
ATOM   936  O O   . ILE B 2 52 ? 7.525   -3.158  12.375  1.00 41.67  ? 69  ILE B O   1 
ATOM   937  C CB  . ILE B 2 52 ? 9.305   -1.053  13.381  1.00 44.63  ? 69  ILE B CB  1 
ATOM   938  C CG1 . ILE B 2 52 ? 10.340  0.073   13.391  1.00 49.60  ? 69  ILE B CG1 1 
ATOM   939  C CG2 . ILE B 2 52 ? 8.921   -1.472  14.790  1.00 47.60  ? 69  ILE B CG2 1 
ATOM   940  C CD1 . ILE B 2 52 ? 9.896   1.311   14.147  1.00 49.77  ? 69  ILE B CD1 1 
ATOM   941  N N   . LEU B 2 53 ? 9.079   -4.587  13.130  1.00 40.44  ? 70  LEU B N   1 
ATOM   942  C CA  . LEU B 2 53 ? 8.107   -5.618  13.366  1.00 40.79  ? 70  LEU B CA  1 
ATOM   943  C C   . LEU B 2 53 ? 7.377   -5.284  14.669  1.00 39.75  ? 70  LEU B C   1 
ATOM   944  O O   . LEU B 2 53 ? 8.022   -4.872  15.658  1.00 41.65  ? 70  LEU B O   1 
ATOM   945  C CB  . LEU B 2 53 ? 8.816   -6.977  13.453  1.00 43.20  ? 70  LEU B CB  1 
ATOM   946  C CG  . LEU B 2 53 ? 9.501   -7.485  12.175  1.00 45.76  ? 70  LEU B CG  1 
ATOM   947  C CD1 . LEU B 2 53 ? 9.913   -8.954  12.357  1.00 46.70  ? 70  LEU B CD1 1 
ATOM   948  C CD2 . LEU B 2 53 ? 8.597   -7.349  10.951  1.00 41.31  ? 70  LEU B CD2 1 
ATOM   949  N N   . THR B 2 54 ? 6.068   -5.514  14.668  1.00 38.96  ? 71  THR B N   1 
ATOM   950  C CA  . THR B 2 54 ? 5.221   -5.226  15.837  1.00 39.08  ? 71  THR B CA  1 
ATOM   951  C C   . THR B 2 54 ? 5.573   -6.119  17.049  1.00 49.39  ? 71  THR B C   1 
ATOM   952  O O   . THR B 2 54 ? 5.175   -5.809  18.168  1.00 45.08  ? 71  THR B O   1 
ATOM   953  C CB  . THR B 2 54 ? 3.730   -5.375  15.527  1.00 44.05  ? 71  THR B CB  1 
ATOM   954  O OG1 . THR B 2 54 ? 3.479   -6.711  15.099  1.00 47.68  ? 71  THR B OG1 1 
ATOM   955  C CG2 . THR B 2 54 ? 3.244   -4.440  14.439  1.00 45.84  ? 71  THR B CG2 1 
ATOM   956  N N   . ASN B 2 55 ? 6.303   -7.223  16.845  1.00 49.14  ? 72  ASN B N   1 
ATOM   957  C CA  . ASN B 2 55 ? 6.659   -8.145  17.939  1.00 47.14  ? 72  ASN B CA  1 
ATOM   958  C C   . ASN B 2 55 ? 8.036   -7.786  18.529  1.00 41.68  ? 72  ASN B C   1 
ATOM   959  O O   . ASN B 2 55 ? 8.544   -8.451  19.428  1.00 51.24  ? 72  ASN B O   1 
ATOM   960  C CB  . ASN B 2 55 ? 6.519   -9.590  17.439  1.00 48.91  ? 72  ASN B CB  1 
ATOM   961  C CG  . ASN B 2 55 ? 7.562   -9.937  16.408  1.00 45.00  ? 72  ASN B CG  1 
ATOM   962  O OD1 . ASN B 2 55 ? 8.436   -9.113  16.116  1.00 47.55  ? 72  ASN B OD1 1 
ATOM   963  N ND2 . ASN B 2 55 ? 7.538   -11.168 15.909  1.00 44.50  ? 72  ASN B ND2 1 
ATOM   964  N N   . GLY B 2 56 ? 8.685   -6.743  18.019  1.00 40.07  ? 73  GLY B N   1 
ATOM   965  C CA  . GLY B 2 56 ? 9.921   -6.238  18.566  1.00 42.73  ? 73  GLY B CA  1 
ATOM   966  C C   . GLY B 2 56 ? 11.148  -6.942  18.023  1.00 43.61  ? 73  GLY B C   1 
ATOM   967  O O   . GLY B 2 56 ? 12.267  -6.597  18.383  1.00 46.53  ? 73  GLY B O   1 
ATOM   968  N N   . LYS B 2 57 ? 10.947  -7.927  17.153  1.00 51.10  ? 74  LYS B N   1 
ATOM   969  C CA  . LYS B 2 57 ? 12.059  -8.689  16.613  1.00 53.76  ? 74  LYS B CA  1 
ATOM   970  C C   . LYS B 2 57 ? 12.584  -8.003  15.336  1.00 52.90  ? 74  LYS B C   1 
ATOM   971  O O   . LYS B 2 57 ? 12.004  -7.037  14.790  1.00 55.83  ? 74  LYS B O   1 
ATOM   972  C CB  . LYS B 2 57 ? 11.618  -10.132 16.405  1.00 52.38  ? 74  LYS B CB  1 
ATOM   973  C CG  . LYS B 2 57 ? 11.135  -10.795 17.678  1.00 58.21  ? 74  LYS B CG  1 
ATOM   974  C CD  . LYS B 2 57 ? 10.817  -12.255 17.503  1.00 55.99  ? 74  LYS B CD  1 
ATOM   975  C CE  . LYS B 2 57 ? 10.767  -13.003 18.819  1.00 67.30  ? 74  LYS B CE  1 
ATOM   976  N NZ  . LYS B 2 57 ? 9.852   -14.160 18.715  1.00 62.01  ? 74  LYS B NZ  1 
ATOM   977  N N   . GLN B 2 58 ? 13.744  -8.482  14.907  1.00 50.59  ? 75  GLN B N   1 
ATOM   978  C CA  . GLN B 2 58 ? 14.508  -7.894  13.830  1.00 55.28  ? 75  GLN B CA  1 
ATOM   979  C C   . GLN B 2 58 ? 13.842  -8.337  12.539  1.00 47.95  ? 75  GLN B C   1 
ATOM   980  O O   . GLN B 2 58 ? 13.529  -9.497  12.387  1.00 45.11  ? 75  GLN B O   1 
ATOM   981  C CB  . GLN B 2 58 ? 15.961  -8.382  13.909  1.00 63.26  ? 75  GLN B CB  1 
ATOM   982  C CG  . GLN B 2 58 ? 16.931  -7.609  13.036  1.00 74.41  ? 75  GLN B CG  1 
ATOM   983  C CD  . GLN B 2 58 ? 17.131  -6.196  13.529  1.00 88.70  ? 75  GLN B CD  1 
ATOM   984  O OE1 . GLN B 2 58 ? 17.711  -5.361  12.836  1.00 93.20  ? 75  GLN B OE1 1 
ATOM   985  N NE2 . GLN B 2 58 ? 16.652  -5.914  14.735  1.00 88.15  ? 75  GLN B NE2 1 
ATOM   986  N N   . ALA B 2 59 ? 13.642  -7.403  11.615  1.00 50.92  ? 76  ALA B N   1 
ATOM   987  C CA  . ALA B 2 59 ? 13.053  -7.751  10.345  1.00 49.14  ? 76  ALA B CA  1 
ATOM   988  C C   . ALA B 2 59 ? 14.125  -8.281  9.385   1.00 50.53  ? 76  ALA B C   1 
ATOM   989  O O   . ALA B 2 59 ? 15.312  -7.971  9.500   1.00 53.70  ? 76  ALA B O   1 
ATOM   990  C CB  . ALA B 2 59 ? 12.376  -6.517  9.823   1.00 56.69  ? 76  ALA B CB  1 
ATOM   991  N N   . PRO B 2 60 ? 13.749  -9.000  8.316   1.00 54.01  ? 77  PRO B N   1 
ATOM   992  C CA  . PRO B 2 60 ? 14.743  -9.479  7.351   1.00 56.74  ? 77  PRO B CA  1 
ATOM   993  C C   . PRO B 2 60 ? 15.482  -8.311  6.682   1.00 56.94  ? 77  PRO B C   1 
ATOM   994  O O   . PRO B 2 60 ? 14.877  -7.259  6.460   1.00 49.33  ? 77  PRO B O   1 
ATOM   995  C CB  . PRO B 2 60 ? 13.929  -10.229 6.292   1.00 61.63  ? 77  PRO B CB  1 
ATOM   996  C CG  . PRO B 2 60 ? 12.555  -10.417 6.921   1.00 57.17  ? 77  PRO B CG  1 
ATOM   997  C CD  . PRO B 2 60 ? 12.367  -9.289  7.910   1.00 51.72  ? 77  PRO B CD  1 
ATOM   998  N N   . ASP B 2 61 ? 16.772  -8.515  6.365   1.00 50.67  ? 78  ASP B N   1 
ATOM   999  C CA  . ASP B 2 61 ? 17.677  -7.493  5.739   1.00 57.73  ? 78  ASP B CA  1 
ATOM   1000 C C   . ASP B 2 61 ? 17.100  -6.915  4.431   1.00 40.74  ? 78  ASP B C   1 
ATOM   1001 O O   . ASP B 2 61 ? 17.379  -5.751  4.094   1.00 52.72  ? 78  ASP B O   1 
ATOM   1002 C CB  . ASP B 2 61 ? 19.043  -8.090  5.382   1.00 67.96  ? 78  ASP B CB  1 
ATOM   1003 C CG  . ASP B 2 61 ? 19.741  -8.762  6.549   1.00 85.62  ? 78  ASP B CG  1 
ATOM   1004 O OD1 . ASP B 2 61 ? 19.920  -8.083  7.584   1.00 102.44 ? 78  ASP B OD1 1 
ATOM   1005 O OD2 . ASP B 2 61 ? 20.070  -9.962  6.424   1.00 106.30 ? 78  ASP B OD2 1 
ATOM   1006 N N   . TRP B 2 62 ? 16.326  -7.717  3.707   1.00 39.88  ? 79  TRP B N   1 
ATOM   1007 C CA  . TRP B 2 62 ? 15.852  -7.317  2.370   1.00 45.79  ? 79  TRP B CA  1 
ATOM   1008 C C   . TRP B 2 62 ? 14.625  -6.365  2.442   1.00 54.21  ? 79  TRP B C   1 
ATOM   1009 O O   . TRP B 2 62 ? 14.235  -5.731  1.410   1.00 40.62  ? 79  TRP B O   1 
ATOM   1010 C CB  . TRP B 2 62 ? 15.594  -8.574  1.525   1.00 48.86  ? 79  TRP B CB  1 
ATOM   1011 C CG  . TRP B 2 62 ? 14.749  -9.627  2.172   1.00 49.03  ? 79  TRP B CG  1 
ATOM   1012 C CD1 . TRP B 2 62 ? 15.173  -10.804 2.714   1.00 50.60  ? 79  TRP B CD1 1 
ATOM   1013 C CD2 . TRP B 2 62 ? 13.314  -9.641  2.248   1.00 44.00  ? 79  TRP B CD2 1 
ATOM   1014 N NE1 . TRP B 2 62 ? 14.110  -11.530 3.172   1.00 51.45  ? 79  TRP B NE1 1 
ATOM   1015 C CE2 . TRP B 2 62 ? 12.953  -10.836 2.900   1.00 47.61  ? 79  TRP B CE2 1 
ATOM   1016 C CE3 . TRP B 2 62 ? 12.315  -8.738  1.852   1.00 44.14  ? 79  TRP B CE3 1 
ATOM   1017 C CZ2 . TRP B 2 62 ? 11.630  -11.154 3.174   1.00 50.74  ? 79  TRP B CZ2 1 
ATOM   1018 C CZ3 . TRP B 2 62 ? 11.008  -9.044  2.147   1.00 47.82  ? 79  TRP B CZ3 1 
ATOM   1019 C CH2 . TRP B 2 62 ? 10.673  -10.235 2.796   1.00 50.07  ? 79  TRP B CH2 1 
ATOM   1020 N N   . LEU B 2 63 ? 14.010  -6.245  3.631   1.00 48.56  ? 80  LEU B N   1 
ATOM   1021 C CA  . LEU B 2 63 ? 12.795  -5.435  3.779   1.00 47.98  ? 80  LEU B CA  1 
ATOM   1022 C C   . LEU B 2 63 ? 13.202  -3.994  4.095   1.00 44.63  ? 80  LEU B C   1 
ATOM   1023 O O   . LEU B 2 63 ? 13.908  -3.709  5.029   1.00 45.85  ? 80  LEU B O   1 
ATOM   1024 C CB  . LEU B 2 63 ? 11.879  -6.062  4.833   1.00 45.01  ? 80  LEU B CB  1 
ATOM   1025 C CG  . LEU B 2 63 ? 10.503  -5.416  5.033   1.00 47.37  ? 80  LEU B CG  1 
ATOM   1026 C CD1 . LEU B 2 63 ? 9.668   -5.413  3.746   1.00 43.76  ? 80  LEU B CD1 1 
ATOM   1027 C CD2 . LEU B 2 63 ? 9.758   -6.129  6.159   1.00 49.26  ? 80  LEU B CD2 1 
ATOM   1028 N N   . ALA B 2 64 ? 12.811  -3.084  3.215   1.00 36.01  ? 81  ALA B N   1 
ATOM   1029 C CA  . ALA B 2 64 ? 13.225  -1.697  3.256   1.00 43.65  ? 81  ALA B CA  1 
ATOM   1030 C C   . ALA B 2 64 ? 11.970  -0.826  3.214   1.00 37.62  ? 81  ALA B C   1 
ATOM   1031 O O   . ALA B 2 64 ? 10.912  -1.290  2.741   1.00 38.27  ? 81  ALA B O   1 
ATOM   1032 C CB  . ALA B 2 64 ? 14.100  -1.406  2.055   1.00 45.45  ? 81  ALA B CB  1 
ATOM   1033 N N   . ALA B 2 65 ? 12.089  0.405   3.684   1.00 37.49  ? 82  ALA B N   1 
ATOM   1034 C CA  . ALA B 2 65 ? 10.964  1.319   3.661   1.00 42.51  ? 82  ALA B CA  1 
ATOM   1035 C C   . ALA B 2 65 ? 11.494  2.730   3.494   1.00 44.73  ? 82  ALA B C   1 
ATOM   1036 O O   . ALA B 2 65 ? 12.618  2.997   3.891   1.00 47.11  ? 82  ALA B O   1 
ATOM   1037 C CB  . ALA B 2 65 ? 10.132  1.195   4.917   1.00 43.02  ? 82  ALA B CB  1 
ATOM   1038 N N   . GLU B 2 66 ? 10.656  3.617   2.949   1.00 41.19  ? 83  GLU B N   1 
ATOM   1039 C CA  . GLU B 2 66 ? 10.982  5.028   2.874   1.00 45.48  ? 83  GLU B CA  1 
ATOM   1040 C C   . GLU B 2 66 ? 9.695   5.825   2.947   1.00 40.30  ? 83  GLU B C   1 
ATOM   1041 O O   . GLU B 2 66 ? 8.635   5.312   2.631   1.00 40.91  ? 83  GLU B O   1 
ATOM   1042 C CB  . GLU B 2 66 ? 11.770  5.324   1.596   1.00 48.16  ? 83  GLU B CB  1 
ATOM   1043 C CG  . GLU B 2 66 ? 11.018  4.957   0.358   1.00 49.59  ? 83  GLU B CG  1 
ATOM   1044 C CD  . GLU B 2 66 ? 11.823  4.979   -0.928  1.00 54.62  ? 83  GLU B CD  1 
ATOM   1045 O OE1 . GLU B 2 66 ? 11.267  5.430   -1.937  1.00 62.25  ? 83  GLU B OE1 1 
ATOM   1046 O OE2 . GLU B 2 66 ? 12.975  4.532   -0.920  1.00 52.55  ? 83  GLU B OE2 1 
ATOM   1047 N N   . PRO B 2 67 ? 9.763   7.106   3.352   1.00 45.66  ? 84  PRO B N   1 
ATOM   1048 C CA  . PRO B 2 67 ? 8.575   7.920   3.548   1.00 47.94  ? 84  PRO B CA  1 
ATOM   1049 C C   . PRO B 2 67 ? 7.963   8.371   2.216   1.00 43.37  ? 84  PRO B C   1 
ATOM   1050 O O   . PRO B 2 67 ? 8.663   8.613   1.271   1.00 45.64  ? 84  PRO B O   1 
ATOM   1051 C CB  . PRO B 2 67 ? 9.103   9.130   4.323   1.00 51.00  ? 84  PRO B CB  1 
ATOM   1052 C CG  . PRO B 2 67 ? 10.524  9.276   3.818   1.00 58.88  ? 84  PRO B CG  1 
ATOM   1053 C CD  . PRO B 2 67 ? 11.015  7.848   3.639   1.00 53.66  ? 84  PRO B CD  1 
ATOM   1054 N N   . TYR B 2 68 ? 6.631   8.435   2.171   1.00 44.76  ? 85  TYR B N   1 
ATOM   1055 C CA  . TYR B 2 68 ? 5.900   9.086   1.089   1.00 45.87  ? 85  TYR B CA  1 
ATOM   1056 C C   . TYR B 2 68 ? 4.844   9.991   1.719   1.00 46.50  ? 85  TYR B C   1 
ATOM   1057 O O   . TYR B 2 68 ? 4.115   9.628   2.672   1.00 45.10  ? 85  TYR B O   1 
ATOM   1058 C CB  . TYR B 2 68 ? 5.323   8.034   0.142   1.00 50.74  ? 85  TYR B CB  1 
ATOM   1059 C CG  . TYR B 2 68 ? 4.265   8.548   -0.795  1.00 50.15  ? 85  TYR B CG  1 
ATOM   1060 C CD1 . TYR B 2 68 ? 2.958   8.719   -0.351  1.00 55.41  ? 85  TYR B CD1 1 
ATOM   1061 C CD2 . TYR B 2 68 ? 4.568   8.887   -2.100  1.00 56.39  ? 85  TYR B CD2 1 
ATOM   1062 C CE1 . TYR B 2 68 ? 1.966   9.171   -1.202  1.00 61.34  ? 85  TYR B CE1 1 
ATOM   1063 C CE2 . TYR B 2 68 ? 3.589   9.360   -2.964  1.00 60.77  ? 85  TYR B CE2 1 
ATOM   1064 C CZ  . TYR B 2 68 ? 2.289   9.500   -2.507  1.00 61.29  ? 85  TYR B CZ  1 
ATOM   1065 O OH  . TYR B 2 68 ? 1.307   9.964   -3.320  1.00 75.33  ? 85  TYR B OH  1 
ATOM   1066 O OXT . TYR B 2 68 ? 4.758   11.123  1.317   1.00 46.34  ? 85  TYR B OXT 1 
HETATM 1067 O O   . HOH C 3 .  ? 5.726   0.387   -11.407 1.00 61.43  ? 301 HOH A O   1 
HETATM 1068 O O   . HOH C 3 .  ? -16.988 10.884  -0.952  1.00 56.21  ? 302 HOH A O   1 
HETATM 1069 O O   . HOH C 3 .  ? 6.456   -4.292  -10.362 1.00 86.60  ? 303 HOH A O   1 
HETATM 1070 O O   . HOH C 3 .  ? -15.686 3.042   6.945   1.00 52.49  ? 304 HOH A O   1 
HETATM 1071 O O   . HOH C 3 .  ? -0.043  8.574   -8.882  1.00 46.39  ? 305 HOH A O   1 
HETATM 1072 O O   . HOH C 3 .  ? -4.517  9.176   2.198   1.00 44.54  ? 306 HOH A O   1 
HETATM 1073 O O   . HOH C 3 .  ? -12.779 10.665  -8.014  1.00 53.26  ? 307 HOH A O   1 
HETATM 1074 O O   . HOH C 3 .  ? 3.930   -10.671 -10.849 1.00 80.78  ? 308 HOH A O   1 
HETATM 1075 O O   . HOH C 3 .  ? -8.112  5.700   7.814   1.00 52.71  ? 309 HOH A O   1 
HETATM 1076 O O   . HOH C 3 .  ? -3.757  -3.053  2.350   1.00 41.00  ? 310 HOH A O   1 
HETATM 1077 O O   . HOH C 3 .  ? -19.498 6.193   -2.679  1.00 49.17  ? 311 HOH A O   1 
HETATM 1078 O O   . HOH C 3 .  ? -6.468  -0.012  8.993   1.00 51.52  ? 312 HOH A O   1 
HETATM 1079 O O   . HOH C 3 .  ? -17.346 -4.588  -10.224 1.00 59.26  ? 313 HOH A O   1 
HETATM 1080 O O   . HOH C 3 .  ? -12.289 8.062   -2.747  1.00 46.06  ? 314 HOH A O   1 
HETATM 1081 O O   . HOH C 3 .  ? -6.966  4.286   10.921  1.00 63.40  ? 315 HOH A O   1 
HETATM 1082 O O   . HOH C 3 .  ? -4.508  -1.025  6.978   1.00 46.50  ? 316 HOH A O   1 
HETATM 1083 O O   . HOH C 3 .  ? -8.819  8.680   -5.497  1.00 49.72  ? 317 HOH A O   1 
HETATM 1084 O O   . HOH C 3 .  ? -12.293 8.260   -0.279  1.00 45.02  ? 318 HOH A O   1 
HETATM 1085 O O   . HOH C 3 .  ? -19.338 9.266   -4.452  1.00 50.06  ? 319 HOH A O   1 
HETATM 1086 O O   . HOH C 3 .  ? -19.453 -5.742  3.397   1.00 66.86  ? 320 HOH A O   1 
HETATM 1087 O O   . HOH C 3 .  ? -3.747  -5.541  2.552   1.00 48.18  ? 321 HOH A O   1 
HETATM 1088 O O   . HOH C 3 .  ? -11.315 -10.197 -4.035  1.00 65.03  ? 322 HOH A O   1 
HETATM 1089 O O   . HOH C 3 .  ? -5.570  7.605   -18.473 1.00 70.97  ? 323 HOH A O   1 
HETATM 1090 O O   . HOH C 3 .  ? -1.014  10.378  -6.658  1.00 62.19  ? 324 HOH A O   1 
HETATM 1091 O O   . HOH C 3 .  ? -6.108  11.898  2.061   1.00 60.61  ? 325 HOH A O   1 
HETATM 1092 O O   . HOH C 3 .  ? -9.850  9.617   7.396   1.00 69.44  ? 326 HOH A O   1 
HETATM 1093 O O   . HOH C 3 .  ? -11.065 9.866   -4.060  1.00 52.46  ? 327 HOH A O   1 
HETATM 1094 O O   . HOH C 3 .  ? -7.545  10.564  -6.426  1.00 59.65  ? 328 HOH A O   1 
HETATM 1095 O O   . HOH C 3 .  ? -11.894 12.074  -5.706  1.00 59.77  ? 329 HOH A O   1 
HETATM 1096 O O   . HOH D 3 .  ? 8.879   5.089   -2.191  1.00 58.09  ? 101 HOH B O   1 
HETATM 1097 O O   . HOH D 3 .  ? 1.932   2.141   18.012  1.00 60.67  ? 102 HOH B O   1 
HETATM 1098 O O   . HOH D 3 .  ? 11.954  -4.865  13.489  1.00 53.11  ? 103 HOH B O   1 
HETATM 1099 O O   . HOH D 3 .  ? 2.743   14.592  3.462   1.00 56.38  ? 104 HOH B O   1 
HETATM 1100 O O   . HOH D 3 .  ? 8.239   15.970  4.657   1.00 62.24  ? 105 HOH B O   1 
HETATM 1101 O O   . HOH D 3 .  ? 4.098   -6.309  -4.840  1.00 57.89  ? 106 HOH B O   1 
HETATM 1102 O O   . HOH D 3 .  ? -5.066  8.422   4.661   1.00 50.54  ? 107 HOH B O   1 
HETATM 1103 O O   . HOH D 3 .  ? 10.487  -4.364  16.071  1.00 55.90  ? 108 HOH B O   1 
HETATM 1104 O O   . HOH D 3 .  ? -1.735  -6.509  10.623  1.00 57.20  ? 109 HOH B O   1 
HETATM 1105 O O   . HOH D 3 .  ? 7.912   -0.200  9.997   1.00 38.72  ? 110 HOH B O   1 
HETATM 1106 O O   . HOH D 3 .  ? 11.136  8.909   0.537   1.00 57.77  ? 111 HOH B O   1 
HETATM 1107 O O   . HOH D 3 .  ? 1.584   15.494  6.812   1.00 57.57  ? 112 HOH B O   1 
HETATM 1108 O O   . HOH D 3 .  ? 3.957   8.949   14.256  1.00 62.20  ? 113 HOH B O   1 
HETATM 1109 O O   . HOH D 3 .  ? 12.402  6.864   14.980  1.00 59.97  ? 114 HOH B O   1 
HETATM 1110 O O   . HOH D 3 .  ? 0.085   9.292   8.979   1.00 52.75  ? 115 HOH B O   1 
HETATM 1111 O O   . HOH D 3 .  ? 15.671  -1.871  5.651   1.00 65.64  ? 116 HOH B O   1 
HETATM 1112 O O   . HOH D 3 .  ? -2.290  0.188   8.148   1.00 40.50  ? 117 HOH B O   1 
HETATM 1113 O O   . HOH D 3 .  ? 4.183   -5.132  20.532  1.00 61.93  ? 118 HOH B O   1 
HETATM 1114 O O   . HOH D 3 .  ? 4.286   3.698   -5.733  1.00 50.34  ? 119 HOH B O   1 
HETATM 1115 O O   . HOH D 3 .  ? 14.375  0.336   -1.156  1.00 49.12  ? 120 HOH B O   1 
HETATM 1116 O O   . HOH D 3 .  ? 14.203  2.009   6.691   1.00 58.31  ? 121 HOH B O   1 
HETATM 1117 O O   . HOH D 3 .  ? 17.739  -11.366 6.656   1.00 67.08  ? 122 HOH B O   1 
HETATM 1118 O O   . HOH D 3 .  ? 14.613  -15.426 -0.130  1.00 73.18  ? 123 HOH B O   1 
HETATM 1119 O O   . HOH D 3 .  ? 11.839  0.940   -7.167  1.00 62.57  ? 124 HOH B O   1 
HETATM 1120 O O   . HOH D 3 .  ? 16.867  -4.454  -4.715  1.00 48.04  ? 125 HOH B O   1 
HETATM 1121 O O   . HOH D 3 .  ? 8.717   3.293   11.048  1.00 45.52  ? 126 HOH B O   1 
HETATM 1122 O O   . HOH D 3 .  ? 14.730  -0.320  8.458   1.00 45.57  ? 127 HOH B O   1 
HETATM 1123 O O   . HOH D 3 .  ? 1.631   -7.436  1.157   1.00 55.36  ? 128 HOH B O   1 
HETATM 1124 O O   . HOH D 3 .  ? 4.630   -15.912 7.885   1.00 58.10  ? 129 HOH B O   1 
HETATM 1125 O O   . HOH D 3 .  ? 5.590   -10.190 12.040  1.00 53.03  ? 130 HOH B O   1 
HETATM 1126 O O   . HOH D 3 .  ? 10.759  4.743   11.929  1.00 45.30  ? 131 HOH B O   1 
HETATM 1127 O O   . HOH D 3 .  ? -3.078  0.496   13.016  1.00 54.38  ? 132 HOH B O   1 
HETATM 1128 O O   . HOH D 3 .  ? 5.313   -8.835  14.358  1.00 45.39  ? 133 HOH B O   1 
HETATM 1129 O O   . HOH D 3 .  ? 4.147   22.119  5.619   1.00 70.66  ? 134 HOH B O   1 
HETATM 1130 O O   . HOH D 3 .  ? 12.712  -2.006  -9.555  1.00 65.05  ? 135 HOH B O   1 
HETATM 1131 O O   . HOH D 3 .  ? -2.914  -5.505  6.983   1.00 47.80  ? 136 HOH B O   1 
HETATM 1132 O O   . HOH D 3 .  ? -0.415  11.652  1.327   1.00 64.00  ? 137 HOH B O   1 
HETATM 1133 O O   . HOH D 3 .  ? 8.559   13.841  6.692   1.00 58.66  ? 138 HOH B O   1 
HETATM 1134 O O   . HOH D 3 .  ? 8.527   -10.307 -2.338  1.00 57.90  ? 139 HOH B O   1 
HETATM 1135 O O   . HOH D 3 .  ? 7.883   -2.790  -8.154  1.00 55.40  ? 140 HOH B O   1 
HETATM 1136 O O   . HOH D 3 .  ? 13.704  5.635   5.001   1.00 69.86  ? 141 HOH B O   1 
HETATM 1137 O O   . HOH D 3 .  ? -2.187  10.151  8.511   1.00 51.96  ? 142 HOH B O   1 
HETATM 1138 O O   . HOH D 3 .  ? 14.576  -4.801  -13.240 1.00 65.04  ? 143 HOH B O   1 
HETATM 1139 O O   . HOH D 3 .  ? 14.122  -14.236 4.760   1.00 64.34  ? 144 HOH B O   1 
HETATM 1140 O O   . HOH D 3 .  ? 0.145   -5.076  16.485  1.00 71.66  ? 145 HOH B O   1 
HETATM 1141 O O   . HOH D 3 .  ? 10.792  -15.253 21.563  1.00 68.91  ? 146 HOH B O   1 
HETATM 1142 O O   . HOH D 3 .  ? 9.002   6.520   17.546  1.00 62.11  ? 147 HOH B O   1 
HETATM 1143 O O   . HOH D 3 .  ? 15.251  -10.792 16.612  1.00 60.69  ? 148 HOH B O   1 
HETATM 1144 O O   . HOH D 3 .  ? -0.418  6.394   16.407  1.00 66.98  ? 149 HOH B O   1 
HETATM 1145 O O   . HOH D 3 .  ? -3.461  7.665   13.599  1.00 70.66  ? 150 HOH B O   1 
HETATM 1146 O O   . HOH D 3 .  ? -7.548  8.153   7.663   1.00 60.21  ? 151 HOH B O   1 
HETATM 1147 O O   . HOH D 3 .  ? -4.468  -3.371  8.172   1.00 55.34  ? 152 HOH B O   1 
HETATM 1148 O O   . HOH D 3 .  ? -8.999  6.069   10.695  1.00 63.65  ? 153 HOH B O   1 
HETATM 1149 O O   . HOH D 3 .  ? 15.726  3.661   10.345  1.00 72.21  ? 154 HOH B O   1 
HETATM 1150 O O   . HOH D 3 .  ? 18.777  -10.408 2.017   1.00 64.06  ? 155 HOH B O   1 
HETATM 1151 O O   . HOH D 3 .  ? 12.531  4.448   13.920  1.00 49.99  ? 156 HOH B O   1 
HETATM 1152 O O   . HOH D 3 .  ? -2.414  2.690   17.511  1.00 59.89  ? 157 HOH B O   1 
HETATM 1153 O O   . HOH D 3 .  ? -0.324  1.127   17.032  1.00 69.88  ? 158 HOH B O   1 
HETATM 1154 O O   . HOH D 3 .  ? 16.510  3.959   7.371   1.00 66.42  ? 159 HOH B O   1 
HETATM 1155 O O   . HOH D 3 .  ? 11.434  -2.209  17.665  1.00 62.09  ? 160 HOH B O   1 
# 
